data_1DE5
#
_entry.id   1DE5
#
_cell.length_a   169.442
_cell.length_b   162.693
_cell.length_c   77.022
_cell.angle_alpha   90.00
_cell.angle_beta   110.68
_cell.angle_gamma   90.00
#
_symmetry.space_group_name_H-M   'C 1 2 1'
#
loop_
_entity.id
_entity.type
_entity.pdbx_description
1 polymer 'L-RHAMNOSE ISOMERASE'
2 non-polymer L-RHAMNITOL
3 non-polymer 'ZINC ION'
4 water water
#
_entity_poly.entity_id   1
_entity_poly.type   'polypeptide(L)'
_entity_poly.pdbx_seq_one_letter_code
;GHHHHHHMTTQLEQAWELAKQRFAAVGIDVEEALRQLDRLPVSMHCWQGDDVSGFENPEGSLTGGIQATGNYPGKARNAS
ELRADLEQAMRLIPGPKRLNLHAIYLESDTPVSRDQIKPEHFKNWVEWAKANQLGLDFNPSCFSHPLSADGFTLSHADDS
IRQFWIDHCKASRRVSAYFGEQLGTPSVMNIWIPDGMKDITVDRLAPRQRLLAALDEVISEKLNPAHHIDAVESKLFGIG
AESYTVGSNEFYMGYATSRQTALCLDAGHFHPTEVISDKISAAMLYVPQLLLHVSRPVRWDSDHVVLLDDETQAIASEIV
RHDLFDRVHIGLDFFDASINRIAAWVIGTRNMKKALLRALLEPTAELRKLEAPGDYTARLALLEEQKSLPWQAVWEMYCQ
RHDTPAGSEWLESVRAYEKEILSRRG
;
_entity_poly.pdbx_strand_id   A,B,C,D
#
# COMPACT_ATOMS: atom_id res chain seq x y z
N THR A 9 23.15 -45.36 -5.12
CA THR A 9 23.05 -45.01 -3.73
C THR A 9 21.64 -44.81 -3.28
N THR A 10 21.56 -43.96 -2.23
CA THR A 10 20.24 -43.58 -1.74
C THR A 10 19.84 -42.69 -2.90
N GLN A 11 18.58 -42.54 -3.06
CA GLN A 11 18.01 -41.66 -4.03
C GLN A 11 18.59 -40.30 -3.85
N LEU A 12 18.68 -39.95 -2.57
CA LEU A 12 19.22 -38.68 -2.14
C LEU A 12 20.64 -38.57 -2.58
N GLU A 13 21.29 -39.70 -2.55
CA GLU A 13 22.65 -39.64 -2.96
C GLU A 13 22.71 -39.37 -4.46
N GLN A 14 21.85 -40.10 -5.17
CA GLN A 14 21.78 -39.97 -6.62
C GLN A 14 21.53 -38.53 -7.05
N ALA A 15 20.43 -38.07 -6.56
CA ALA A 15 20.00 -36.73 -6.79
C ALA A 15 21.08 -35.76 -6.41
N TRP A 16 21.84 -36.07 -5.37
CA TRP A 16 22.87 -35.12 -4.98
C TRP A 16 23.96 -35.02 -5.97
N GLU A 17 24.32 -36.20 -6.42
CA GLU A 17 25.38 -36.31 -7.37
C GLU A 17 24.99 -35.61 -8.65
N LEU A 18 23.74 -35.79 -9.01
CA LEU A 18 23.35 -35.11 -10.22
C LEU A 18 23.46 -33.63 -10.12
N ALA A 19 23.08 -33.10 -8.97
CA ALA A 19 23.08 -31.64 -8.75
C ALA A 19 24.49 -31.15 -8.67
N LYS A 20 25.24 -32.04 -8.06
CA LYS A 20 26.61 -31.74 -7.89
C LYS A 20 27.18 -31.33 -9.22
N GLN A 21 26.83 -32.12 -10.23
CA GLN A 21 27.30 -31.86 -11.58
C GLN A 21 26.65 -30.65 -12.23
N ARG A 22 25.32 -30.61 -12.17
CA ARG A 22 24.65 -29.47 -12.71
C ARG A 22 25.23 -28.19 -12.18
N PHE A 23 25.38 -28.07 -10.84
CA PHE A 23 25.93 -26.84 -10.28
C PHE A 23 27.36 -26.55 -10.66
N ALA A 24 28.14 -27.60 -10.73
CA ALA A 24 29.51 -27.40 -11.11
C ALA A 24 29.51 -26.81 -12.52
N ALA A 25 28.47 -27.13 -13.31
CA ALA A 25 28.40 -26.59 -14.67
C ALA A 25 28.35 -25.08 -14.66
N VAL A 26 27.55 -24.50 -13.75
CA VAL A 26 27.44 -23.06 -13.67
C VAL A 26 28.48 -22.49 -12.77
N GLY A 27 29.48 -23.32 -12.43
CA GLY A 27 30.55 -22.80 -11.60
C GLY A 27 30.28 -22.75 -10.11
N ILE A 28 29.34 -23.59 -9.71
CA ILE A 28 29.05 -23.57 -8.33
C ILE A 28 29.45 -24.86 -7.75
N ASP A 29 30.15 -24.72 -6.63
CA ASP A 29 30.66 -25.82 -5.83
C ASP A 29 29.75 -26.05 -4.62
N VAL A 30 28.97 -27.09 -4.81
CA VAL A 30 28.03 -27.52 -3.82
C VAL A 30 28.67 -27.80 -2.47
N GLU A 31 29.80 -28.46 -2.48
CA GLU A 31 30.43 -28.68 -1.22
C GLU A 31 30.80 -27.36 -0.61
N GLU A 32 31.14 -26.38 -1.40
CA GLU A 32 31.54 -25.14 -0.81
C GLU A 32 30.33 -24.44 -0.23
N ALA A 33 29.21 -24.62 -0.92
CA ALA A 33 27.96 -24.03 -0.44
C ALA A 33 27.59 -24.56 0.95
N LEU A 34 27.50 -25.87 1.08
CA LEU A 34 27.15 -26.45 2.36
C LEU A 34 28.08 -25.92 3.43
N ARG A 35 29.37 -25.84 3.13
CA ARG A 35 30.32 -25.31 4.11
C ARG A 35 29.93 -23.92 4.55
N GLN A 36 29.57 -23.05 3.60
CA GLN A 36 29.15 -21.70 3.89
C GLN A 36 27.84 -21.61 4.70
N LEU A 37 26.91 -22.49 4.40
CA LEU A 37 25.63 -22.48 5.07
C LEU A 37 25.84 -22.64 6.57
N ASP A 38 26.92 -23.36 6.86
CA ASP A 38 27.29 -23.61 8.27
C ASP A 38 27.92 -22.40 8.94
N ARG A 39 28.07 -21.30 8.19
CA ARG A 39 28.61 -20.10 8.77
C ARG A 39 27.50 -19.05 8.98
N LEU A 40 26.29 -19.43 8.65
CA LEU A 40 25.11 -18.60 8.74
C LEU A 40 24.07 -19.15 9.74
N PRO A 41 24.24 -18.76 11.01
CA PRO A 41 23.33 -19.12 12.07
C PRO A 41 22.06 -18.29 11.99
N VAL A 42 20.98 -18.93 12.40
CA VAL A 42 19.69 -18.29 12.51
C VAL A 42 19.33 -18.33 14.00
N SER A 43 19.26 -17.18 14.63
CA SER A 43 18.91 -17.00 16.04
C SER A 43 17.41 -17.19 16.16
N MET A 44 16.99 -18.27 16.76
CA MET A 44 15.54 -18.45 16.84
C MET A 44 14.96 -17.66 18.02
N HIS A 45 13.79 -17.05 17.83
CA HIS A 45 13.13 -16.24 18.85
C HIS A 45 12.49 -17.22 19.85
N CYS A 46 12.69 -16.95 21.12
CA CYS A 46 12.11 -17.87 22.11
C CYS A 46 10.55 -17.83 22.27
N TRP A 47 10.00 -16.61 22.17
CA TRP A 47 8.58 -16.29 22.31
C TRP A 47 7.58 -17.02 21.42
N GLN A 48 8.09 -17.68 20.41
CA GLN A 48 7.18 -18.39 19.56
C GLN A 48 6.75 -19.61 20.36
N GLY A 49 7.58 -19.98 21.35
CA GLY A 49 7.27 -21.19 22.15
C GLY A 49 6.04 -21.10 23.05
N ASP A 50 5.78 -19.89 23.59
CA ASP A 50 4.66 -19.55 24.49
C ASP A 50 3.86 -18.28 24.14
N ASP A 51 3.73 -17.89 22.89
CA ASP A 51 2.92 -16.73 22.58
C ASP A 51 3.38 -15.53 23.29
N VAL A 52 4.69 -15.38 23.36
CA VAL A 52 5.20 -14.20 24.03
C VAL A 52 4.70 -13.99 25.46
N SER A 53 4.27 -15.05 26.15
CA SER A 53 3.75 -14.89 27.54
C SER A 53 4.80 -14.61 28.57
N GLY A 54 5.92 -15.25 28.45
CA GLY A 54 6.91 -14.95 29.45
C GLY A 54 6.71 -15.77 30.70
N PHE A 55 7.59 -15.51 31.65
CA PHE A 55 7.56 -16.25 32.88
C PHE A 55 7.20 -15.39 34.08
N GLU A 56 7.40 -14.09 33.91
CA GLU A 56 7.13 -13.07 34.89
C GLU A 56 5.67 -13.19 35.28
N ASN A 57 4.85 -13.16 34.22
CA ASN A 57 3.43 -13.23 34.29
C ASN A 57 2.92 -13.92 33.02
N PRO A 58 3.04 -15.26 33.03
CA PRO A 58 2.68 -16.21 31.98
C PRO A 58 1.30 -16.11 31.37
N GLU A 59 0.31 -15.85 32.16
CA GLU A 59 -0.95 -15.58 31.55
C GLU A 59 -1.21 -14.19 32.04
N GLY A 60 -2.03 -13.40 31.42
CA GLY A 60 -2.04 -12.11 32.05
C GLY A 60 -1.92 -11.06 30.99
N SER A 61 -2.02 -11.46 29.74
CA SER A 61 -2.09 -10.51 28.64
C SER A 61 -0.94 -9.76 27.95
N LEU A 62 -0.88 -10.10 26.65
CA LEU A 62 0.08 -9.55 25.71
C LEU A 62 -0.30 -8.14 25.32
N THR A 63 0.67 -7.27 25.51
CA THR A 63 0.35 -5.94 25.15
C THR A 63 1.47 -5.26 24.40
N GLY A 64 1.25 -4.01 24.02
CA GLY A 64 2.23 -3.24 23.28
C GLY A 64 1.89 -3.07 21.80
N GLY A 65 0.82 -3.72 21.32
CA GLY A 65 0.45 -3.57 19.91
C GLY A 65 0.65 -4.80 19.03
N ILE A 66 1.17 -5.83 19.66
CA ILE A 66 1.41 -7.06 19.01
C ILE A 66 0.48 -8.02 19.69
N GLN A 67 0.11 -9.03 18.95
CA GLN A 67 -0.78 -10.04 19.41
C GLN A 67 -0.45 -11.38 18.75
N ALA A 68 -0.74 -12.40 19.52
CA ALA A 68 -0.62 -13.80 19.13
C ALA A 68 -2.05 -14.26 18.94
N THR A 69 -2.28 -14.80 17.77
CA THR A 69 -3.60 -15.21 17.40
C THR A 69 -3.69 -16.74 17.26
N GLY A 70 -4.85 -17.30 17.56
CA GLY A 70 -4.94 -18.74 17.43
C GLY A 70 -5.01 -19.34 18.82
N ASN A 71 -5.76 -20.43 18.92
CA ASN A 71 -5.89 -20.97 20.23
C ASN A 71 -5.36 -22.39 20.35
N TYR A 72 -4.30 -22.64 19.56
CA TYR A 72 -3.62 -23.92 19.44
C TYR A 72 -3.06 -24.32 20.79
N PRO A 73 -3.40 -25.55 21.19
CA PRO A 73 -2.98 -26.08 22.50
C PRO A 73 -1.49 -26.35 22.54
N GLY A 74 -0.96 -26.61 23.75
CA GLY A 74 0.47 -26.95 23.89
C GLY A 74 1.47 -25.88 24.26
N LYS A 75 1.05 -24.65 24.29
CA LYS A 75 2.06 -23.66 24.60
C LYS A 75 3.01 -24.05 25.73
N ALA A 76 4.31 -23.74 25.56
CA ALA A 76 5.22 -24.04 26.64
C ALA A 76 4.75 -23.11 27.77
N ARG A 77 4.93 -23.51 29.05
CA ARG A 77 4.45 -22.72 30.18
C ARG A 77 5.49 -22.37 31.22
N ASN A 78 6.69 -22.85 31.02
CA ASN A 78 7.77 -22.57 31.94
C ASN A 78 9.04 -22.81 31.17
N ALA A 79 10.19 -22.39 31.75
CA ALA A 79 11.48 -22.57 31.09
C ALA A 79 11.80 -23.99 30.70
N SER A 80 11.26 -24.99 31.43
CA SER A 80 11.50 -26.36 31.10
C SER A 80 10.79 -26.79 29.84
N GLU A 81 9.56 -26.40 29.75
CA GLU A 81 8.78 -26.74 28.60
C GLU A 81 9.34 -26.14 27.33
N LEU A 82 9.69 -24.88 27.49
CA LEU A 82 10.25 -24.07 26.40
C LEU A 82 11.46 -24.70 25.78
N ARG A 83 12.37 -25.05 26.69
CA ARG A 83 13.64 -25.75 26.41
C ARG A 83 13.44 -27.07 25.75
N ALA A 84 12.49 -27.84 26.27
CA ALA A 84 12.16 -29.10 25.65
C ALA A 84 11.63 -28.87 24.23
N ASP A 85 10.73 -27.88 24.12
CA ASP A 85 10.13 -27.56 22.84
C ASP A 85 11.18 -27.10 21.81
N LEU A 86 12.01 -26.22 22.26
CA LEU A 86 13.07 -25.69 21.45
C LEU A 86 13.95 -26.85 20.97
N GLU A 87 14.21 -27.77 21.88
CA GLU A 87 15.00 -28.92 21.52
C GLU A 87 14.41 -29.69 20.33
N GLN A 88 13.13 -30.02 20.42
CA GLN A 88 12.43 -30.73 19.36
C GLN A 88 12.51 -30.01 18.01
N ALA A 89 12.45 -28.73 18.09
CA ALA A 89 12.53 -27.97 16.85
C ALA A 89 13.94 -28.10 16.28
N MET A 90 14.90 -27.85 17.16
CA MET A 90 16.30 -27.87 16.78
C MET A 90 16.75 -29.15 16.15
N ARG A 91 16.21 -30.25 16.62
CA ARG A 91 16.61 -31.48 15.99
C ARG A 91 16.04 -31.53 14.58
N LEU A 92 15.01 -30.72 14.27
CA LEU A 92 14.44 -30.81 12.95
C LEU A 92 14.92 -29.73 12.01
N ILE A 93 15.94 -28.98 12.44
CA ILE A 93 16.47 -27.86 11.68
C ILE A 93 17.97 -27.99 11.55
N PRO A 94 18.53 -27.94 10.33
CA PRO A 94 19.95 -28.16 10.22
C PRO A 94 20.86 -27.01 10.39
N GLY A 95 22.02 -27.38 10.90
CA GLY A 95 23.05 -26.39 11.06
C GLY A 95 22.82 -25.50 12.22
N PRO A 96 23.57 -24.40 12.17
CA PRO A 96 23.67 -23.37 13.16
C PRO A 96 22.42 -22.62 13.48
N LYS A 97 22.23 -22.48 14.82
CA LYS A 97 21.13 -21.75 15.47
C LYS A 97 21.61 -20.98 16.65
N ARG A 98 20.80 -20.03 17.09
CA ARG A 98 21.14 -19.27 18.28
C ARG A 98 19.86 -19.11 19.04
N LEU A 99 19.90 -18.62 20.26
CA LEU A 99 18.59 -18.43 20.90
C LEU A 99 18.46 -17.01 21.28
N ASN A 100 17.28 -16.50 20.97
CA ASN A 100 16.99 -15.11 21.19
C ASN A 100 16.00 -15.01 22.32
N LEU A 101 16.52 -14.41 23.37
CA LEU A 101 15.77 -14.29 24.60
C LEU A 101 15.26 -12.91 24.92
N HIS A 102 14.07 -12.92 25.58
CA HIS A 102 13.40 -11.73 26.09
C HIS A 102 13.51 -11.77 27.62
N ALA A 103 13.62 -10.63 28.25
CA ALA A 103 13.74 -10.56 29.72
C ALA A 103 12.66 -11.30 30.57
N ILE A 104 11.47 -11.30 30.07
CA ILE A 104 10.37 -11.91 30.75
C ILE A 104 10.53 -13.40 30.81
N TYR A 105 11.59 -13.83 30.13
CA TYR A 105 11.84 -15.26 30.10
C TYR A 105 12.79 -15.61 31.20
N LEU A 106 13.01 -14.61 32.04
CA LEU A 106 13.91 -14.86 33.16
C LEU A 106 13.45 -16.00 34.09
N GLU A 107 14.43 -16.59 34.78
CA GLU A 107 14.05 -17.61 35.71
C GLU A 107 14.32 -17.20 37.16
N SER A 108 13.30 -17.06 38.00
CA SER A 108 13.46 -16.63 39.41
C SER A 108 12.40 -17.29 40.25
N ASP A 109 12.76 -17.54 41.49
CA ASP A 109 11.80 -18.15 42.39
C ASP A 109 10.86 -17.06 42.87
N THR A 110 11.49 -15.91 43.15
CA THR A 110 10.84 -14.71 43.60
C THR A 110 10.48 -13.89 42.34
N PRO A 111 9.77 -12.80 42.49
CA PRO A 111 9.46 -12.00 41.35
C PRO A 111 10.49 -10.91 41.36
N VAL A 112 10.95 -10.59 40.13
CA VAL A 112 11.92 -9.54 39.92
C VAL A 112 11.42 -8.34 39.11
N SER A 113 11.60 -7.17 39.69
CA SER A 113 11.28 -5.94 39.02
C SER A 113 12.16 -5.91 37.76
N ARG A 114 11.59 -5.47 36.64
CA ARG A 114 12.33 -5.43 35.39
C ARG A 114 13.60 -4.65 35.50
N ASP A 115 13.48 -3.55 36.17
CA ASP A 115 14.64 -2.75 36.28
C ASP A 115 15.70 -3.40 37.15
N GLN A 116 15.50 -4.65 37.62
CA GLN A 116 16.54 -5.20 38.48
C GLN A 116 17.02 -6.54 38.12
N ILE A 117 16.67 -6.97 36.94
CA ILE A 117 17.12 -8.28 36.61
C ILE A 117 18.62 -8.27 36.61
N LYS A 118 19.14 -9.45 36.54
CA LYS A 118 20.52 -9.78 36.59
C LYS A 118 20.80 -11.06 35.89
N PRO A 119 22.08 -11.11 35.59
CA PRO A 119 22.69 -12.17 34.88
C PRO A 119 22.27 -13.48 35.46
N GLU A 120 22.19 -13.49 36.79
CA GLU A 120 21.78 -14.68 37.48
C GLU A 120 20.36 -15.13 37.12
N HIS A 121 19.49 -14.22 36.67
CA HIS A 121 18.13 -14.72 36.31
C HIS A 121 18.03 -15.46 34.98
N PHE A 122 19.20 -15.69 34.34
CA PHE A 122 19.28 -16.39 33.05
C PHE A 122 20.38 -17.44 33.02
N LYS A 123 20.88 -17.77 34.20
CA LYS A 123 21.92 -18.78 34.32
C LYS A 123 21.55 -20.11 33.70
N ASN A 124 20.31 -20.56 33.90
CA ASN A 124 19.94 -21.84 33.31
C ASN A 124 19.96 -21.78 31.78
N TRP A 125 19.52 -20.60 31.29
CA TRP A 125 19.51 -20.39 29.84
C TRP A 125 20.94 -20.57 29.32
N VAL A 126 21.86 -19.82 29.94
CA VAL A 126 23.27 -19.88 29.55
C VAL A 126 23.81 -21.29 29.59
N GLU A 127 23.56 -21.96 30.69
CA GLU A 127 24.03 -23.31 30.79
C GLU A 127 23.44 -24.20 29.73
N TRP A 128 22.18 -24.07 29.51
CA TRP A 128 21.65 -24.93 28.49
C TRP A 128 22.20 -24.57 27.09
N ALA A 129 22.55 -23.30 26.96
CA ALA A 129 23.06 -22.83 25.69
C ALA A 129 24.43 -23.49 25.42
N LYS A 130 25.34 -23.32 26.34
CA LYS A 130 26.61 -23.98 26.12
C LYS A 130 26.39 -25.45 25.79
N ALA A 131 25.58 -26.15 26.60
CA ALA A 131 25.34 -27.56 26.37
C ALA A 131 24.99 -27.85 24.93
N ASN A 132 24.03 -27.08 24.40
CA ASN A 132 23.57 -27.26 23.03
C ASN A 132 24.35 -26.51 21.97
N GLN A 133 25.45 -25.86 22.35
CA GLN A 133 26.19 -25.18 21.33
C GLN A 133 25.32 -24.15 20.64
N LEU A 134 24.87 -23.19 21.43
CA LEU A 134 24.02 -22.13 20.95
C LEU A 134 24.54 -20.86 21.46
N GLY A 135 24.54 -19.83 20.67
CA GLY A 135 24.97 -18.56 21.19
C GLY A 135 23.63 -17.98 21.62
N LEU A 136 23.69 -17.01 22.56
CA LEU A 136 22.49 -16.41 23.04
C LEU A 136 22.40 -14.94 22.66
N ASP A 137 21.21 -14.47 22.23
CA ASP A 137 21.03 -13.03 21.94
C ASP A 137 19.98 -12.55 22.95
N PHE A 138 19.82 -11.27 23.17
CA PHE A 138 18.87 -10.86 24.18
C PHE A 138 18.01 -9.63 23.85
N ASN A 139 17.01 -9.36 24.71
CA ASN A 139 16.12 -8.22 24.57
C ASN A 139 15.49 -7.71 25.84
N PRO A 140 15.46 -6.41 26.06
CA PRO A 140 14.73 -6.00 27.24
C PRO A 140 13.23 -6.09 26.88
N SER A 141 12.40 -6.27 27.89
CA SER A 141 10.97 -6.35 27.58
C SER A 141 10.27 -5.11 28.06
N CYS A 142 9.85 -4.35 27.09
CA CYS A 142 9.20 -3.11 27.38
C CYS A 142 7.69 -3.13 27.16
N PHE A 143 7.05 -4.27 27.28
CA PHE A 143 5.59 -4.26 27.11
C PHE A 143 5.00 -5.25 28.10
N SER A 144 3.68 -5.45 27.98
CA SER A 144 2.92 -6.37 28.80
C SER A 144 3.23 -6.03 30.23
N HIS A 145 3.17 -4.76 30.52
CA HIS A 145 3.52 -4.36 31.87
C HIS A 145 2.82 -3.06 32.25
N PRO A 146 2.48 -3.00 33.52
CA PRO A 146 1.81 -1.86 34.12
C PRO A 146 2.44 -0.51 33.83
N LEU A 147 3.78 -0.45 33.73
CA LEU A 147 4.47 0.80 33.53
C LEU A 147 4.55 1.14 32.06
N SER A 148 3.96 0.22 31.30
CA SER A 148 3.90 0.44 29.88
C SER A 148 2.43 0.56 29.46
N ALA A 149 1.54 0.71 30.44
CA ALA A 149 0.13 0.76 30.11
C ALA A 149 -0.45 1.95 29.36
N ASP A 150 0.16 3.13 29.55
CA ASP A 150 -0.20 4.37 28.89
C ASP A 150 0.32 4.38 27.46
N GLY A 151 1.06 3.33 27.14
CA GLY A 151 1.56 3.21 25.83
C GLY A 151 2.89 3.83 25.67
N PHE A 152 3.47 4.42 26.71
CA PHE A 152 4.83 4.97 26.62
C PHE A 152 5.80 4.33 27.59
N THR A 153 7.09 4.23 27.25
CA THR A 153 8.00 3.61 28.20
C THR A 153 9.28 4.40 28.21
N LEU A 154 10.21 4.09 27.30
CA LEU A 154 11.43 4.91 27.24
C LEU A 154 11.19 6.36 26.91
N SER A 155 10.08 6.66 26.24
CA SER A 155 9.76 8.05 25.87
C SER A 155 8.65 8.64 26.80
N HIS A 156 8.21 7.88 27.81
CA HIS A 156 7.20 8.39 28.74
C HIS A 156 7.59 9.77 29.29
N ALA A 157 6.64 10.69 29.40
CA ALA A 157 6.95 12.03 29.95
C ALA A 157 7.22 11.93 31.46
N ASP A 158 6.68 10.87 32.02
CA ASP A 158 6.90 10.73 33.43
C ASP A 158 8.34 10.30 33.72
N ASP A 159 9.03 11.06 34.54
CA ASP A 159 10.43 10.81 34.85
C ASP A 159 10.75 9.48 35.48
N SER A 160 9.83 9.03 36.30
CA SER A 160 9.95 7.77 37.02
C SER A 160 9.66 6.59 36.13
N ILE A 161 8.61 6.71 35.32
CA ILE A 161 8.28 5.62 34.41
C ILE A 161 9.49 5.52 33.47
N ARG A 162 9.86 6.68 32.95
CA ARG A 162 11.00 6.69 32.04
C ARG A 162 12.24 5.93 32.64
N GLN A 163 12.65 6.42 33.83
CA GLN A 163 13.78 5.90 34.58
C GLN A 163 13.69 4.43 34.70
N PHE A 164 12.51 3.95 35.00
CA PHE A 164 12.28 2.54 35.13
C PHE A 164 12.65 1.73 33.92
N TRP A 165 12.22 2.25 32.78
CA TRP A 165 12.45 1.57 31.55
C TRP A 165 13.89 1.66 31.17
N ILE A 166 14.42 2.85 31.38
CA ILE A 166 15.83 3.14 31.15
C ILE A 166 16.65 2.13 31.96
N ASP A 167 16.27 1.96 33.22
CA ASP A 167 16.96 1.05 34.15
C ASP A 167 16.91 -0.37 33.72
N HIS A 168 15.79 -0.75 33.20
CA HIS A 168 15.65 -2.13 32.78
C HIS A 168 16.51 -2.55 31.60
N CYS A 169 16.66 -1.58 30.72
CA CYS A 169 17.38 -1.66 29.48
C CYS A 169 18.85 -1.71 29.76
N LYS A 170 19.27 -0.83 30.69
CA LYS A 170 20.65 -0.74 31.16
C LYS A 170 21.03 -2.09 31.77
N ALA A 171 20.13 -2.55 32.58
CA ALA A 171 20.24 -3.82 33.18
C ALA A 171 20.22 -4.88 32.10
N SER A 172 19.31 -4.76 31.14
CA SER A 172 19.29 -5.79 30.10
C SER A 172 20.66 -5.93 29.41
N ARG A 173 21.34 -4.81 29.33
CA ARG A 173 22.65 -4.79 28.70
C ARG A 173 23.67 -5.68 29.40
N ARG A 174 23.66 -5.64 30.74
CA ARG A 174 24.58 -6.45 31.50
C ARG A 174 24.32 -7.93 31.32
N VAL A 175 23.05 -8.29 31.19
CA VAL A 175 22.78 -9.70 30.95
C VAL A 175 23.29 -10.17 29.59
N SER A 176 23.11 -9.29 28.63
CA SER A 176 23.52 -9.60 27.31
C SER A 176 25.05 -9.77 27.31
N ALA A 177 25.74 -8.81 27.93
CA ALA A 177 27.20 -8.89 27.96
C ALA A 177 27.67 -10.12 28.70
N TYR A 178 26.90 -10.46 29.66
CA TYR A 178 27.20 -11.61 30.42
C TYR A 178 26.96 -12.79 29.52
N PHE A 179 25.96 -12.73 28.68
CA PHE A 179 25.81 -13.88 27.79
C PHE A 179 27.06 -14.02 26.88
N GLY A 180 27.50 -12.88 26.30
CA GLY A 180 28.65 -12.91 25.40
C GLY A 180 29.86 -13.55 26.03
N GLU A 181 30.20 -13.00 27.21
CA GLU A 181 31.33 -13.44 28.04
C GLU A 181 31.36 -14.94 28.25
N GLN A 182 30.18 -15.50 28.49
CA GLN A 182 29.98 -16.91 28.76
C GLN A 182 29.95 -17.82 27.57
N LEU A 183 29.35 -17.30 26.53
CA LEU A 183 29.19 -18.12 25.35
C LEU A 183 30.24 -17.94 24.30
N GLY A 184 31.11 -16.92 24.53
CA GLY A 184 32.20 -16.61 23.64
C GLY A 184 31.77 -15.98 22.30
N THR A 185 30.50 -15.57 22.23
CA THR A 185 29.92 -14.92 21.03
C THR A 185 29.09 -13.74 21.46
N PRO A 186 29.18 -12.62 20.78
CA PRO A 186 28.45 -11.49 21.30
C PRO A 186 26.99 -11.74 21.19
N SER A 187 26.33 -11.22 22.22
CA SER A 187 24.90 -11.34 22.25
C SER A 187 24.41 -10.01 21.68
N VAL A 188 23.49 -10.16 20.74
CA VAL A 188 22.98 -8.91 20.20
C VAL A 188 21.80 -8.49 21.03
N MET A 189 21.84 -7.32 21.61
CA MET A 189 20.65 -7.04 22.40
C MET A 189 19.78 -6.04 21.70
N ASN A 190 18.62 -6.48 21.24
CA ASN A 190 17.71 -5.63 20.53
C ASN A 190 16.84 -4.73 21.38
N ILE A 191 16.70 -3.51 20.94
CA ILE A 191 15.85 -2.67 21.69
C ILE A 191 14.59 -2.28 20.92
N TRP A 192 13.43 -2.87 21.33
CA TRP A 192 12.12 -2.56 20.79
C TRP A 192 11.17 -2.08 21.91
N ILE A 193 10.61 -0.86 21.76
CA ILE A 193 9.61 -0.29 22.64
C ILE A 193 8.26 -0.12 21.90
N PRO A 194 7.13 -0.16 22.59
CA PRO A 194 5.86 -0.07 21.83
C PRO A 194 5.39 1.36 21.72
N ASP A 195 6.16 2.26 22.32
CA ASP A 195 5.80 3.67 22.36
C ASP A 195 5.19 4.23 21.12
N GLY A 196 3.99 4.79 21.25
CA GLY A 196 3.28 5.41 20.15
C GLY A 196 1.90 5.82 20.59
N MET A 197 1.11 6.41 19.68
CA MET A 197 -0.29 6.82 19.92
C MET A 197 -1.27 6.12 19.03
N LYS A 198 -2.44 5.86 19.58
CA LYS A 198 -3.49 5.23 18.78
C LYS A 198 -4.06 6.19 17.75
N ASP A 199 -4.21 7.45 18.13
CA ASP A 199 -4.88 8.40 17.26
C ASP A 199 -4.12 9.66 16.95
N ILE A 200 -4.80 10.58 16.26
CA ILE A 200 -4.17 11.87 15.90
C ILE A 200 -3.37 12.48 17.03
N THR A 201 -2.11 12.72 16.74
CA THR A 201 -1.14 13.25 17.68
C THR A 201 -0.69 14.69 17.46
N VAL A 202 -0.62 15.44 18.53
CA VAL A 202 -0.11 16.78 18.48
C VAL A 202 1.40 16.88 18.56
N ASP A 203 2.01 16.22 19.51
CA ASP A 203 3.43 16.43 19.65
C ASP A 203 4.24 15.19 19.45
N ARG A 204 4.66 15.04 18.23
CA ARG A 204 5.49 13.96 17.82
C ARG A 204 6.96 14.20 18.19
N LEU A 205 7.34 15.42 18.65
CA LEU A 205 8.74 15.71 18.91
C LEU A 205 9.21 15.40 20.29
N ALA A 206 8.45 15.89 21.22
CA ALA A 206 8.76 15.67 22.58
C ALA A 206 9.13 14.22 22.89
N PRO A 207 8.28 13.30 22.54
CA PRO A 207 8.52 11.91 22.86
C PRO A 207 9.80 11.35 22.31
N ARG A 208 9.99 11.72 21.05
CA ARG A 208 11.16 11.30 20.30
C ARG A 208 12.41 11.89 20.95
N GLN A 209 12.27 13.16 21.37
CA GLN A 209 13.40 13.79 22.03
C GLN A 209 13.74 13.03 23.31
N ARG A 210 12.68 12.60 24.02
CA ARG A 210 12.85 11.89 25.29
C ARG A 210 13.43 10.53 25.03
N LEU A 211 12.92 9.93 23.92
CA LEU A 211 13.44 8.64 23.59
C LEU A 211 14.95 8.74 23.32
N LEU A 212 15.32 9.80 22.64
CA LEU A 212 16.71 9.99 22.29
C LEU A 212 17.64 10.08 23.51
N ALA A 213 17.28 11.01 24.37
CA ALA A 213 18.09 11.21 25.57
C ALA A 213 18.12 9.90 26.37
N ALA A 214 16.99 9.18 26.41
CA ALA A 214 16.94 7.90 27.13
C ALA A 214 17.87 6.89 26.51
N LEU A 215 17.89 6.85 25.18
CA LEU A 215 18.74 5.86 24.57
C LEU A 215 20.18 6.15 24.90
N ASP A 216 20.50 7.41 24.80
CA ASP A 216 21.85 7.75 25.12
C ASP A 216 22.22 7.25 26.50
N GLU A 217 21.25 7.40 27.39
CA GLU A 217 21.45 6.97 28.74
C GLU A 217 21.55 5.47 28.75
N VAL A 218 20.62 4.86 28.01
CA VAL A 218 20.65 3.41 27.94
C VAL A 218 22.01 2.82 27.50
N ILE A 219 22.71 3.42 26.54
CA ILE A 219 23.95 2.76 26.14
C ILE A 219 25.18 3.41 26.64
N SER A 220 25.05 4.28 27.64
CA SER A 220 26.22 5.00 28.15
C SER A 220 27.29 4.13 28.81
N GLU A 221 26.90 2.94 29.29
CA GLU A 221 27.87 2.08 29.91
C GLU A 221 28.66 1.34 28.86
N LYS A 222 29.94 1.63 28.86
CA LYS A 222 30.75 1.00 27.90
C LYS A 222 31.03 -0.47 28.18
N LEU A 223 30.51 -1.32 27.28
CA LEU A 223 30.66 -2.76 27.33
C LEU A 223 31.53 -3.31 26.17
N ASN A 224 31.98 -4.55 26.34
CA ASN A 224 32.83 -5.22 25.34
C ASN A 224 32.13 -5.66 24.05
N PRO A 225 32.38 -4.89 22.99
CA PRO A 225 31.79 -5.20 21.71
C PRO A 225 31.92 -6.68 21.40
N ALA A 226 32.99 -7.30 21.87
CA ALA A 226 33.09 -8.73 21.59
C ALA A 226 32.00 -9.53 22.33
N HIS A 227 31.40 -8.93 23.34
CA HIS A 227 30.42 -9.67 24.13
C HIS A 227 29.03 -9.18 23.96
N HIS A 228 28.93 -7.91 23.54
CA HIS A 228 27.64 -7.28 23.43
C HIS A 228 27.48 -6.23 22.35
N ILE A 229 26.32 -6.28 21.66
CA ILE A 229 25.98 -5.32 20.62
C ILE A 229 24.59 -4.78 20.86
N ASP A 230 24.48 -3.49 20.89
CA ASP A 230 23.18 -2.93 21.06
C ASP A 230 22.57 -2.70 19.68
N ALA A 231 21.34 -3.13 19.47
CA ALA A 231 20.57 -2.91 18.23
C ALA A 231 19.28 -2.15 18.57
N VAL A 232 18.78 -1.33 17.64
CA VAL A 232 17.50 -0.64 17.85
C VAL A 232 16.47 -1.03 16.80
N GLU A 233 15.26 -1.43 17.19
CA GLU A 233 14.23 -1.86 16.21
C GLU A 233 13.09 -0.84 15.93
N SER A 234 13.01 -0.29 14.72
CA SER A 234 11.93 0.63 14.37
C SER A 234 10.63 -0.13 14.05
N LYS A 235 9.49 0.56 14.18
CA LYS A 235 8.17 0.02 13.90
C LYS A 235 7.36 1.14 13.35
N LEU A 236 6.42 0.74 12.50
CA LEU A 236 5.54 1.68 11.83
C LEU A 236 4.25 1.95 12.64
N PHE A 237 3.59 0.86 12.98
CA PHE A 237 2.37 0.98 13.76
C PHE A 237 1.99 -0.34 14.45
N GLY A 238 1.29 -0.18 15.56
CA GLY A 238 0.81 -1.29 16.37
C GLY A 238 -0.68 -1.17 16.65
N ILE A 239 -1.30 -2.32 17.00
CA ILE A 239 -2.72 -2.33 17.29
C ILE A 239 -2.94 -1.53 18.56
N GLY A 240 -3.75 -0.48 18.47
CA GLY A 240 -3.97 0.42 19.62
C GLY A 240 -2.90 1.53 19.61
N ALA A 241 -1.98 1.41 18.67
CA ALA A 241 -0.92 2.41 18.54
C ALA A 241 -0.67 2.64 17.04
N GLU A 242 -1.76 2.66 16.28
CA GLU A 242 -1.75 2.82 14.85
C GLU A 242 -1.26 4.16 14.30
N SER A 243 -1.36 5.23 15.02
CA SER A 243 -1.08 6.47 14.34
C SER A 243 0.24 7.14 14.40
N TYR A 244 0.94 6.76 15.41
CA TYR A 244 2.24 7.33 15.60
C TYR A 244 3.15 6.38 16.35
N THR A 245 4.38 6.24 15.88
CA THR A 245 5.39 5.41 16.52
C THR A 245 6.56 6.28 16.83
N VAL A 246 6.90 6.39 18.13
CA VAL A 246 8.04 7.17 18.56
C VAL A 246 9.31 6.75 17.84
N GLY A 247 9.65 5.48 17.95
CA GLY A 247 10.86 4.99 17.31
C GLY A 247 10.55 4.57 15.93
N SER A 248 10.45 5.56 15.08
CA SER A 248 10.13 5.30 13.67
C SER A 248 11.39 4.86 12.89
N ASN A 249 11.22 4.53 11.62
CA ASN A 249 12.38 4.12 10.85
C ASN A 249 13.45 5.21 10.88
N GLU A 250 13.15 6.37 10.32
CA GLU A 250 14.12 7.41 10.35
C GLU A 250 14.70 7.67 11.73
N PHE A 251 13.87 7.49 12.77
CA PHE A 251 14.31 7.72 14.15
C PHE A 251 15.59 6.95 14.57
N TYR A 252 15.54 5.66 14.26
CA TYR A 252 16.58 4.70 14.55
C TYR A 252 17.65 4.67 13.50
N MET A 253 17.27 4.95 12.26
CA MET A 253 18.34 4.98 11.31
C MET A 253 19.24 6.13 11.80
N GLY A 254 18.61 7.26 12.04
CA GLY A 254 19.39 8.39 12.54
C GLY A 254 20.15 7.99 13.82
N TYR A 255 19.47 7.32 14.74
CA TYR A 255 20.09 6.92 16.01
C TYR A 255 21.25 5.97 15.80
N ALA A 256 20.99 4.86 15.11
CA ALA A 256 22.06 3.93 14.94
C ALA A 256 23.31 4.51 14.27
N THR A 257 23.08 5.44 13.35
CA THR A 257 24.16 6.04 12.58
C THR A 257 25.01 6.94 13.44
N SER A 258 24.33 7.85 14.10
CA SER A 258 24.97 8.83 14.94
C SER A 258 25.60 8.20 16.15
N ARG A 259 25.06 7.04 16.58
CA ARG A 259 25.63 6.41 17.77
C ARG A 259 26.40 5.16 17.50
N GLN A 260 26.36 4.67 16.26
CA GLN A 260 27.03 3.44 15.88
C GLN A 260 26.59 2.20 16.64
N THR A 261 25.29 2.10 16.75
CA THR A 261 24.74 0.90 17.34
C THR A 261 24.29 0.04 16.17
N ALA A 262 23.95 -1.18 16.40
CA ALA A 262 23.48 -1.90 15.27
C ALA A 262 22.05 -1.42 15.04
N LEU A 263 21.54 -1.72 13.85
CA LEU A 263 20.21 -1.34 13.47
C LEU A 263 19.41 -2.60 13.23
N CYS A 264 18.21 -2.68 13.83
CA CYS A 264 17.37 -3.85 13.65
C CYS A 264 16.33 -3.57 12.56
N LEU A 265 16.21 -4.49 11.65
CA LEU A 265 15.27 -4.40 10.53
C LEU A 265 14.29 -5.55 10.62
N ASP A 266 13.03 -5.27 10.98
CA ASP A 266 12.04 -6.33 11.10
C ASP A 266 11.17 -6.37 9.81
N ALA A 267 11.23 -7.51 9.13
CA ALA A 267 10.52 -7.67 7.90
C ALA A 267 9.03 -7.40 8.02
N GLY A 268 8.50 -7.09 9.17
CA GLY A 268 7.07 -6.90 9.18
C GLY A 268 6.76 -5.53 9.71
N HIS A 269 7.78 -4.73 9.85
CA HIS A 269 7.54 -3.43 10.47
C HIS A 269 7.51 -2.18 9.60
N PHE A 270 7.15 -2.36 8.34
CA PHE A 270 7.20 -1.24 7.46
C PHE A 270 5.95 -1.06 6.65
N HIS A 271 6.01 -0.16 5.67
CA HIS A 271 4.80 0.10 4.93
C HIS A 271 4.44 -0.99 4.02
N PRO A 272 3.24 -0.81 3.51
CA PRO A 272 2.79 -1.73 2.49
C PRO A 272 3.81 -1.63 1.35
N THR A 273 4.28 -2.80 0.93
CA THR A 273 5.25 -3.06 -0.12
C THR A 273 6.66 -2.70 0.30
N GLU A 274 6.85 -2.02 1.43
CA GLU A 274 8.24 -1.72 1.80
C GLU A 274 8.98 -3.03 2.12
N VAL A 275 10.22 -3.22 1.65
CA VAL A 275 10.98 -4.46 1.94
C VAL A 275 12.33 -4.16 2.55
N ILE A 276 12.74 -5.02 3.48
CA ILE A 276 14.02 -4.84 4.17
C ILE A 276 15.23 -5.33 3.39
N SER A 277 15.00 -6.30 2.49
CA SER A 277 16.04 -6.79 1.64
C SER A 277 16.76 -5.58 0.98
N ASP A 278 15.94 -4.55 0.69
CA ASP A 278 16.47 -3.34 0.06
C ASP A 278 17.35 -2.55 0.96
N LYS A 279 16.99 -2.56 2.26
CA LYS A 279 17.64 -1.73 3.28
C LYS A 279 19.01 -2.11 3.70
N ILE A 280 19.27 -3.42 3.67
CA ILE A 280 20.57 -3.99 4.03
C ILE A 280 21.83 -3.27 3.41
N SER A 281 21.93 -3.18 2.09
CA SER A 281 23.10 -2.55 1.45
C SER A 281 23.20 -1.09 1.80
N ALA A 282 22.02 -0.45 1.91
CA ALA A 282 21.96 0.96 2.30
C ALA A 282 22.45 1.16 3.73
N ALA A 283 21.77 0.47 4.61
CA ALA A 283 22.02 0.56 6.06
C ALA A 283 23.49 0.36 6.47
N MET A 284 24.05 -0.73 5.99
CA MET A 284 25.41 -1.14 6.25
C MET A 284 26.52 -0.14 5.92
N LEU A 285 26.25 0.88 5.04
CA LEU A 285 27.26 1.87 4.70
C LEU A 285 27.38 2.89 5.75
N TYR A 286 26.47 2.84 6.74
CA TYR A 286 26.42 3.81 7.84
C TYR A 286 26.41 3.21 9.25
N VAL A 287 25.95 2.00 9.36
CA VAL A 287 25.87 1.38 10.67
C VAL A 287 26.70 0.16 10.64
N PRO A 288 27.29 -0.10 11.79
CA PRO A 288 28.24 -1.16 11.96
C PRO A 288 27.69 -2.51 11.71
N GLN A 289 26.51 -2.71 12.22
CA GLN A 289 25.94 -4.00 12.10
C GLN A 289 24.48 -3.92 11.94
N LEU A 290 23.94 -5.07 11.53
CA LEU A 290 22.53 -5.28 11.31
C LEU A 290 22.04 -6.51 11.97
N LEU A 291 20.79 -6.35 12.42
CA LEU A 291 20.03 -7.44 13.02
C LEU A 291 18.74 -7.52 12.21
N LEU A 292 18.46 -8.70 11.71
CA LEU A 292 17.27 -8.83 10.93
C LEU A 292 16.24 -9.64 11.66
N HIS A 293 15.02 -9.15 11.69
CA HIS A 293 13.90 -9.89 12.24
C HIS A 293 13.12 -10.37 11.04
N VAL A 294 13.49 -11.51 10.51
CA VAL A 294 12.79 -12.05 9.37
C VAL A 294 11.43 -12.54 9.89
N SER A 295 10.43 -11.88 9.39
CA SER A 295 9.08 -12.10 9.79
C SER A 295 8.13 -12.00 8.61
N ARG A 296 6.95 -12.58 8.71
CA ARG A 296 5.99 -12.45 7.62
C ARG A 296 4.73 -11.71 8.00
N PRO A 297 4.66 -10.47 7.62
CA PRO A 297 3.47 -9.71 7.88
C PRO A 297 2.40 -10.10 6.91
N VAL A 298 1.16 -10.08 7.36
CA VAL A 298 0.04 -10.37 6.50
C VAL A 298 -0.91 -9.22 6.73
N ARG A 299 -0.57 -8.06 6.16
CA ARG A 299 -1.40 -6.86 6.29
C ARG A 299 -1.23 -6.04 7.55
N TRP A 300 -0.35 -6.52 8.40
CA TRP A 300 -0.05 -5.86 9.64
C TRP A 300 1.08 -6.67 10.24
N ASP A 301 1.72 -6.12 11.29
CA ASP A 301 2.82 -6.85 11.93
C ASP A 301 2.23 -7.99 12.77
N SER A 302 1.77 -9.01 12.06
CA SER A 302 1.07 -10.15 12.60
C SER A 302 1.92 -11.33 12.97
N ASP A 303 3.17 -11.26 12.66
CA ASP A 303 3.95 -12.36 13.11
C ASP A 303 3.56 -13.78 12.70
N HIS A 304 3.34 -13.96 11.37
CA HIS A 304 3.07 -15.25 10.74
C HIS A 304 4.41 -15.88 10.41
N VAL A 305 4.40 -17.20 10.35
CA VAL A 305 5.61 -17.95 10.04
C VAL A 305 6.23 -17.56 8.70
N VAL A 306 7.53 -17.41 8.74
CA VAL A 306 8.38 -17.07 7.61
C VAL A 306 8.33 -18.13 6.50
N LEU A 307 8.00 -17.74 5.28
CA LEU A 307 8.00 -18.81 4.30
C LEU A 307 9.17 -18.70 3.33
N LEU A 308 9.31 -19.74 2.48
CA LEU A 308 10.34 -19.71 1.44
C LEU A 308 9.71 -18.84 0.37
N ASP A 309 9.82 -17.53 0.52
CA ASP A 309 9.14 -16.68 -0.44
C ASP A 309 10.02 -15.60 -1.11
N ASP A 310 9.35 -14.73 -1.89
CA ASP A 310 10.07 -13.68 -2.58
C ASP A 310 10.97 -12.91 -1.59
N GLU A 311 10.43 -12.33 -0.52
CA GLU A 311 11.19 -11.52 0.45
C GLU A 311 12.24 -12.22 1.29
N THR A 312 11.90 -13.39 1.74
CA THR A 312 12.83 -14.16 2.54
C THR A 312 14.05 -14.41 1.66
N GLN A 313 13.77 -14.83 0.44
CA GLN A 313 14.80 -15.10 -0.57
C GLN A 313 15.66 -13.90 -0.84
N ALA A 314 15.00 -12.78 -1.07
CA ALA A 314 15.75 -11.56 -1.32
C ALA A 314 16.59 -11.17 -0.11
N ILE A 315 16.05 -11.33 1.12
CA ILE A 315 16.81 -10.97 2.31
C ILE A 315 18.12 -11.73 2.29
N ALA A 316 17.98 -13.04 2.11
CA ALA A 316 19.10 -13.95 2.04
C ALA A 316 20.06 -13.58 0.95
N SER A 317 19.49 -13.31 -0.21
CA SER A 317 20.38 -12.99 -1.30
C SER A 317 21.28 -11.84 -1.01
N GLU A 318 20.72 -10.83 -0.38
CA GLU A 318 21.43 -9.60 -0.07
C GLU A 318 22.58 -9.81 0.90
N ILE A 319 22.37 -10.72 1.81
CA ILE A 319 23.39 -11.03 2.80
C ILE A 319 24.53 -11.82 2.16
N VAL A 320 24.14 -12.96 1.54
CA VAL A 320 25.09 -13.88 0.86
C VAL A 320 25.84 -13.16 -0.29
N ARG A 321 25.12 -12.28 -1.05
CA ARG A 321 25.79 -11.54 -2.13
C ARG A 321 26.92 -10.72 -1.60
N HIS A 322 26.71 -10.07 -0.50
CA HIS A 322 27.84 -9.28 -0.04
C HIS A 322 28.67 -9.94 1.09
N ASP A 323 28.71 -11.26 1.08
CA ASP A 323 29.42 -12.05 2.06
C ASP A 323 29.28 -11.44 3.41
N LEU A 324 28.05 -11.05 3.73
CA LEU A 324 27.83 -10.44 5.01
C LEU A 324 27.81 -11.45 6.15
N PHE A 325 28.85 -12.26 6.31
CA PHE A 325 28.82 -13.26 7.35
C PHE A 325 28.90 -12.68 8.77
N ASP A 326 29.56 -11.57 8.93
CA ASP A 326 29.72 -11.14 10.29
C ASP A 326 28.96 -9.91 10.76
N ARG A 327 28.72 -9.01 9.87
CA ARG A 327 27.99 -7.85 10.29
C ARG A 327 26.47 -8.04 10.27
N VAL A 328 25.99 -9.13 9.67
CA VAL A 328 24.56 -9.28 9.66
C VAL A 328 24.19 -10.38 10.61
N HIS A 329 23.27 -10.07 11.52
CA HIS A 329 22.75 -11.04 12.49
C HIS A 329 21.35 -11.42 12.11
N ILE A 330 21.22 -12.63 11.60
CA ILE A 330 19.98 -13.15 11.12
C ILE A 330 19.03 -13.67 12.19
N GLY A 331 17.99 -12.96 12.53
CA GLY A 331 17.09 -13.53 13.53
C GLY A 331 15.73 -13.75 12.88
N LEU A 332 14.87 -14.51 13.62
CA LEU A 332 13.48 -14.77 13.23
C LEU A 332 12.56 -13.97 14.15
N ASP A 333 11.39 -13.57 13.70
CA ASP A 333 10.49 -12.91 14.65
C ASP A 333 9.10 -13.26 14.17
N PHE A 334 8.42 -14.12 14.89
CA PHE A 334 7.08 -14.46 14.55
C PHE A 334 6.41 -15.23 15.69
N PHE A 335 5.08 -15.09 15.76
CA PHE A 335 4.37 -15.77 16.80
C PHE A 335 2.97 -16.20 16.48
N ASP A 336 2.91 -17.26 15.70
CA ASP A 336 1.61 -17.79 15.35
C ASP A 336 1.09 -18.79 16.38
N ALA A 337 0.02 -18.41 17.10
CA ALA A 337 -0.60 -19.27 18.13
C ALA A 337 -1.75 -20.12 17.59
N SER A 338 -1.90 -20.19 16.28
CA SER A 338 -3.00 -20.97 15.78
C SER A 338 -2.60 -22.33 15.24
N ILE A 339 -1.30 -22.62 15.25
CA ILE A 339 -0.73 -23.92 14.81
C ILE A 339 0.28 -24.44 15.83
N ASN A 340 0.74 -25.66 15.61
CA ASN A 340 1.72 -26.23 16.51
C ASN A 340 2.96 -25.41 16.50
N ARG A 341 3.26 -24.84 17.64
CA ARG A 341 4.41 -24.00 17.82
C ARG A 341 5.75 -24.59 17.42
N ILE A 342 5.85 -25.90 17.56
CA ILE A 342 7.12 -26.47 17.19
C ILE A 342 7.27 -26.32 15.69
N ALA A 343 6.18 -26.75 15.02
CA ALA A 343 6.13 -26.71 13.58
C ALA A 343 6.42 -25.31 13.11
N ALA A 344 5.89 -24.34 13.83
CA ALA A 344 6.11 -22.98 13.47
C ALA A 344 7.57 -22.65 13.38
N TRP A 345 8.28 -22.99 14.45
CA TRP A 345 9.69 -22.70 14.44
C TRP A 345 10.43 -23.47 13.34
N VAL A 346 10.01 -24.72 13.17
CA VAL A 346 10.63 -25.62 12.19
C VAL A 346 10.52 -25.06 10.78
N ILE A 347 9.28 -24.77 10.37
CA ILE A 347 9.03 -24.23 9.08
C ILE A 347 9.86 -22.99 8.89
N GLY A 348 9.63 -22.01 9.73
CA GLY A 348 10.36 -20.74 9.61
C GLY A 348 11.86 -20.93 9.53
N THR A 349 12.39 -21.74 10.40
CA THR A 349 13.81 -21.92 10.40
C THR A 349 14.46 -22.54 9.17
N ARG A 350 13.92 -23.63 8.73
CA ARG A 350 14.40 -24.30 7.57
C ARG A 350 14.24 -23.41 6.33
N ASN A 351 13.19 -22.63 6.37
CA ASN A 351 12.91 -21.79 5.27
C ASN A 351 14.03 -20.80 5.15
N MET A 352 14.38 -20.21 6.25
CA MET A 352 15.44 -19.22 6.18
C MET A 352 16.70 -19.82 5.66
N LYS A 353 16.95 -21.04 6.15
CA LYS A 353 18.14 -21.74 5.79
C LYS A 353 18.08 -22.11 4.32
N LYS A 354 16.92 -22.53 3.89
CA LYS A 354 16.73 -22.86 2.46
C LYS A 354 17.05 -21.60 1.61
N ALA A 355 16.54 -20.48 2.06
CA ALA A 355 16.84 -19.33 1.27
C ALA A 355 18.30 -19.06 1.24
N LEU A 356 18.93 -19.19 2.38
CA LEU A 356 20.35 -18.90 2.46
C LEU A 356 21.12 -19.79 1.58
N LEU A 357 20.71 -21.04 1.52
CA LEU A 357 21.41 -21.99 0.66
C LEU A 357 21.28 -21.52 -0.80
N ARG A 358 20.07 -21.13 -1.15
CA ARG A 358 19.87 -20.68 -2.50
C ARG A 358 20.80 -19.56 -2.89
N ALA A 359 20.97 -18.65 -1.98
CA ALA A 359 21.88 -17.57 -2.28
C ALA A 359 23.25 -18.06 -2.44
N LEU A 360 23.64 -19.06 -1.65
CA LEU A 360 25.02 -19.56 -1.76
C LEU A 360 25.24 -20.28 -3.05
N LEU A 361 24.16 -20.87 -3.52
CA LEU A 361 24.28 -21.61 -4.77
C LEU A 361 24.14 -20.69 -6.03
N GLU A 362 23.89 -19.43 -5.84
CA GLU A 362 23.76 -18.51 -7.00
C GLU A 362 25.09 -18.13 -7.58
N PRO A 363 25.19 -18.07 -8.91
CA PRO A 363 26.46 -17.68 -9.55
C PRO A 363 26.64 -16.15 -9.55
N THR A 364 26.78 -15.60 -8.37
CA THR A 364 26.88 -14.17 -8.24
C THR A 364 27.83 -13.38 -9.12
N ALA A 365 29.06 -13.82 -9.14
CA ALA A 365 30.10 -13.14 -9.87
C ALA A 365 29.73 -13.06 -11.31
N GLU A 366 29.36 -14.18 -11.87
CA GLU A 366 28.93 -14.12 -13.25
C GLU A 366 27.72 -13.13 -13.36
N LEU A 367 26.66 -13.33 -12.56
CA LEU A 367 25.50 -12.45 -12.60
C LEU A 367 25.76 -10.92 -12.53
N ARG A 368 26.63 -10.62 -11.62
CA ARG A 368 27.12 -9.31 -11.27
C ARG A 368 27.84 -8.66 -12.43
N LYS A 369 28.57 -9.58 -13.02
CA LYS A 369 29.37 -9.27 -14.17
C LYS A 369 28.40 -9.00 -15.29
N LEU A 370 27.39 -9.82 -15.56
CA LEU A 370 26.48 -9.50 -16.64
C LEU A 370 25.89 -8.13 -16.46
N GLU A 371 25.44 -7.94 -15.24
CA GLU A 371 24.80 -6.73 -14.82
C GLU A 371 25.64 -5.50 -15.00
N ALA A 372 26.91 -5.63 -14.67
CA ALA A 372 27.84 -4.50 -14.77
C ALA A 372 28.08 -4.08 -16.23
N PRO A 373 27.70 -4.99 -17.15
CA PRO A 373 27.77 -4.86 -18.56
C PRO A 373 26.53 -4.51 -19.22
N GLY A 374 25.52 -4.25 -18.41
CA GLY A 374 24.29 -3.89 -19.05
C GLY A 374 23.67 -5.10 -19.70
N ASP A 375 24.15 -6.32 -19.45
CA ASP A 375 23.52 -7.50 -20.02
C ASP A 375 22.30 -7.89 -19.20
N TYR A 376 21.38 -6.94 -19.07
CA TYR A 376 20.15 -7.17 -18.31
C TYR A 376 19.29 -8.33 -18.78
N THR A 377 19.46 -8.76 -20.04
CA THR A 377 18.67 -9.88 -20.55
C THR A 377 19.25 -11.13 -19.92
N ALA A 378 20.55 -11.24 -19.99
CA ALA A 378 21.16 -12.42 -19.39
C ALA A 378 20.83 -12.58 -17.91
N ARG A 379 20.95 -11.44 -17.23
CA ARG A 379 20.68 -11.26 -15.82
C ARG A 379 19.30 -11.77 -15.43
N LEU A 380 18.35 -11.22 -16.08
CA LEU A 380 17.06 -11.66 -15.74
C LEU A 380 16.86 -13.11 -16.00
N ALA A 381 17.27 -13.52 -17.19
CA ALA A 381 17.07 -14.88 -17.60
C ALA A 381 17.71 -15.85 -16.65
N LEU A 382 18.95 -15.54 -16.31
CA LEU A 382 19.75 -16.36 -15.42
C LEU A 382 19.21 -16.40 -14.01
N LEU A 383 18.71 -15.25 -13.54
CA LEU A 383 18.10 -15.23 -12.21
C LEU A 383 16.95 -16.23 -12.22
N GLU A 384 16.09 -16.14 -13.22
CA GLU A 384 15.01 -17.07 -13.30
C GLU A 384 15.42 -18.56 -13.41
N GLU A 385 16.42 -18.83 -14.22
CA GLU A 385 16.83 -20.23 -14.33
C GLU A 385 17.44 -20.77 -13.04
N GLN A 386 18.01 -19.93 -12.20
CA GLN A 386 18.54 -20.53 -10.99
C GLN A 386 17.44 -21.39 -10.34
N LYS A 387 16.26 -20.77 -10.34
CA LYS A 387 15.03 -21.30 -9.77
C LYS A 387 14.66 -22.69 -10.20
N SER A 388 15.23 -23.16 -11.28
CA SER A 388 14.83 -24.50 -11.59
C SER A 388 16.09 -25.33 -11.61
N LEU A 389 17.10 -24.77 -10.98
CA LEU A 389 18.31 -25.50 -10.83
C LEU A 389 17.95 -26.31 -9.55
N PRO A 390 18.40 -27.58 -9.42
CA PRO A 390 18.07 -28.42 -8.29
C PRO A 390 18.80 -28.08 -6.99
N TRP A 391 18.47 -26.92 -6.43
CA TRP A 391 19.13 -26.64 -5.19
C TRP A 391 18.63 -27.66 -4.14
N GLN A 392 17.40 -28.09 -4.32
CA GLN A 392 16.74 -29.02 -3.41
C GLN A 392 17.54 -30.25 -3.00
N ALA A 393 18.28 -30.76 -3.95
CA ALA A 393 19.05 -31.92 -3.64
C ALA A 393 20.16 -31.50 -2.70
N VAL A 394 20.60 -30.32 -2.91
CA VAL A 394 21.69 -29.85 -2.10
C VAL A 394 21.20 -29.69 -0.68
N TRP A 395 20.00 -29.14 -0.60
CA TRP A 395 19.42 -28.93 0.68
C TRP A 395 19.17 -30.28 1.32
N GLU A 396 18.58 -31.18 0.58
CA GLU A 396 18.37 -32.46 1.17
C GLU A 396 19.70 -33.00 1.65
N MET A 397 20.79 -32.63 1.00
CA MET A 397 22.08 -33.17 1.46
C MET A 397 22.63 -32.49 2.71
N TYR A 398 22.31 -31.21 2.85
CA TYR A 398 22.70 -30.43 4.02
C TYR A 398 21.95 -31.03 5.22
N CYS A 399 20.68 -31.35 4.96
CA CYS A 399 19.83 -31.95 5.97
C CYS A 399 20.48 -33.22 6.54
N GLN A 400 20.74 -34.18 5.66
CA GLN A 400 21.34 -35.48 5.93
C GLN A 400 22.66 -35.37 6.65
N ARG A 401 23.46 -34.44 6.21
CA ARG A 401 24.73 -34.27 6.82
C ARG A 401 24.66 -33.71 8.23
N HIS A 402 23.51 -33.18 8.59
CA HIS A 402 23.39 -32.64 9.92
C HIS A 402 22.37 -33.46 10.63
N ASP A 403 22.20 -34.64 10.12
CA ASP A 403 21.26 -35.55 10.71
C ASP A 403 19.90 -35.00 11.07
N THR A 404 19.36 -34.26 10.10
CA THR A 404 18.06 -33.67 10.20
C THR A 404 17.28 -34.22 9.08
N PRO A 405 16.06 -34.42 9.32
CA PRO A 405 15.28 -34.97 8.24
C PRO A 405 15.30 -33.98 7.05
N ALA A 406 15.39 -34.58 5.84
CA ALA A 406 15.46 -33.90 4.56
C ALA A 406 14.12 -33.39 4.08
N GLY A 407 13.09 -34.17 4.30
CA GLY A 407 11.79 -33.76 3.86
C GLY A 407 10.71 -33.64 4.92
N SER A 408 9.49 -33.75 4.44
CA SER A 408 8.29 -33.60 5.19
C SER A 408 8.19 -34.48 6.45
N GLU A 409 8.95 -35.55 6.43
CA GLU A 409 8.98 -36.49 7.53
C GLU A 409 9.13 -35.77 8.86
N TRP A 410 9.85 -34.65 8.85
CA TRP A 410 9.99 -33.95 10.12
C TRP A 410 8.63 -33.75 10.78
N LEU A 411 7.58 -33.58 9.98
CA LEU A 411 6.24 -33.38 10.53
C LEU A 411 5.83 -34.59 11.41
N GLU A 412 6.25 -35.77 11.00
CA GLU A 412 5.88 -36.96 11.75
C GLU A 412 6.34 -36.86 13.19
N SER A 413 7.53 -36.34 13.36
CA SER A 413 8.14 -36.15 14.67
C SER A 413 7.35 -35.15 15.45
N VAL A 414 7.09 -33.98 14.84
CA VAL A 414 6.30 -32.98 15.56
C VAL A 414 5.02 -33.67 16.00
N ARG A 415 4.46 -34.45 15.08
CA ARG A 415 3.23 -35.15 15.36
C ARG A 415 3.26 -35.98 16.65
N ALA A 416 4.27 -36.85 16.70
CA ALA A 416 4.52 -37.72 17.83
C ALA A 416 4.82 -36.89 19.10
N TYR A 417 5.71 -35.92 19.05
CA TYR A 417 5.99 -35.09 20.24
C TYR A 417 4.77 -34.42 20.86
N GLU A 418 3.83 -34.11 20.00
CA GLU A 418 2.62 -33.43 20.37
C GLU A 418 1.68 -34.44 21.01
N LYS A 419 1.76 -35.66 20.51
CA LYS A 419 0.94 -36.73 21.01
C LYS A 419 1.37 -37.09 22.42
N GLU A 420 2.64 -37.35 22.51
CA GLU A 420 3.10 -37.69 23.79
C GLU A 420 3.13 -36.46 24.66
N ILE A 421 3.95 -35.54 24.29
CA ILE A 421 4.08 -34.42 25.15
C ILE A 421 3.06 -33.39 25.21
N LEU A 422 2.90 -32.76 24.08
CA LEU A 422 2.04 -31.60 24.05
C LEU A 422 0.63 -31.91 24.44
N SER A 423 0.20 -33.10 24.04
CA SER A 423 -1.15 -33.53 24.30
C SER A 423 -1.35 -33.86 25.76
N ARG A 424 -0.64 -33.14 26.62
CA ARG A 424 -0.75 -33.37 28.04
C ARG A 424 -0.73 -32.09 28.81
N ARG A 425 -0.58 -31.01 28.04
CA ARG A 425 -0.57 -29.67 28.56
C ARG A 425 -1.65 -28.91 27.80
N THR B 10 -14.91 45.78 3.09
CA THR B 10 -15.92 45.66 4.14
C THR B 10 -16.34 44.27 4.59
N GLN B 11 -16.83 43.44 3.70
CA GLN B 11 -17.21 42.13 4.20
C GLN B 11 -16.03 41.38 4.84
N LEU B 12 -14.90 41.43 4.17
CA LEU B 12 -13.68 40.82 4.62
C LEU B 12 -13.38 41.40 5.96
N GLU B 13 -13.30 42.71 6.03
CA GLU B 13 -13.07 43.34 7.33
C GLU B 13 -14.02 42.80 8.41
N GLN B 14 -15.26 42.56 8.00
CA GLN B 14 -16.28 42.06 8.89
C GLN B 14 -16.02 40.63 9.36
N ALA B 15 -15.81 39.78 8.39
CA ALA B 15 -15.54 38.39 8.70
C ALA B 15 -14.28 38.29 9.57
N TRP B 16 -13.34 39.16 9.28
CA TRP B 16 -12.06 39.34 9.92
C TRP B 16 -12.26 39.63 11.36
N GLU B 17 -12.98 40.70 11.59
CA GLU B 17 -13.28 41.06 12.94
C GLU B 17 -13.96 39.93 13.70
N LEU B 18 -14.92 39.28 13.12
CA LEU B 18 -15.57 38.17 13.81
C LEU B 18 -14.55 37.09 14.06
N ALA B 19 -13.76 36.80 13.06
CA ALA B 19 -12.82 35.71 13.26
C ALA B 19 -11.80 36.05 14.35
N LYS B 20 -11.41 37.33 14.38
CA LYS B 20 -10.48 37.84 15.36
C LYS B 20 -10.89 37.42 16.77
N GLN B 21 -12.16 37.65 17.11
CA GLN B 21 -12.76 37.30 18.39
C GLN B 21 -12.89 35.80 18.55
N ARG B 22 -13.34 35.19 17.48
CA ARG B 22 -13.47 33.78 17.63
C ARG B 22 -12.12 33.17 18.01
N PHE B 23 -11.09 33.69 17.43
CA PHE B 23 -9.84 33.04 17.63
C PHE B 23 -9.23 33.54 18.91
N ALA B 24 -9.58 34.74 19.18
CA ALA B 24 -9.05 35.30 20.38
C ALA B 24 -9.57 34.53 21.54
N ALA B 25 -10.82 34.06 21.38
CA ALA B 25 -11.48 33.28 22.42
C ALA B 25 -10.72 32.00 22.63
N VAL B 26 -9.98 31.52 21.64
CA VAL B 26 -9.22 30.29 21.83
C VAL B 26 -7.77 30.61 22.05
N GLY B 27 -7.54 31.85 22.43
CA GLY B 27 -6.18 32.32 22.71
C GLY B 27 -5.30 32.57 21.48
N ILE B 28 -5.95 32.69 20.31
CA ILE B 28 -5.19 32.94 19.09
C ILE B 28 -5.33 34.39 18.65
N ASP B 29 -4.15 35.05 18.44
CA ASP B 29 -4.02 36.44 17.98
C ASP B 29 -3.83 36.34 16.45
N VAL B 30 -4.90 36.63 15.74
CA VAL B 30 -4.83 36.50 14.30
C VAL B 30 -3.77 37.42 13.70
N GLU B 31 -3.63 38.61 14.29
CA GLU B 31 -2.60 39.51 13.77
C GLU B 31 -1.19 38.88 13.77
N GLU B 32 -0.88 38.26 14.92
CA GLU B 32 0.38 37.61 15.12
C GLU B 32 0.50 36.55 14.10
N ALA B 33 -0.59 35.83 13.95
CA ALA B 33 -0.55 34.74 12.97
C ALA B 33 -0.11 35.23 11.59
N LEU B 34 -0.67 36.36 11.22
CA LEU B 34 -0.33 36.95 9.95
C LEU B 34 1.13 37.27 9.99
N ARG B 35 1.58 37.99 10.98
CA ARG B 35 3.00 38.25 11.03
C ARG B 35 3.86 37.01 10.92
N GLN B 36 3.41 35.91 11.44
CA GLN B 36 4.27 34.71 11.39
C GLN B 36 4.36 34.06 10.04
N LEU B 37 3.20 34.16 9.34
CA LEU B 37 3.02 33.59 7.99
C LEU B 37 4.06 34.22 7.09
N ASP B 38 4.22 35.53 7.28
CA ASP B 38 5.19 36.23 6.54
C ASP B 38 6.58 35.83 6.92
N ARG B 39 6.77 34.79 7.74
CA ARG B 39 8.12 34.41 8.14
C ARG B 39 8.32 33.02 7.61
N LEU B 40 7.42 32.68 6.71
CA LEU B 40 7.45 31.33 6.13
C LEU B 40 7.47 31.32 4.62
N PRO B 41 8.63 31.56 4.07
CA PRO B 41 8.80 31.60 2.66
C PRO B 41 8.57 30.25 2.04
N VAL B 42 8.01 30.32 0.84
CA VAL B 42 7.75 29.16 0.07
C VAL B 42 8.64 29.25 -1.19
N SER B 43 9.48 28.22 -1.38
CA SER B 43 10.41 28.14 -2.47
C SER B 43 9.72 27.53 -3.69
N MET B 44 9.39 28.38 -4.62
CA MET B 44 8.73 27.84 -5.82
C MET B 44 9.72 27.24 -6.79
N HIS B 45 9.41 26.04 -7.21
CA HIS B 45 10.28 25.32 -8.13
C HIS B 45 10.21 25.90 -9.54
N CYS B 46 11.37 26.20 -10.18
CA CYS B 46 11.28 26.80 -11.55
C CYS B 46 10.70 25.86 -12.63
N TRP B 47 11.01 24.59 -12.50
CA TRP B 47 10.64 23.63 -13.50
C TRP B 47 9.21 23.38 -13.86
N GLN B 48 8.27 23.87 -13.05
CA GLN B 48 6.88 23.64 -13.37
C GLN B 48 6.54 24.53 -14.57
N GLY B 49 7.29 25.62 -14.71
CA GLY B 49 7.11 26.61 -15.77
C GLY B 49 7.33 26.13 -17.24
N ASP B 50 8.18 25.09 -17.39
CA ASP B 50 8.53 24.56 -18.69
C ASP B 50 8.66 23.04 -18.64
N ASP B 51 7.90 22.38 -17.77
CA ASP B 51 7.94 20.93 -17.71
C ASP B 51 9.34 20.36 -17.61
N VAL B 52 10.19 21.03 -16.86
CA VAL B 52 11.56 20.56 -16.62
C VAL B 52 12.43 20.52 -17.87
N SER B 53 12.02 21.24 -18.89
CA SER B 53 12.77 21.24 -20.10
C SER B 53 14.11 21.90 -19.91
N GLY B 54 14.11 23.02 -19.23
CA GLY B 54 15.41 23.67 -19.03
C GLY B 54 15.86 24.35 -20.29
N PHE B 55 17.01 25.01 -20.22
CA PHE B 55 17.54 25.75 -21.33
C PHE B 55 18.81 25.21 -22.00
N GLU B 56 19.37 24.09 -21.52
CA GLU B 56 20.59 23.59 -22.15
C GLU B 56 20.17 23.01 -23.45
N ASN B 57 19.08 22.24 -23.29
CA ASN B 57 18.43 21.47 -24.32
C ASN B 57 16.91 21.42 -24.25
N PRO B 58 16.29 22.61 -24.25
CA PRO B 58 14.84 22.77 -24.20
C PRO B 58 14.02 21.60 -24.74
N GLU B 59 13.91 21.52 -26.05
CA GLU B 59 13.19 20.41 -26.66
C GLU B 59 14.26 19.33 -26.67
N GLY B 60 14.03 18.19 -25.98
CA GLY B 60 15.05 17.15 -25.91
C GLY B 60 14.97 16.25 -24.66
N SER B 61 13.85 15.58 -24.58
CA SER B 61 13.44 14.57 -23.63
C SER B 61 13.75 14.52 -22.12
N LEU B 62 12.68 14.53 -21.31
CA LEU B 62 12.75 14.41 -19.86
C LEU B 62 13.07 12.93 -19.53
N THR B 63 14.22 12.72 -18.91
CA THR B 63 14.68 11.42 -18.52
C THR B 63 15.06 11.33 -17.02
N GLY B 64 15.09 10.11 -16.50
CA GLY B 64 15.44 9.92 -15.09
C GLY B 64 14.37 9.22 -14.27
N GLY B 65 13.22 8.93 -14.87
CA GLY B 65 12.13 8.24 -14.16
C GLY B 65 10.98 9.14 -13.78
N ILE B 66 11.14 10.45 -14.11
CA ILE B 66 10.18 11.52 -13.91
C ILE B 66 9.59 11.92 -15.22
N GLN B 67 8.36 12.41 -15.12
CA GLN B 67 7.71 12.79 -16.35
C GLN B 67 6.69 13.85 -16.12
N ALA B 68 6.55 14.69 -17.12
CA ALA B 68 5.50 15.69 -17.06
C ALA B 68 4.40 15.18 -17.99
N THR B 69 3.13 15.19 -17.52
CA THR B 69 2.03 14.68 -18.32
C THR B 69 1.06 15.79 -18.58
N GLY B 70 0.49 15.67 -19.73
CA GLY B 70 -0.43 16.67 -20.27
C GLY B 70 0.23 17.42 -21.46
N ASN B 71 -0.57 18.05 -22.27
CA ASN B 71 0.07 18.74 -23.35
C ASN B 71 -0.50 20.10 -23.44
N TYR B 72 -0.76 20.65 -22.24
CA TYR B 72 -1.33 21.97 -22.05
C TYR B 72 -0.37 22.94 -22.61
N PRO B 73 -0.90 23.79 -23.43
CA PRO B 73 -0.13 24.82 -24.09
C PRO B 73 0.40 25.93 -23.20
N GLY B 74 1.39 26.64 -23.74
CA GLY B 74 1.89 27.86 -23.05
C GLY B 74 3.17 27.81 -22.24
N LYS B 75 3.81 26.68 -22.28
CA LYS B 75 5.05 26.55 -21.55
C LYS B 75 6.08 27.58 -21.93
N ALA B 76 6.81 28.04 -20.92
CA ALA B 76 7.88 29.02 -21.14
C ALA B 76 8.96 28.38 -21.99
N ARG B 77 9.66 29.16 -22.81
CA ARG B 77 10.61 28.55 -23.68
C ARG B 77 12.03 29.00 -23.49
N ASN B 78 12.17 30.00 -22.65
CA ASN B 78 13.45 30.60 -22.31
C ASN B 78 13.35 31.23 -20.95
N ALA B 79 14.47 31.74 -20.51
CA ALA B 79 14.55 32.37 -19.23
C ALA B 79 13.58 33.52 -19.16
N SER B 80 13.41 34.22 -20.25
CA SER B 80 12.57 35.40 -20.26
C SER B 80 11.15 35.04 -19.94
N GLU B 81 10.67 34.04 -20.66
CA GLU B 81 9.33 33.55 -20.52
C GLU B 81 9.06 33.01 -19.13
N LEU B 82 10.10 32.35 -18.61
CA LEU B 82 9.98 31.76 -17.31
C LEU B 82 9.83 32.79 -16.22
N ARG B 83 10.72 33.76 -16.21
CA ARG B 83 10.66 34.84 -15.22
C ARG B 83 9.31 35.52 -15.33
N ALA B 84 8.86 35.77 -16.56
CA ALA B 84 7.55 36.39 -16.78
C ALA B 84 6.42 35.56 -16.18
N ASP B 85 6.51 34.25 -16.42
CA ASP B 85 5.49 33.37 -15.91
C ASP B 85 5.56 33.35 -14.39
N LEU B 86 6.78 33.27 -13.90
CA LEU B 86 6.93 33.25 -12.48
C LEU B 86 6.25 34.46 -11.87
N GLU B 87 6.63 35.64 -12.36
CA GLU B 87 6.10 36.89 -11.86
C GLU B 87 4.60 36.94 -11.82
N GLN B 88 3.95 36.38 -12.82
CA GLN B 88 2.52 36.42 -12.81
C GLN B 88 2.06 35.61 -11.61
N ALA B 89 2.75 34.50 -11.38
CA ALA B 89 2.40 33.60 -10.27
C ALA B 89 2.58 34.26 -8.95
N MET B 90 3.68 34.95 -8.85
CA MET B 90 4.00 35.62 -7.61
C MET B 90 3.05 36.65 -7.19
N ARG B 91 2.42 37.26 -8.15
CA ARG B 91 1.50 38.33 -7.76
C ARG B 91 0.15 37.79 -7.30
N LEU B 92 -0.09 36.51 -7.46
CA LEU B 92 -1.35 35.92 -7.03
C LEU B 92 -1.15 35.09 -5.77
N ILE B 93 0.13 35.00 -5.36
CA ILE B 93 0.54 34.28 -4.19
C ILE B 93 1.01 35.24 -3.09
N PRO B 94 0.26 35.29 -1.96
CA PRO B 94 0.58 36.21 -0.89
C PRO B 94 1.78 35.81 -0.05
N GLY B 95 2.50 36.80 0.41
CA GLY B 95 3.68 36.63 1.25
C GLY B 95 4.92 36.13 0.55
N PRO B 96 5.88 35.81 1.40
CA PRO B 96 7.22 35.38 1.03
C PRO B 96 7.37 34.19 0.15
N LYS B 97 8.21 34.32 -0.89
CA LYS B 97 8.51 33.18 -1.78
C LYS B 97 9.98 33.13 -2.14
N ARG B 98 10.34 32.04 -2.78
CA ARG B 98 11.70 31.99 -3.20
C ARG B 98 11.63 31.27 -4.49
N LEU B 99 12.71 31.38 -5.25
CA LEU B 99 12.80 30.66 -6.48
C LEU B 99 13.84 29.58 -6.29
N ASN B 100 13.53 28.39 -6.82
CA ASN B 100 14.36 27.22 -6.71
C ASN B 100 14.81 26.79 -8.09
N LEU B 101 16.12 26.93 -8.33
CA LEU B 101 16.61 26.67 -9.67
C LEU B 101 17.40 25.44 -9.85
N HIS B 102 17.34 25.01 -11.07
CA HIS B 102 18.06 23.85 -11.57
C HIS B 102 19.19 24.31 -12.49
N ALA B 103 20.27 23.54 -12.56
CA ALA B 103 21.40 23.91 -13.43
C ALA B 103 21.08 24.07 -14.94
N ILE B 104 20.29 23.17 -15.50
CA ILE B 104 19.92 23.31 -16.89
C ILE B 104 19.17 24.61 -17.15
N TYR B 105 18.86 25.42 -16.11
CA TYR B 105 18.17 26.73 -16.27
C TYR B 105 19.21 27.86 -16.35
N LEU B 106 20.47 27.46 -16.56
CA LEU B 106 21.57 28.44 -16.65
C LEU B 106 21.41 29.35 -17.86
N GLU B 107 21.96 30.54 -17.76
CA GLU B 107 21.91 31.35 -18.97
C GLU B 107 23.32 31.62 -19.56
N SER B 108 23.52 31.23 -20.81
CA SER B 108 24.75 31.43 -21.57
C SER B 108 24.46 31.51 -23.07
N ASP B 109 25.24 32.34 -23.76
CA ASP B 109 25.11 32.52 -25.19
C ASP B 109 25.60 31.25 -25.87
N THR B 110 26.71 30.77 -25.36
CA THR B 110 27.41 29.53 -25.73
C THR B 110 27.06 28.38 -24.75
N PRO B 111 26.96 27.16 -25.26
CA PRO B 111 26.76 25.96 -24.47
C PRO B 111 27.88 25.73 -23.46
N VAL B 112 27.48 25.16 -22.34
CA VAL B 112 28.40 24.93 -21.31
C VAL B 112 28.32 23.52 -20.79
N SER B 113 29.46 22.88 -20.71
CA SER B 113 29.44 21.56 -20.12
C SER B 113 28.96 21.62 -18.68
N ARG B 114 28.12 20.66 -18.27
CA ARG B 114 27.60 20.68 -16.89
C ARG B 114 28.76 20.68 -15.93
N ASP B 115 29.82 20.03 -16.33
CA ASP B 115 30.92 20.09 -15.41
C ASP B 115 31.64 21.44 -15.44
N GLN B 116 31.11 22.49 -16.10
CA GLN B 116 31.90 23.70 -16.04
C GLN B 116 31.08 24.94 -15.84
N ILE B 117 29.93 24.74 -15.18
CA ILE B 117 29.04 25.86 -14.94
C ILE B 117 29.65 26.82 -13.95
N LYS B 118 29.27 28.07 -14.08
CA LYS B 118 29.77 29.05 -13.18
C LYS B 118 28.70 30.02 -12.82
N PRO B 119 28.94 30.67 -11.72
CA PRO B 119 28.07 31.65 -11.15
C PRO B 119 27.56 32.53 -12.22
N GLU B 120 28.51 32.88 -13.05
CA GLU B 120 28.11 33.77 -14.09
C GLU B 120 27.01 33.27 -15.02
N HIS B 121 26.74 31.95 -15.12
CA HIS B 121 25.69 31.50 -16.01
C HIS B 121 24.33 31.68 -15.35
N PHE B 122 24.44 32.20 -14.13
CA PHE B 122 23.31 32.43 -13.28
C PHE B 122 23.22 33.89 -12.87
N LYS B 123 23.99 34.77 -13.47
CA LYS B 123 23.85 36.18 -13.11
C LYS B 123 22.51 36.81 -13.30
N ASN B 124 21.85 36.47 -14.39
CA ASN B 124 20.59 37.18 -14.58
C ASN B 124 19.60 36.86 -13.49
N TRP B 125 19.65 35.56 -13.19
CA TRP B 125 18.78 35.01 -12.19
C TRP B 125 18.92 35.82 -10.91
N VAL B 126 20.17 35.96 -10.51
CA VAL B 126 20.47 36.69 -9.30
C VAL B 126 19.94 38.13 -9.28
N GLU B 127 20.17 38.82 -10.37
CA GLU B 127 19.67 40.18 -10.41
C GLU B 127 18.19 40.24 -10.38
N TRP B 128 17.54 39.27 -11.02
CA TRP B 128 16.09 39.28 -11.01
C TRP B 128 15.61 39.00 -9.59
N ALA B 129 16.28 38.01 -9.03
CA ALA B 129 15.99 37.65 -7.68
C ALA B 129 16.00 38.92 -6.81
N LYS B 130 17.05 39.74 -6.95
CA LYS B 130 17.06 40.94 -6.10
C LYS B 130 15.93 41.90 -6.46
N ALA B 131 15.71 42.03 -7.72
CA ALA B 131 14.65 42.93 -8.09
C ALA B 131 13.38 42.50 -7.38
N ASN B 132 13.04 41.20 -7.48
CA ASN B 132 11.83 40.64 -6.87
C ASN B 132 11.89 40.29 -5.41
N GLN B 133 13.01 40.58 -4.77
CA GLN B 133 13.09 40.29 -3.38
C GLN B 133 12.85 38.82 -3.07
N LEU B 134 13.43 37.97 -3.89
CA LEU B 134 13.35 36.55 -3.71
C LEU B 134 14.72 36.00 -3.38
N GLY B 135 14.65 34.89 -2.63
CA GLY B 135 15.79 34.12 -2.23
C GLY B 135 15.95 33.09 -3.30
N LEU B 136 17.14 32.52 -3.43
CA LEU B 136 17.38 31.47 -4.43
C LEU B 136 18.01 30.22 -3.84
N ASP B 137 17.49 29.13 -4.34
CA ASP B 137 17.89 27.77 -4.05
C ASP B 137 18.34 27.12 -5.33
N PHE B 138 19.10 26.08 -5.20
CA PHE B 138 19.61 25.53 -6.41
C PHE B 138 19.61 24.02 -6.49
N ASN B 139 19.96 23.51 -7.67
CA ASN B 139 20.03 22.09 -7.91
C ASN B 139 20.93 21.70 -9.11
N PRO B 140 21.85 20.76 -8.88
CA PRO B 140 22.64 20.20 -9.95
C PRO B 140 21.66 19.41 -10.81
N SER B 141 21.86 19.36 -12.15
CA SER B 141 20.97 18.63 -13.01
C SER B 141 21.56 17.37 -13.36
N CYS B 142 21.06 16.32 -12.74
CA CYS B 142 21.68 15.03 -13.02
C CYS B 142 20.83 14.05 -13.77
N PHE B 143 20.03 14.56 -14.72
CA PHE B 143 19.16 13.72 -15.54
C PHE B 143 19.09 14.36 -16.91
N SER B 144 18.23 13.89 -17.80
CA SER B 144 18.17 14.46 -19.14
C SER B 144 19.59 14.80 -19.70
N HIS B 145 20.43 13.77 -19.88
CA HIS B 145 21.76 13.98 -20.37
C HIS B 145 22.40 12.69 -20.84
N PRO B 146 23.17 12.81 -21.87
CA PRO B 146 23.83 11.66 -22.42
C PRO B 146 24.53 10.86 -21.35
N LEU B 147 25.23 11.61 -20.50
CA LEU B 147 26.01 11.09 -19.40
C LEU B 147 25.19 10.44 -18.32
N SER B 148 23.83 10.50 -18.44
CA SER B 148 22.97 9.85 -17.41
C SER B 148 22.00 8.80 -17.99
N ALA B 149 22.20 8.46 -19.24
CA ALA B 149 21.27 7.55 -19.92
C ALA B 149 21.38 6.08 -19.57
N ASP B 150 22.41 5.75 -18.84
CA ASP B 150 22.63 4.39 -18.41
C ASP B 150 21.78 4.18 -17.20
N GLY B 151 21.32 5.30 -16.72
CA GLY B 151 20.51 5.28 -15.53
C GLY B 151 21.35 5.49 -14.27
N PHE B 152 22.65 5.83 -14.41
CA PHE B 152 23.57 6.07 -13.28
C PHE B 152 24.39 7.30 -13.56
N THR B 153 24.62 8.09 -12.55
CA THR B 153 25.41 9.28 -12.73
C THR B 153 26.53 9.20 -11.71
N LEU B 154 26.28 9.82 -10.57
CA LEU B 154 27.12 9.86 -9.40
C LEU B 154 27.44 8.41 -8.93
N SER B 155 26.59 7.42 -9.20
CA SER B 155 26.91 6.03 -8.79
C SER B 155 27.43 5.22 -9.98
N HIS B 156 27.84 5.93 -11.02
CA HIS B 156 28.31 5.29 -12.24
C HIS B 156 29.64 4.56 -12.03
N ALA B 157 29.71 3.31 -12.53
CA ALA B 157 30.94 2.52 -12.42
C ALA B 157 32.09 3.15 -13.21
N ASP B 158 31.75 3.68 -14.39
CA ASP B 158 32.70 4.35 -15.22
C ASP B 158 33.22 5.55 -14.48
N ASP B 159 34.54 5.50 -14.18
CA ASP B 159 35.26 6.58 -13.47
C ASP B 159 35.09 7.93 -14.15
N SER B 160 35.03 7.92 -15.50
CA SER B 160 34.92 9.18 -16.23
C SER B 160 33.58 9.93 -16.08
N ILE B 161 32.52 9.17 -16.28
CA ILE B 161 31.16 9.62 -16.15
C ILE B 161 30.91 10.09 -14.75
N ARG B 162 31.27 9.20 -13.83
CA ARG B 162 31.12 9.57 -12.44
C ARG B 162 31.84 10.85 -12.13
N GLN B 163 33.09 10.96 -12.64
CA GLN B 163 33.86 12.19 -12.36
C GLN B 163 33.09 13.42 -12.83
N PHE B 164 32.54 13.36 -14.09
CA PHE B 164 31.73 14.41 -14.71
C PHE B 164 30.60 14.90 -13.80
N TRP B 165 29.86 13.94 -13.21
CA TRP B 165 28.72 14.24 -12.28
C TRP B 165 29.17 14.87 -10.97
N ILE B 166 30.32 14.35 -10.50
CA ILE B 166 30.96 14.90 -9.30
C ILE B 166 31.29 16.35 -9.54
N ASP B 167 32.05 16.56 -10.61
CA ASP B 167 32.50 17.89 -11.00
C ASP B 167 31.31 18.77 -11.23
N HIS B 168 30.30 18.18 -11.88
CA HIS B 168 29.11 18.98 -12.07
C HIS B 168 28.48 19.47 -10.73
N CYS B 169 28.42 18.59 -9.77
CA CYS B 169 27.82 19.02 -8.48
C CYS B 169 28.70 19.92 -7.68
N LYS B 170 29.97 19.71 -7.86
CA LYS B 170 30.95 20.58 -7.19
C LYS B 170 30.89 22.01 -7.71
N ALA B 171 30.70 22.10 -9.00
CA ALA B 171 30.58 23.44 -9.56
C ALA B 171 29.32 24.09 -9.05
N SER B 172 28.26 23.26 -9.06
CA SER B 172 26.92 23.67 -8.61
C SER B 172 26.88 24.40 -7.27
N ARG B 173 27.53 23.78 -6.28
CA ARG B 173 27.67 24.28 -4.92
C ARG B 173 28.25 25.65 -4.95
N ARG B 174 29.12 25.84 -5.95
CA ARG B 174 29.81 27.13 -6.10
C ARG B 174 28.80 28.11 -6.63
N VAL B 175 27.90 27.66 -7.51
CA VAL B 175 26.85 28.57 -7.99
C VAL B 175 25.95 29.04 -6.83
N SER B 176 25.50 28.02 -6.10
CA SER B 176 24.62 28.11 -4.94
C SER B 176 25.25 29.05 -3.94
N ALA B 177 26.50 28.72 -3.60
CA ALA B 177 27.24 29.58 -2.67
C ALA B 177 27.23 31.05 -3.06
N TYR B 178 27.29 31.29 -4.39
CA TYR B 178 27.24 32.60 -5.04
C TYR B 178 25.88 33.25 -4.75
N PHE B 179 24.81 32.48 -4.95
CA PHE B 179 23.47 32.98 -4.65
C PHE B 179 23.38 33.50 -3.19
N GLY B 180 23.82 32.63 -2.29
CA GLY B 180 23.78 32.98 -0.89
C GLY B 180 24.47 34.31 -0.63
N GLU B 181 25.67 34.47 -1.26
CA GLU B 181 26.53 35.64 -1.16
C GLU B 181 25.85 36.89 -1.69
N GLN B 182 25.18 36.70 -2.80
CA GLN B 182 24.53 37.79 -3.44
C GLN B 182 23.21 38.21 -2.83
N LEU B 183 22.44 37.21 -2.42
CA LEU B 183 21.14 37.54 -1.90
C LEU B 183 21.11 37.74 -0.40
N GLY B 184 22.12 37.26 0.28
CA GLY B 184 22.11 37.48 1.72
C GLY B 184 21.21 36.50 2.43
N THR B 185 20.98 35.37 1.76
CA THR B 185 20.19 34.33 2.31
C THR B 185 20.76 33.08 1.71
N PRO B 186 21.26 32.20 2.53
CA PRO B 186 21.86 30.97 2.03
C PRO B 186 21.01 30.30 0.99
N SER B 187 21.66 29.67 0.05
CA SER B 187 20.93 29.00 -0.97
C SER B 187 21.02 27.54 -0.64
N VAL B 188 19.88 26.85 -0.55
CA VAL B 188 19.93 25.42 -0.26
C VAL B 188 20.13 24.68 -1.58
N MET B 189 21.15 23.86 -1.68
CA MET B 189 21.29 23.15 -2.94
C MET B 189 20.98 21.69 -2.74
N ASN B 190 19.95 21.22 -3.42
CA ASN B 190 19.53 19.84 -3.26
C ASN B 190 20.15 18.95 -4.26
N ILE B 191 20.51 17.76 -3.80
CA ILE B 191 21.12 16.74 -4.60
C ILE B 191 20.20 15.62 -4.84
N TRP B 192 19.82 15.49 -6.11
CA TRP B 192 18.91 14.47 -6.52
C TRP B 192 19.37 13.74 -7.76
N ILE B 193 19.54 12.40 -7.69
CA ILE B 193 19.99 11.60 -8.81
C ILE B 193 18.96 10.55 -9.17
N PRO B 194 18.91 10.11 -10.38
CA PRO B 194 17.88 9.13 -10.71
C PRO B 194 18.41 7.74 -10.61
N ASP B 195 19.72 7.62 -10.38
CA ASP B 195 20.40 6.34 -10.30
C ASP B 195 19.55 5.24 -9.70
N GLY B 196 19.39 4.16 -10.43
CA GLY B 196 18.59 3.04 -10.02
C GLY B 196 18.49 2.05 -11.17
N MET B 197 17.67 0.99 -10.94
CA MET B 197 17.40 -0.07 -11.88
C MET B 197 15.95 -0.31 -11.97
N LYS B 198 15.64 -0.77 -13.17
CA LYS B 198 14.32 -1.09 -13.62
C LYS B 198 13.84 -2.39 -13.08
N ASP B 199 14.71 -3.39 -13.18
CA ASP B 199 14.28 -4.70 -12.80
C ASP B 199 15.19 -5.30 -11.75
N ILE B 200 15.01 -6.62 -11.52
CA ILE B 200 15.73 -7.37 -10.51
C ILE B 200 17.18 -7.06 -10.59
N THR B 201 17.73 -6.65 -9.45
CA THR B 201 19.13 -6.25 -9.37
C THR B 201 19.98 -7.21 -8.62
N VAL B 202 21.19 -7.43 -9.06
CA VAL B 202 22.07 -8.36 -8.36
C VAL B 202 22.85 -7.59 -7.29
N ASP B 203 23.34 -6.40 -7.67
CA ASP B 203 24.13 -5.65 -6.73
C ASP B 203 23.70 -4.25 -6.38
N ARG B 204 23.00 -4.06 -5.26
CA ARG B 204 22.55 -2.75 -4.78
C ARG B 204 23.60 -2.10 -3.92
N LEU B 205 24.64 -2.89 -3.62
CA LEU B 205 25.76 -2.39 -2.78
C LEU B 205 26.81 -1.53 -3.50
N ALA B 206 27.42 -2.01 -4.58
CA ALA B 206 28.49 -1.25 -5.31
C ALA B 206 28.13 0.19 -5.74
N PRO B 207 26.92 0.35 -6.30
CA PRO B 207 26.44 1.66 -6.65
C PRO B 207 26.37 2.60 -5.46
N ARG B 208 25.81 2.10 -4.35
CA ARG B 208 25.65 2.87 -3.11
C ARG B 208 27.02 3.28 -2.58
N GLN B 209 27.99 2.34 -2.66
CA GLN B 209 29.37 2.64 -2.22
C GLN B 209 29.98 3.77 -3.04
N ARG B 210 29.72 3.74 -4.34
CA ARG B 210 30.21 4.80 -5.22
C ARG B 210 29.43 6.08 -5.00
N LEU B 211 28.19 5.94 -4.62
CA LEU B 211 27.43 7.14 -4.40
C LEU B 211 27.99 7.79 -3.14
N LEU B 212 28.17 6.98 -2.13
CA LEU B 212 28.75 7.51 -0.91
C LEU B 212 30.06 8.28 -1.18
N ALA B 213 30.98 7.60 -1.91
CA ALA B 213 32.28 8.23 -2.18
C ALA B 213 32.22 9.56 -2.96
N ALA B 214 31.35 9.59 -3.96
CA ALA B 214 31.13 10.73 -4.83
C ALA B 214 30.61 11.95 -4.10
N LEU B 215 29.63 11.68 -3.19
CA LEU B 215 28.99 12.74 -2.41
C LEU B 215 30.03 13.34 -1.50
N ASP B 216 30.78 12.48 -0.84
CA ASP B 216 31.80 13.06 0.02
C ASP B 216 32.71 13.96 -0.78
N GLU B 217 33.06 13.41 -1.95
CA GLU B 217 33.91 14.16 -2.88
C GLU B 217 33.18 15.45 -3.29
N VAL B 218 31.93 15.27 -3.66
CA VAL B 218 31.14 16.45 -4.00
C VAL B 218 31.04 17.53 -2.91
N ILE B 219 30.99 17.15 -1.65
CA ILE B 219 30.83 18.21 -0.62
C ILE B 219 32.13 18.60 0.10
N SER B 220 33.23 18.00 -0.32
CA SER B 220 34.54 18.22 0.27
C SER B 220 34.95 19.67 0.33
N GLU B 221 34.50 20.45 -0.62
CA GLU B 221 34.90 21.82 -0.56
C GLU B 221 34.05 22.57 0.42
N LYS B 222 34.68 22.96 1.50
CA LYS B 222 33.95 23.66 2.52
C LYS B 222 33.61 25.09 2.15
N LEU B 223 32.29 25.34 2.02
CA LEU B 223 31.77 26.64 1.68
C LEU B 223 31.07 27.24 2.88
N ASN B 224 30.94 28.57 2.87
CA ASN B 224 30.26 29.39 3.89
C ASN B 224 28.78 29.06 4.11
N PRO B 225 28.51 28.54 5.26
CA PRO B 225 27.18 28.16 5.64
C PRO B 225 26.21 29.30 5.54
N ALA B 226 26.66 30.53 5.72
CA ALA B 226 25.71 31.62 5.63
C ALA B 226 25.25 31.82 4.20
N HIS B 227 25.99 31.20 3.29
CA HIS B 227 25.66 31.31 1.89
C HIS B 227 25.11 30.11 1.18
N HIS B 228 25.40 28.95 1.68
CA HIS B 228 25.00 27.77 0.98
C HIS B 228 24.74 26.61 1.94
N ILE B 229 23.96 25.64 1.51
CA ILE B 229 23.71 24.47 2.30
C ILE B 229 23.47 23.34 1.34
N ASP B 230 23.99 22.16 1.70
CA ASP B 230 23.80 21.03 0.82
C ASP B 230 22.66 20.17 1.31
N ALA B 231 21.85 19.63 0.39
CA ALA B 231 20.76 18.74 0.83
C ALA B 231 20.72 17.49 -0.02
N VAL B 232 20.20 16.40 0.47
CA VAL B 232 20.19 15.25 -0.42
C VAL B 232 18.81 14.65 -0.38
N GLU B 233 18.29 14.19 -1.53
CA GLU B 233 16.93 13.70 -1.52
C GLU B 233 16.74 12.28 -1.95
N SER B 234 16.14 11.45 -1.11
CA SER B 234 15.94 10.08 -1.56
C SER B 234 14.66 9.98 -2.36
N LYS B 235 14.54 8.80 -2.90
CA LYS B 235 13.43 8.40 -3.73
C LYS B 235 13.30 6.92 -3.61
N LEU B 236 12.06 6.42 -3.80
CA LEU B 236 11.76 4.98 -3.68
C LEU B 236 11.82 4.25 -5.01
N PHE B 237 11.23 4.90 -6.04
CA PHE B 237 11.20 4.33 -7.40
C PHE B 237 10.79 5.38 -8.46
N GLY B 238 11.18 5.13 -9.69
CA GLY B 238 10.86 6.05 -10.75
C GLY B 238 10.50 5.23 -11.96
N ILE B 239 9.84 5.89 -12.88
CA ILE B 239 9.49 5.18 -14.06
C ILE B 239 10.76 4.77 -14.75
N GLY B 240 10.82 3.47 -15.02
CA GLY B 240 11.92 2.82 -15.69
C GLY B 240 13.10 2.52 -14.74
N ALA B 241 12.93 2.75 -13.44
CA ALA B 241 13.97 2.48 -12.43
C ALA B 241 13.19 2.07 -11.22
N GLU B 242 12.21 1.29 -11.55
CA GLU B 242 11.25 0.82 -10.62
C GLU B 242 11.75 -0.12 -9.54
N SER B 243 12.72 -0.95 -9.86
CA SER B 243 13.14 -1.96 -8.92
C SER B 243 14.04 -1.55 -7.82
N TYR B 244 14.90 -0.60 -8.13
CA TYR B 244 15.87 -0.26 -7.18
C TYR B 244 16.31 1.14 -7.36
N THR B 245 16.56 1.80 -6.26
CA THR B 245 17.03 3.15 -6.28
C THR B 245 18.26 3.24 -5.42
N VAL B 246 19.31 3.70 -6.00
CA VAL B 246 20.58 3.89 -5.30
C VAL B 246 20.52 4.75 -4.02
N GLY B 247 20.12 6.01 -4.15
CA GLY B 247 19.98 6.91 -3.01
C GLY B 247 18.60 6.68 -2.39
N SER B 248 18.48 5.65 -1.54
CA SER B 248 17.21 5.37 -0.93
C SER B 248 17.00 6.24 0.31
N ASN B 249 15.87 6.05 0.96
CA ASN B 249 15.56 6.71 2.20
C ASN B 249 16.67 6.42 3.25
N GLU B 250 16.90 5.13 3.54
CA GLU B 250 17.95 4.81 4.52
C GLU B 250 19.33 5.34 4.11
N PHE B 251 19.70 5.17 2.84
CA PHE B 251 20.98 5.72 2.31
C PHE B 251 21.21 7.20 2.71
N TYR B 252 20.24 8.06 2.41
CA TYR B 252 20.34 9.49 2.67
C TYR B 252 20.07 9.93 4.10
N MET B 253 19.29 9.15 4.79
CA MET B 253 19.11 9.54 6.16
C MET B 253 20.53 9.27 6.71
N GLY B 254 21.09 8.07 6.37
CA GLY B 254 22.46 7.70 6.80
C GLY B 254 23.49 8.81 6.45
N TYR B 255 23.52 9.15 5.16
CA TYR B 255 24.40 10.18 4.67
C TYR B 255 24.26 11.52 5.36
N ALA B 256 23.01 12.01 5.43
CA ALA B 256 22.79 13.32 5.99
C ALA B 256 23.13 13.35 7.46
N THR B 257 22.83 12.23 8.10
CA THR B 257 23.10 12.11 9.50
C THR B 257 24.62 12.11 9.74
N SER B 258 25.38 11.25 9.02
CA SER B 258 26.82 11.28 9.28
C SER B 258 27.54 12.42 8.67
N ARG B 259 27.01 13.03 7.62
CA ARG B 259 27.81 14.06 7.03
C ARG B 259 27.28 15.39 7.43
N GLN B 260 26.18 15.27 8.13
CA GLN B 260 25.58 16.47 8.60
C GLN B 260 25.18 17.43 7.52
N THR B 261 24.53 16.85 6.49
CA THR B 261 24.01 17.70 5.44
C THR B 261 22.55 17.85 5.76
N ALA B 262 21.83 18.63 4.95
CA ALA B 262 20.40 18.78 5.12
C ALA B 262 19.81 17.57 4.49
N LEU B 263 18.60 17.22 4.92
CA LEU B 263 17.94 16.08 4.35
C LEU B 263 16.76 16.60 3.59
N CYS B 264 16.56 16.09 2.39
CA CYS B 264 15.42 16.51 1.63
C CYS B 264 14.31 15.48 1.63
N LEU B 265 13.15 15.94 2.14
CA LEU B 265 11.99 15.06 2.14
C LEU B 265 10.95 15.45 1.09
N ASP B 266 10.75 14.53 0.13
CA ASP B 266 9.77 14.72 -0.93
C ASP B 266 8.53 13.85 -0.67
N ALA B 267 7.36 14.50 -0.51
CA ALA B 267 6.08 13.85 -0.24
C ALA B 267 5.64 12.89 -1.27
N GLY B 268 6.18 12.97 -2.46
CA GLY B 268 5.74 11.96 -3.43
C GLY B 268 6.80 10.89 -3.55
N HIS B 269 7.82 10.95 -2.72
CA HIS B 269 8.95 10.01 -2.83
C HIS B 269 8.96 8.74 -1.99
N PHE B 270 7.84 8.41 -1.34
CA PHE B 270 7.81 7.24 -0.48
C PHE B 270 6.87 6.10 -0.84
N HIS B 271 6.70 5.18 0.10
CA HIS B 271 5.82 4.05 -0.11
C HIS B 271 4.32 4.48 0.06
N PRO B 272 3.46 3.62 -0.46
CA PRO B 272 2.03 3.87 -0.34
C PRO B 272 1.76 4.01 1.12
N THR B 273 1.10 5.08 1.51
CA THR B 273 0.70 5.43 2.89
C THR B 273 1.81 6.05 3.66
N GLU B 274 3.01 6.03 3.10
CA GLU B 274 4.05 6.63 3.90
C GLU B 274 3.96 8.14 3.89
N VAL B 275 4.25 8.83 5.02
CA VAL B 275 4.14 10.26 5.05
C VAL B 275 5.29 11.03 5.61
N ILE B 276 5.67 12.07 4.91
CA ILE B 276 6.80 12.78 5.42
C ILE B 276 6.49 13.62 6.61
N SER B 277 5.20 13.81 6.82
CA SER B 277 4.84 14.65 7.95
C SER B 277 5.43 14.12 9.23
N ASP B 278 5.34 12.81 9.34
CA ASP B 278 5.81 12.04 10.48
C ASP B 278 7.30 12.14 10.68
N LYS B 279 7.99 12.13 9.53
CA LYS B 279 9.44 12.19 9.41
C LYS B 279 10.05 13.48 9.90
N ILE B 280 9.30 14.54 9.87
CA ILE B 280 9.96 15.75 10.25
C ILE B 280 10.64 15.79 11.60
N SER B 281 9.83 15.44 12.59
CA SER B 281 10.30 15.47 13.97
C SER B 281 11.36 14.41 14.28
N ALA B 282 11.36 13.31 13.53
CA ALA B 282 12.36 12.28 13.72
C ALA B 282 13.77 12.66 13.22
N ALA B 283 13.78 13.17 11.98
CA ALA B 283 14.96 13.53 11.23
C ALA B 283 15.68 14.67 11.82
N MET B 284 14.88 15.60 12.25
CA MET B 284 15.46 16.81 12.79
C MET B 284 16.25 16.61 14.04
N LEU B 285 16.04 15.45 14.61
CA LEU B 285 16.76 15.08 15.78
C LEU B 285 18.17 14.69 15.29
N TYR B 286 18.31 14.37 13.99
CA TYR B 286 19.62 13.96 13.48
C TYR B 286 20.36 14.81 12.45
N VAL B 287 19.63 15.54 11.61
CA VAL B 287 20.27 16.34 10.56
C VAL B 287 20.13 17.80 10.89
N PRO B 288 21.01 18.68 10.37
CA PRO B 288 20.92 20.09 10.77
C PRO B 288 19.79 20.86 10.14
N GLN B 289 19.33 20.38 9.01
CA GLN B 289 18.29 21.16 8.40
C GLN B 289 17.48 20.27 7.56
N LEU B 290 16.29 20.76 7.24
CA LEU B 290 15.38 20.02 6.40
C LEU B 290 14.92 20.85 5.23
N LEU B 291 14.91 20.16 4.11
CA LEU B 291 14.43 20.79 2.93
C LEU B 291 13.19 20.01 2.58
N LEU B 292 12.04 20.67 2.46
CA LEU B 292 10.86 19.91 2.11
C LEU B 292 10.46 20.12 0.66
N HIS B 293 10.23 19.03 -0.04
CA HIS B 293 9.68 19.07 -1.38
C HIS B 293 8.22 18.63 -1.24
N VAL B 294 7.36 19.61 -0.99
CA VAL B 294 5.92 19.34 -0.85
C VAL B 294 5.36 19.04 -2.25
N SER B 295 4.80 17.84 -2.39
CA SER B 295 4.34 17.29 -3.64
C SER B 295 3.19 16.39 -3.41
N ARG B 296 2.32 16.32 -4.41
CA ARG B 296 1.20 15.42 -4.34
C ARG B 296 1.38 14.24 -5.28
N PRO B 297 1.54 13.06 -4.71
CA PRO B 297 1.68 11.87 -5.53
C PRO B 297 0.32 11.24 -5.73
N VAL B 298 0.15 10.58 -6.85
CA VAL B 298 -1.10 9.92 -7.13
C VAL B 298 -0.76 8.55 -7.60
N ARG B 299 -0.38 7.70 -6.63
CA ARG B 299 0.00 6.32 -6.89
C ARG B 299 1.39 6.12 -7.54
N TRP B 300 2.18 7.19 -7.49
CA TRP B 300 3.53 7.16 -8.02
C TRP B 300 4.14 8.56 -7.80
N ASP B 301 5.47 8.73 -8.11
CA ASP B 301 6.11 10.02 -7.98
C ASP B 301 5.69 10.90 -9.20
N SER B 302 4.38 11.16 -9.25
CA SER B 302 3.72 11.87 -10.32
C SER B 302 3.80 13.36 -10.32
N ASP B 303 4.20 13.92 -9.23
CA ASP B 303 4.33 15.35 -9.22
C ASP B 303 3.10 16.19 -9.55
N HIS B 304 1.94 15.86 -8.99
CA HIS B 304 0.73 16.62 -9.17
C HIS B 304 0.70 17.82 -8.25
N VAL B 305 -0.15 18.75 -8.55
CA VAL B 305 -0.23 19.91 -7.71
C VAL B 305 -0.67 19.68 -6.26
N VAL B 306 -0.01 20.42 -5.36
CA VAL B 306 -0.26 20.37 -3.94
C VAL B 306 -1.63 20.86 -3.50
N LEU B 307 -2.41 19.98 -2.85
CA LEU B 307 -3.72 20.42 -2.38
C LEU B 307 -3.74 20.76 -0.92
N LEU B 308 -4.83 21.41 -0.52
CA LEU B 308 -4.97 21.70 0.89
C LEU B 308 -5.66 20.41 1.34
N ASP B 309 -4.85 19.44 1.67
CA ASP B 309 -5.34 18.13 2.01
C ASP B 309 -4.78 17.63 3.36
N ASP B 310 -5.09 16.38 3.67
CA ASP B 310 -4.64 15.91 4.94
C ASP B 310 -3.15 16.06 5.10
N GLU B 311 -2.41 15.51 4.14
CA GLU B 311 -0.97 15.52 4.25
C GLU B 311 -0.26 16.83 4.23
N THR B 312 -0.74 17.73 3.40
CA THR B 312 -0.09 19.04 3.31
C THR B 312 -0.31 19.77 4.65
N GLN B 313 -1.51 19.60 5.14
CA GLN B 313 -1.85 20.22 6.41
C GLN B 313 -0.93 19.64 7.48
N ALA B 314 -0.81 18.32 7.45
CA ALA B 314 0.06 17.66 8.42
C ALA B 314 1.44 18.26 8.41
N ILE B 315 1.98 18.35 7.21
CA ILE B 315 3.30 18.92 7.03
C ILE B 315 3.41 20.27 7.65
N ALA B 316 2.46 21.13 7.33
CA ALA B 316 2.48 22.49 7.88
C ALA B 316 2.46 22.58 9.40
N SER B 317 1.63 21.69 9.95
CA SER B 317 1.40 21.54 11.40
C SER B 317 2.68 21.11 12.12
N GLU B 318 3.32 20.10 11.57
CA GLU B 318 4.52 19.65 12.15
C GLU B 318 5.53 20.73 12.20
N ILE B 319 5.63 21.55 11.16
CA ILE B 319 6.64 22.61 11.14
C ILE B 319 6.43 23.69 12.16
N VAL B 320 5.20 24.11 12.11
CA VAL B 320 4.78 25.20 12.93
C VAL B 320 4.71 24.87 14.40
N ARG B 321 4.15 23.68 14.70
CA ARG B 321 4.00 23.19 16.08
C ARG B 321 5.36 23.21 16.77
N HIS B 322 6.39 23.06 15.96
CA HIS B 322 7.69 23.01 16.53
C HIS B 322 8.52 24.21 16.15
N ASP B 323 7.84 25.29 15.88
CA ASP B 323 8.58 26.49 15.53
C ASP B 323 9.73 26.31 14.56
N LEU B 324 9.61 25.36 13.63
CA LEU B 324 10.65 25.05 12.66
C LEU B 324 10.93 26.15 11.65
N PHE B 325 10.80 27.39 12.04
CA PHE B 325 11.04 28.46 11.07
C PHE B 325 12.41 28.50 10.41
N ASP B 326 13.43 28.15 11.13
CA ASP B 326 14.74 28.27 10.54
C ASP B 326 15.32 27.08 9.85
N ARG B 327 15.20 25.94 10.51
CA ARG B 327 15.76 24.70 10.04
C ARG B 327 15.01 24.00 8.92
N VAL B 328 13.80 24.51 8.62
CA VAL B 328 13.01 23.88 7.57
C VAL B 328 12.92 24.76 6.38
N HIS B 329 13.29 24.25 5.25
CA HIS B 329 13.17 25.08 4.07
C HIS B 329 12.06 24.46 3.30
N ILE B 330 11.02 25.26 3.19
CA ILE B 330 9.81 24.80 2.54
C ILE B 330 9.85 24.93 1.05
N GLY B 331 9.80 23.79 0.35
CA GLY B 331 9.84 23.82 -1.08
C GLY B 331 8.68 23.10 -1.72
N LEU B 332 8.47 23.34 -3.02
CA LEU B 332 7.40 22.66 -3.72
C LEU B 332 8.07 21.84 -4.76
N ASP B 333 7.44 20.81 -5.15
CA ASP B 333 8.00 20.02 -6.17
C ASP B 333 6.88 19.35 -6.91
N PHE B 334 6.47 19.98 -8.01
CA PHE B 334 5.42 19.36 -8.83
C PHE B 334 5.65 19.80 -10.25
N PHE B 335 5.05 19.08 -11.17
CA PHE B 335 5.15 19.46 -12.58
C PHE B 335 3.97 18.97 -13.42
N ASP B 336 2.80 19.59 -13.23
CA ASP B 336 1.60 19.22 -14.01
C ASP B 336 1.63 19.91 -15.35
N ALA B 337 1.66 19.15 -16.45
CA ALA B 337 1.67 19.76 -17.79
C ALA B 337 0.29 19.61 -18.42
N SER B 338 -0.71 19.37 -17.58
CA SER B 338 -2.06 19.14 -18.05
C SER B 338 -3.00 20.28 -17.74
N ILE B 339 -2.46 21.33 -17.15
CA ILE B 339 -3.27 22.48 -16.81
C ILE B 339 -2.40 23.66 -16.95
N ASN B 340 -3.01 24.81 -16.83
CA ASN B 340 -2.17 25.99 -16.92
C ASN B 340 -1.07 26.06 -15.88
N ARG B 341 0.17 26.14 -16.36
CA ARG B 341 1.31 26.16 -15.47
C ARG B 341 1.31 27.20 -14.36
N ILE B 342 0.88 28.40 -14.67
CA ILE B 342 0.84 29.44 -13.70
C ILE B 342 -0.15 29.07 -12.60
N ALA B 343 -1.32 28.65 -13.01
CA ALA B 343 -2.39 28.25 -12.07
C ALA B 343 -1.83 27.21 -11.13
N ALA B 344 -1.15 26.23 -11.73
CA ALA B 344 -0.48 25.15 -11.04
C ALA B 344 0.35 25.67 -9.85
N TRP B 345 1.20 26.64 -10.17
CA TRP B 345 2.00 27.27 -9.16
C TRP B 345 1.13 28.01 -8.17
N VAL B 346 0.13 28.77 -8.67
CA VAL B 346 -0.75 29.50 -7.79
C VAL B 346 -1.50 28.59 -6.82
N ILE B 347 -2.26 27.60 -7.34
CA ILE B 347 -2.97 26.66 -6.47
C ILE B 347 -2.01 26.07 -5.44
N GLY B 348 -0.88 25.47 -5.91
CA GLY B 348 0.09 24.83 -5.03
C GLY B 348 0.66 25.69 -3.89
N THR B 349 1.15 26.87 -4.22
CA THR B 349 1.76 27.74 -3.23
C THR B 349 0.76 28.28 -2.22
N ARG B 350 -0.41 28.80 -2.68
CA ARG B 350 -1.45 29.30 -1.77
C ARG B 350 -1.83 28.13 -0.80
N ASN B 351 -2.01 26.91 -1.34
CA ASN B 351 -2.31 25.68 -0.61
C ASN B 351 -1.29 25.47 0.48
N MET B 352 0.01 25.56 0.16
CA MET B 352 1.03 25.41 1.19
C MET B 352 0.88 26.47 2.28
N LYS B 353 0.74 27.73 1.91
CA LYS B 353 0.55 28.84 2.81
C LYS B 353 -0.72 28.77 3.67
N LYS B 354 -1.80 28.27 3.05
CA LYS B 354 -3.10 28.08 3.73
C LYS B 354 -2.91 27.07 4.90
N ALA B 355 -2.20 25.98 4.62
CA ALA B 355 -1.90 24.94 5.58
C ALA B 355 -1.05 25.51 6.71
N LEU B 356 -0.03 26.29 6.34
CA LEU B 356 0.79 26.93 7.37
C LEU B 356 -0.02 27.87 8.23
N LEU B 357 -0.82 28.69 7.57
CA LEU B 357 -1.66 29.63 8.30
C LEU B 357 -2.60 28.90 9.29
N ARG B 358 -3.21 27.81 8.83
CA ARG B 358 -4.11 27.15 9.73
C ARG B 358 -3.33 26.62 10.85
N ALA B 359 -2.08 26.23 10.52
CA ALA B 359 -1.22 25.69 11.56
C ALA B 359 -0.94 26.79 12.55
N LEU B 360 -0.74 28.00 12.03
CA LEU B 360 -0.45 29.07 12.90
C LEU B 360 -1.61 29.48 13.80
N LEU B 361 -2.80 29.16 13.40
CA LEU B 361 -4.00 29.51 14.13
C LEU B 361 -4.47 28.39 15.13
N GLU B 362 -3.70 27.32 15.22
CA GLU B 362 -4.01 26.22 16.12
C GLU B 362 -3.61 26.60 17.56
N PRO B 363 -4.42 26.22 18.52
CA PRO B 363 -4.06 26.50 19.91
C PRO B 363 -3.22 25.27 20.32
N THR B 364 -1.98 25.24 19.84
CA THR B 364 -1.08 24.14 20.07
C THR B 364 -0.72 23.91 21.51
N ALA B 365 -0.52 25.01 22.22
CA ALA B 365 -0.16 24.90 23.61
C ALA B 365 -1.24 24.14 24.35
N GLU B 366 -2.47 24.60 24.20
CA GLU B 366 -3.52 23.90 24.87
C GLU B 366 -3.68 22.48 24.46
N LEU B 367 -3.53 22.28 23.19
CA LEU B 367 -3.71 20.95 22.68
C LEU B 367 -2.63 20.02 23.19
N ARG B 368 -1.45 20.59 23.23
CA ARG B 368 -0.27 19.88 23.70
C ARG B 368 -0.50 19.43 25.16
N LYS B 369 -0.91 20.41 25.93
CA LYS B 369 -1.24 20.23 27.32
C LYS B 369 -2.37 19.22 27.41
N LEU B 370 -3.42 19.35 26.67
CA LEU B 370 -4.37 18.29 26.90
C LEU B 370 -3.77 16.93 26.60
N GLU B 371 -2.95 16.98 25.60
CA GLU B 371 -2.46 15.70 25.18
C GLU B 371 -1.55 15.06 26.20
N ALA B 372 -0.70 15.91 26.73
CA ALA B 372 0.24 15.49 27.73
C ALA B 372 -0.51 14.88 28.98
N PRO B 373 -1.84 15.09 29.12
CA PRO B 373 -2.62 14.56 30.22
C PRO B 373 -3.48 13.44 29.88
N GLY B 374 -3.28 12.89 28.70
CA GLY B 374 -4.13 11.75 28.41
C GLY B 374 -5.54 12.14 28.09
N ASP B 375 -5.80 13.47 28.04
CA ASP B 375 -7.10 13.95 27.65
C ASP B 375 -7.31 13.81 26.13
N TYR B 376 -7.24 12.56 25.66
CA TYR B 376 -7.39 12.24 24.23
C TYR B 376 -8.79 12.53 23.71
N THR B 377 -9.76 12.59 24.63
CA THR B 377 -11.10 12.87 24.17
C THR B 377 -11.08 14.29 23.70
N ALA B 378 -10.65 15.17 24.57
CA ALA B 378 -10.59 16.57 24.25
C ALA B 378 -9.59 16.88 23.15
N ARG B 379 -8.50 16.13 23.06
CA ARG B 379 -7.51 16.41 21.99
C ARG B 379 -8.21 16.29 20.62
N LEU B 380 -8.79 15.10 20.40
CA LEU B 380 -9.49 14.79 19.16
C LEU B 380 -10.65 15.77 18.83
N ALA B 381 -11.34 16.13 19.87
CA ALA B 381 -12.48 17.00 19.75
C ALA B 381 -12.08 18.38 19.30
N LEU B 382 -11.11 18.91 20.03
CA LEU B 382 -10.63 20.22 19.74
C LEU B 382 -9.92 20.26 18.44
N LEU B 383 -9.19 19.21 18.16
CA LEU B 383 -8.50 19.14 16.92
C LEU B 383 -9.53 19.29 15.80
N GLU B 384 -10.55 18.48 15.94
CA GLU B 384 -11.63 18.45 15.01
C GLU B 384 -12.42 19.73 15.03
N GLU B 385 -12.55 20.31 16.19
CA GLU B 385 -13.32 21.53 16.18
C GLU B 385 -12.54 22.61 15.48
N GLN B 386 -11.23 22.41 15.39
CA GLN B 386 -10.41 23.46 14.79
C GLN B 386 -10.85 23.67 13.36
N LYS B 387 -11.13 22.56 12.70
CA LYS B 387 -11.53 22.56 11.31
C LYS B 387 -12.72 23.48 11.05
N SER B 388 -13.51 23.80 12.09
CA SER B 388 -14.64 24.68 11.82
C SER B 388 -14.49 26.05 12.37
N LEU B 389 -13.25 26.37 12.81
CA LEU B 389 -13.10 27.73 13.29
C LEU B 389 -12.91 28.53 11.99
N PRO B 390 -13.19 29.85 11.97
CA PRO B 390 -13.11 30.70 10.78
C PRO B 390 -11.72 31.14 10.33
N TRP B 391 -10.89 30.18 9.94
CA TRP B 391 -9.55 30.51 9.48
C TRP B 391 -9.50 31.20 8.12
N GLN B 392 -10.49 30.82 7.34
CA GLN B 392 -10.75 31.35 6.02
C GLN B 392 -10.81 32.88 6.08
N ALA B 393 -11.37 33.44 7.14
CA ALA B 393 -11.42 34.89 7.20
C ALA B 393 -10.05 35.46 7.42
N VAL B 394 -9.23 34.59 8.01
CA VAL B 394 -7.88 35.00 8.30
C VAL B 394 -7.06 34.97 7.07
N TRP B 395 -7.25 33.91 6.28
CA TRP B 395 -6.52 33.74 5.02
C TRP B 395 -6.81 34.88 4.06
N GLU B 396 -8.09 35.14 3.90
CA GLU B 396 -8.55 36.22 3.03
C GLU B 396 -7.95 37.55 3.43
N MET B 397 -7.85 37.87 4.72
CA MET B 397 -7.23 39.15 5.04
C MET B 397 -5.75 39.14 4.71
N TYR B 398 -5.12 37.95 4.84
CA TYR B 398 -3.72 37.77 4.53
C TYR B 398 -3.54 38.08 3.06
N CYS B 399 -4.36 37.44 2.19
CA CYS B 399 -4.32 37.69 0.74
C CYS B 399 -4.41 39.19 0.47
N GLN B 400 -5.42 39.79 1.08
CA GLN B 400 -5.68 41.22 0.97
C GLN B 400 -4.54 42.09 1.41
N ARG B 401 -4.02 41.84 2.59
CA ARG B 401 -2.94 42.68 3.05
C ARG B 401 -1.72 42.62 2.18
N HIS B 402 -1.68 41.58 1.35
CA HIS B 402 -0.60 41.37 0.38
C HIS B 402 -1.06 41.68 -1.04
N ASP B 403 -2.13 42.48 -1.19
CA ASP B 403 -2.71 42.83 -2.50
C ASP B 403 -2.78 41.61 -3.41
N THR B 404 -3.39 40.56 -2.89
CA THR B 404 -3.56 39.30 -3.59
C THR B 404 -5.03 38.98 -3.49
N PRO B 405 -5.49 38.31 -4.47
CA PRO B 405 -6.89 37.97 -4.47
C PRO B 405 -7.12 36.94 -3.37
N ALA B 406 -8.25 37.17 -2.68
CA ALA B 406 -8.79 36.42 -1.57
C ALA B 406 -9.40 35.15 -2.03
N GLY B 407 -9.99 35.21 -3.19
CA GLY B 407 -10.53 34.00 -3.68
C GLY B 407 -10.15 33.73 -5.15
N SER B 408 -11.05 32.94 -5.72
CA SER B 408 -10.99 32.38 -7.04
C SER B 408 -10.84 33.38 -8.18
N GLU B 409 -10.99 34.63 -7.88
CA GLU B 409 -10.85 35.68 -8.84
C GLU B 409 -9.45 35.65 -9.41
N TRP B 410 -8.55 35.04 -8.67
CA TRP B 410 -7.24 35.02 -9.21
C TRP B 410 -7.25 34.29 -10.53
N LEU B 411 -8.19 33.39 -10.66
CA LEU B 411 -8.23 32.64 -11.89
C LEU B 411 -8.36 33.57 -13.09
N GLU B 412 -9.00 34.72 -12.90
CA GLU B 412 -9.18 35.66 -14.02
C GLU B 412 -7.88 36.25 -14.48
N SER B 413 -7.00 36.50 -13.53
CA SER B 413 -5.70 37.02 -13.89
C SER B 413 -4.95 36.01 -14.76
N VAL B 414 -5.00 34.76 -14.37
CA VAL B 414 -4.32 33.74 -15.13
C VAL B 414 -4.83 33.68 -16.57
N ARG B 415 -6.17 33.64 -16.64
CA ARG B 415 -6.96 33.56 -17.85
C ARG B 415 -6.56 34.73 -18.74
N ALA B 416 -6.35 35.89 -18.12
CA ALA B 416 -5.96 37.03 -18.91
C ALA B 416 -4.55 36.90 -19.46
N TYR B 417 -3.69 36.50 -18.57
CA TYR B 417 -2.33 36.34 -19.00
C TYR B 417 -2.21 35.28 -20.11
N GLU B 418 -3.06 34.29 -19.97
CA GLU B 418 -3.03 33.22 -20.91
C GLU B 418 -3.34 33.68 -22.34
N LYS B 419 -4.45 34.39 -22.40
CA LYS B 419 -4.98 34.96 -23.61
C LYS B 419 -3.98 35.92 -24.21
N GLU B 420 -3.54 36.86 -23.40
CA GLU B 420 -2.64 37.79 -23.99
C GLU B 420 -1.20 37.31 -24.16
N ILE B 421 -0.80 36.21 -23.56
CA ILE B 421 0.60 35.92 -23.71
C ILE B 421 0.88 34.47 -23.94
N LEU B 422 0.26 33.64 -23.13
CA LEU B 422 0.48 32.22 -23.31
C LEU B 422 -0.08 31.71 -24.62
N SER B 423 -1.22 32.32 -25.01
CA SER B 423 -1.85 31.85 -26.25
C SER B 423 -0.90 31.99 -27.47
N ARG B 424 0.08 32.89 -27.32
CA ARG B 424 1.04 33.21 -28.35
C ARG B 424 2.26 32.33 -28.43
N ARG B 425 2.39 31.39 -27.53
CA ARG B 425 3.54 30.52 -27.60
C ARG B 425 3.30 29.31 -28.50
N THR C 10 -25.71 36.46 18.02
CA THR C 10 -25.40 37.58 17.10
C THR C 10 -24.19 37.33 16.18
N GLN C 11 -23.04 37.06 16.83
CA GLN C 11 -21.77 36.68 16.20
C GLN C 11 -22.06 35.64 15.10
N LEU C 12 -22.77 34.55 15.48
CA LEU C 12 -23.18 33.45 14.60
C LEU C 12 -24.05 33.98 13.46
N GLU C 13 -24.97 34.84 13.88
CA GLU C 13 -25.88 35.49 12.96
C GLU C 13 -25.10 36.35 11.97
N GLN C 14 -24.19 37.16 12.50
CA GLN C 14 -23.42 37.96 11.56
C GLN C 14 -22.69 37.07 10.61
N ALA C 15 -21.88 36.23 11.25
CA ALA C 15 -21.07 35.29 10.50
C ALA C 15 -21.93 34.58 9.48
N TRP C 16 -23.13 34.16 9.90
CA TRP C 16 -24.02 33.47 9.01
C TRP C 16 -24.52 34.33 7.84
N GLU C 17 -24.84 35.58 8.15
CA GLU C 17 -25.35 36.43 7.09
C GLU C 17 -24.24 36.69 6.10
N LEU C 18 -23.01 36.92 6.61
CA LEU C 18 -21.90 37.19 5.69
C LEU C 18 -21.76 36.02 4.76
N ALA C 19 -21.80 34.84 5.31
CA ALA C 19 -21.66 33.64 4.53
C ALA C 19 -22.75 33.39 3.46
N LYS C 20 -23.98 33.74 3.80
CA LYS C 20 -25.13 33.62 2.91
C LYS C 20 -24.83 34.34 1.57
N GLN C 21 -24.38 35.59 1.74
CA GLN C 21 -23.92 36.45 0.63
C GLN C 21 -22.75 35.80 -0.10
N ARG C 22 -21.62 35.61 0.60
CA ARG C 22 -20.49 35.00 -0.03
C ARG C 22 -20.86 33.90 -0.94
N PHE C 23 -21.58 32.95 -0.44
CA PHE C 23 -21.86 31.80 -1.27
C PHE C 23 -22.91 32.18 -2.28
N ALA C 24 -23.77 33.12 -1.87
CA ALA C 24 -24.80 33.49 -2.82
C ALA C 24 -24.10 33.90 -4.10
N ALA C 25 -23.07 34.72 -3.94
CA ALA C 25 -22.27 35.19 -5.07
C ALA C 25 -21.74 34.07 -5.92
N VAL C 26 -21.72 32.88 -5.38
CA VAL C 26 -21.18 31.80 -6.18
C VAL C 26 -22.23 30.82 -6.56
N GLY C 27 -23.43 31.34 -6.61
CA GLY C 27 -24.55 30.50 -6.97
C GLY C 27 -24.86 29.45 -5.93
N ILE C 28 -24.43 29.70 -4.67
CA ILE C 28 -24.70 28.75 -3.58
C ILE C 28 -25.72 29.28 -2.56
N ASP C 29 -26.84 28.53 -2.37
CA ASP C 29 -27.92 28.88 -1.45
C ASP C 29 -27.72 28.22 -0.07
N VAL C 30 -27.34 28.98 0.94
CA VAL C 30 -27.09 28.35 2.23
C VAL C 30 -28.36 27.71 2.81
N GLU C 31 -29.49 28.38 2.71
CA GLU C 31 -30.72 27.82 3.24
C GLU C 31 -31.04 26.53 2.56
N GLU C 32 -30.90 26.42 1.25
CA GLU C 32 -31.24 25.15 0.64
C GLU C 32 -30.30 24.05 1.12
N ALA C 33 -29.07 24.47 1.35
CA ALA C 33 -28.07 23.52 1.82
C ALA C 33 -28.57 22.94 3.15
N LEU C 34 -28.94 23.85 4.07
CA LEU C 34 -29.39 23.34 5.36
C LEU C 34 -30.53 22.39 5.22
N ARG C 35 -31.48 22.78 4.39
CA ARG C 35 -32.64 21.91 4.22
C ARG C 35 -32.25 20.58 3.66
N GLN C 36 -31.23 20.62 2.87
CA GLN C 36 -30.87 19.38 2.25
C GLN C 36 -30.16 18.51 3.28
N LEU C 37 -29.44 19.17 4.15
CA LEU C 37 -28.75 18.45 5.21
C LEU C 37 -29.74 17.66 6.12
N ASP C 38 -30.93 18.27 6.31
CA ASP C 38 -32.06 17.70 7.03
C ASP C 38 -32.60 16.49 6.36
N ARG C 39 -32.21 16.21 5.13
CA ARG C 39 -32.72 14.97 4.50
C ARG C 39 -31.74 13.86 4.49
N LEU C 40 -30.64 14.01 5.22
CA LEU C 40 -29.60 13.02 5.19
C LEU C 40 -29.28 12.52 6.60
N PRO C 41 -30.09 11.61 7.03
CA PRO C 41 -29.97 11.05 8.35
C PRO C 41 -28.74 10.22 8.41
N VAL C 42 -28.08 10.25 9.56
CA VAL C 42 -26.93 9.37 9.67
C VAL C 42 -27.31 8.24 10.62
N SER C 43 -27.21 7.00 10.21
CA SER C 43 -27.53 5.91 11.12
C SER C 43 -26.36 5.66 12.12
N MET C 44 -26.54 6.08 13.37
CA MET C 44 -25.51 5.93 14.36
C MET C 44 -25.48 4.52 14.82
N HIS C 45 -24.30 3.88 14.78
CA HIS C 45 -24.16 2.49 15.20
C HIS C 45 -24.26 2.47 16.75
N CYS C 46 -25.03 1.53 17.26
CA CYS C 46 -25.21 1.46 18.72
C CYS C 46 -24.00 0.88 19.46
N TRP C 47 -23.33 -0.03 18.78
CA TRP C 47 -22.21 -0.70 19.35
C TRP C 47 -21.06 0.08 19.86
N GLN C 48 -20.97 1.35 19.47
CA GLN C 48 -19.89 2.23 19.96
C GLN C 48 -20.16 2.52 21.47
N GLY C 49 -21.41 2.36 21.95
CA GLY C 49 -21.76 2.65 23.33
C GLY C 49 -21.20 1.71 24.41
N ASP C 50 -21.04 0.42 24.08
CA ASP C 50 -20.53 -0.59 24.97
C ASP C 50 -19.47 -1.48 24.30
N ASP C 51 -18.67 -0.91 23.43
CA ASP C 51 -17.57 -1.67 22.82
C ASP C 51 -17.92 -2.94 22.11
N VAL C 52 -19.11 -2.94 21.50
CA VAL C 52 -19.62 -4.07 20.75
C VAL C 52 -19.91 -5.25 21.66
N SER C 53 -20.22 -4.98 22.95
CA SER C 53 -20.48 -6.07 23.90
C SER C 53 -21.83 -6.69 23.83
N GLY C 54 -22.82 -5.84 23.74
CA GLY C 54 -24.13 -6.37 23.62
C GLY C 54 -24.73 -6.74 24.95
N PHE C 55 -25.91 -7.27 24.86
CA PHE C 55 -26.63 -7.68 26.03
C PHE C 55 -26.88 -9.18 26.11
N GLU C 56 -26.32 -9.95 25.17
CA GLU C 56 -26.47 -11.39 25.21
C GLU C 56 -25.56 -11.94 26.34
N ASN C 57 -24.31 -11.49 26.23
CA ASN C 57 -23.20 -11.87 27.06
C ASN C 57 -22.14 -10.74 27.01
N PRO C 58 -22.47 -9.59 27.61
CA PRO C 58 -21.67 -8.36 27.67
C PRO C 58 -20.24 -8.62 28.08
N GLU C 59 -20.10 -9.07 29.31
CA GLU C 59 -18.80 -9.45 29.79
C GLU C 59 -18.65 -10.70 28.92
N GLY C 60 -17.87 -10.67 27.84
CA GLY C 60 -17.88 -11.87 27.03
C GLY C 60 -16.85 -12.06 25.91
N SER C 61 -16.14 -11.01 25.49
CA SER C 61 -15.10 -11.17 24.44
C SER C 61 -15.47 -10.93 22.98
N LEU C 62 -14.94 -9.83 22.45
CA LEU C 62 -15.13 -9.46 21.06
C LEU C 62 -14.30 -10.35 20.13
N THR C 63 -15.02 -11.13 19.33
CA THR C 63 -14.43 -12.01 18.34
C THR C 63 -14.96 -11.65 16.96
N GLY C 64 -14.28 -12.17 15.93
CA GLY C 64 -14.66 -11.93 14.55
C GLY C 64 -13.64 -11.13 13.73
N GLY C 65 -12.42 -10.96 14.30
CA GLY C 65 -11.31 -10.25 13.64
C GLY C 65 -11.34 -8.74 13.85
N ILE C 66 -12.31 -8.31 14.67
CA ILE C 66 -12.51 -6.92 15.03
C ILE C 66 -12.05 -6.75 16.48
N GLN C 67 -11.60 -5.53 16.86
CA GLN C 67 -11.14 -5.28 18.24
C GLN C 67 -11.37 -3.88 18.71
N ALA C 68 -11.96 -3.74 19.87
CA ALA C 68 -12.12 -2.42 20.44
C ALA C 68 -10.90 -2.25 21.32
N THR C 69 -10.17 -1.15 21.07
CA THR C 69 -8.97 -0.83 21.81
C THR C 69 -9.16 0.43 22.66
N GLY C 70 -8.54 0.33 23.82
CA GLY C 70 -8.56 1.31 24.87
C GLY C 70 -9.38 0.83 26.08
N ASN C 71 -9.15 1.48 27.21
CA ASN C 71 -9.89 1.04 28.37
C ASN C 71 -10.56 2.18 29.09
N TYR C 72 -11.08 3.12 28.26
CA TYR C 72 -11.77 4.30 28.73
C TYR C 72 -13.01 3.91 29.51
N PRO C 73 -13.25 4.60 30.59
CA PRO C 73 -14.43 4.24 31.40
C PRO C 73 -15.77 4.86 30.96
N GLY C 74 -16.82 4.19 31.45
CA GLY C 74 -18.18 4.64 31.26
C GLY C 74 -18.95 3.81 30.28
N LYS C 75 -18.37 2.75 29.76
CA LYS C 75 -19.22 2.04 28.81
C LYS C 75 -20.57 1.77 29.40
N ALA C 76 -21.58 1.80 28.55
CA ALA C 76 -22.92 1.47 29.00
C ALA C 76 -22.93 -0.06 29.22
N ARG C 77 -23.70 -0.49 30.20
CA ARG C 77 -23.82 -1.89 30.55
C ARG C 77 -25.17 -2.58 30.27
N ASN C 78 -26.16 -1.81 29.91
CA ASN C 78 -27.44 -2.36 29.55
C ASN C 78 -28.10 -1.40 28.61
N ALA C 79 -29.25 -1.84 28.09
CA ALA C 79 -30.09 -1.07 27.19
C ALA C 79 -30.38 0.27 27.78
N SER C 80 -30.82 0.24 29.02
CA SER C 80 -31.14 1.48 29.66
C SER C 80 -30.06 2.52 29.52
N GLU C 81 -28.82 2.09 29.81
CA GLU C 81 -27.67 2.99 29.79
C GLU C 81 -27.30 3.47 28.38
N LEU C 82 -27.38 2.53 27.45
CA LEU C 82 -27.08 2.77 26.05
C LEU C 82 -27.93 3.90 25.49
N ARG C 83 -29.26 3.76 25.69
CA ARG C 83 -30.24 4.74 25.25
C ARG C 83 -29.97 6.07 25.89
N ALA C 84 -29.62 6.04 27.20
CA ALA C 84 -29.29 7.29 27.93
C ALA C 84 -28.10 7.98 27.28
N ASP C 85 -27.18 7.13 26.86
CA ASP C 85 -25.94 7.52 26.17
C ASP C 85 -26.19 8.07 24.75
N LEU C 86 -26.97 7.30 24.00
CA LEU C 86 -27.32 7.74 22.70
C LEU C 86 -27.96 9.11 22.80
N GLU C 87 -28.98 9.21 23.66
CA GLU C 87 -29.69 10.46 23.88
C GLU C 87 -28.77 11.61 24.19
N GLN C 88 -27.83 11.37 25.08
CA GLN C 88 -26.92 12.45 25.40
C GLN C 88 -26.17 12.82 24.13
N ALA C 89 -25.87 11.80 23.36
CA ALA C 89 -25.14 12.03 22.16
C ALA C 89 -26.02 12.78 21.18
N MET C 90 -27.20 12.22 20.91
CA MET C 90 -28.13 12.81 20.00
C MET C 90 -28.46 14.31 20.16
N ARG C 91 -28.45 14.84 21.39
CA ARG C 91 -28.71 16.24 21.71
C ARG C 91 -27.58 17.20 21.39
N LEU C 92 -26.42 16.63 21.01
CA LEU C 92 -25.27 17.43 20.62
C LEU C 92 -24.95 17.27 19.10
N ILE C 93 -25.77 16.49 18.40
CA ILE C 93 -25.53 16.23 16.99
C ILE C 93 -26.73 16.75 16.24
N PRO C 94 -26.53 17.72 15.39
CA PRO C 94 -27.67 18.31 14.75
C PRO C 94 -28.32 17.49 13.62
N GLY C 95 -29.67 17.53 13.58
CA GLY C 95 -30.34 16.87 12.46
C GLY C 95 -30.72 15.41 12.58
N PRO C 96 -31.06 14.90 11.42
CA PRO C 96 -31.52 13.56 11.35
C PRO C 96 -30.52 12.45 11.70
N LYS C 97 -31.01 11.53 12.51
CA LYS C 97 -30.21 10.35 12.82
C LYS C 97 -31.09 9.13 12.92
N ARG C 98 -30.49 7.95 12.78
CA ARG C 98 -31.22 6.68 12.95
C ARG C 98 -30.46 5.85 13.94
N LEU C 99 -30.94 4.69 14.28
CA LEU C 99 -30.09 3.91 15.18
C LEU C 99 -29.86 2.57 14.55
N ASN C 100 -28.61 2.15 14.57
CA ASN C 100 -28.29 0.91 13.90
C ASN C 100 -28.06 -0.14 14.96
N LEU C 101 -28.97 -1.11 15.05
CA LEU C 101 -28.91 -2.14 16.09
C LEU C 101 -28.40 -3.47 15.65
N HIS C 102 -27.68 -4.09 16.63
CA HIS C 102 -27.11 -5.42 16.45
C HIS C 102 -27.95 -6.50 17.16
N ALA C 103 -28.24 -7.61 16.52
CA ALA C 103 -29.05 -8.58 17.21
C ALA C 103 -28.70 -8.76 18.73
N ILE C 104 -27.41 -8.78 19.02
CA ILE C 104 -26.95 -9.01 20.37
C ILE C 104 -27.36 -7.93 21.33
N TYR C 105 -28.08 -6.98 20.79
CA TYR C 105 -28.55 -5.88 21.62
C TYR C 105 -30.00 -6.08 22.01
N LEU C 106 -30.50 -7.33 21.85
CA LEU C 106 -31.86 -7.66 22.17
C LEU C 106 -32.17 -7.50 23.64
N GLU C 107 -33.42 -7.23 23.96
CA GLU C 107 -33.80 -7.09 25.37
C GLU C 107 -34.66 -8.23 25.87
N SER C 108 -34.09 -9.20 26.56
CA SER C 108 -34.99 -10.25 27.04
C SER C 108 -34.70 -10.63 28.47
N ASP C 109 -35.72 -11.26 29.09
CA ASP C 109 -35.68 -11.71 30.46
C ASP C 109 -34.96 -13.05 30.56
N THR C 110 -35.24 -13.85 29.54
CA THR C 110 -34.66 -15.16 29.37
C THR C 110 -33.79 -15.12 28.13
N PRO C 111 -32.77 -15.91 28.15
CA PRO C 111 -31.86 -16.01 27.06
C PRO C 111 -32.57 -16.47 25.80
N VAL C 112 -32.10 -15.95 24.67
CA VAL C 112 -32.65 -16.24 23.35
C VAL C 112 -31.59 -16.76 22.41
N SER C 113 -31.87 -17.94 21.88
CA SER C 113 -30.99 -18.53 20.90
C SER C 113 -31.00 -17.60 19.71
N ARG C 114 -29.81 -17.32 19.23
CA ARG C 114 -29.67 -16.44 18.11
C ARG C 114 -30.60 -16.86 16.99
N ASP C 115 -30.68 -18.16 16.78
CA ASP C 115 -31.60 -18.55 15.73
C ASP C 115 -33.08 -18.53 16.14
N GLN C 116 -33.44 -17.81 17.19
CA GLN C 116 -34.81 -17.80 17.66
C GLN C 116 -35.31 -16.45 18.03
N ILE C 117 -34.50 -15.42 17.75
CA ILE C 117 -34.88 -14.05 18.08
C ILE C 117 -36.20 -13.61 17.47
N LYS C 118 -36.83 -12.64 18.10
CA LYS C 118 -38.11 -12.11 17.69
C LYS C 118 -38.25 -10.62 17.88
N PRO C 119 -39.14 -10.11 17.07
CA PRO C 119 -39.44 -8.70 17.10
C PRO C 119 -39.63 -8.26 18.52
N GLU C 120 -40.43 -9.05 19.22
CA GLU C 120 -40.72 -8.78 20.63
C GLU C 120 -39.42 -8.56 21.37
N HIS C 121 -38.34 -9.24 21.01
CA HIS C 121 -37.16 -8.92 21.80
C HIS C 121 -36.57 -7.53 21.52
N PHE C 122 -37.20 -6.75 20.64
CA PHE C 122 -36.69 -5.41 20.29
C PHE C 122 -37.66 -4.26 20.54
N LYS C 123 -38.76 -4.66 21.14
CA LYS C 123 -39.88 -3.81 21.47
C LYS C 123 -39.53 -2.55 22.18
N ASN C 124 -38.64 -2.67 23.17
CA ASN C 124 -38.28 -1.41 23.84
C ASN C 124 -37.55 -0.44 22.92
N TRP C 125 -36.70 -1.01 22.03
CA TRP C 125 -35.95 -0.16 21.11
C TRP C 125 -36.93 0.62 20.20
N VAL C 126 -37.83 -0.19 19.67
CA VAL C 126 -38.82 0.33 18.78
C VAL C 126 -39.54 1.50 19.40
N GLU C 127 -40.06 1.21 20.56
CA GLU C 127 -40.76 2.24 21.26
C GLU C 127 -39.94 3.48 21.46
N TRP C 128 -38.72 3.28 21.96
CA TRP C 128 -37.84 4.41 22.17
C TRP C 128 -37.59 5.13 20.84
N ALA C 129 -37.48 4.36 19.77
CA ALA C 129 -37.20 5.00 18.50
C ALA C 129 -38.36 5.92 18.21
N LYS C 130 -39.51 5.32 18.42
CA LYS C 130 -40.72 6.04 18.18
C LYS C 130 -40.70 7.32 18.97
N ALA C 131 -40.35 7.23 20.23
CA ALA C 131 -40.36 8.46 20.99
C ALA C 131 -39.23 9.40 20.67
N ASN C 132 -38.20 8.92 20.02
CA ASN C 132 -37.08 9.78 19.73
C ASN C 132 -37.04 10.15 18.26
N GLN C 133 -38.04 9.69 17.54
CA GLN C 133 -38.12 10.01 16.12
C GLN C 133 -36.93 9.53 15.30
N LEU C 134 -36.58 8.30 15.56
CA LEU C 134 -35.49 7.69 14.88
C LEU C 134 -35.94 6.45 14.15
N GLY C 135 -35.35 6.28 12.99
CA GLY C 135 -35.62 5.06 12.25
C GLY C 135 -34.63 4.06 12.84
N LEU C 136 -34.86 2.81 12.49
CA LEU C 136 -34.03 1.76 12.98
C LEU C 136 -33.53 0.93 11.85
N ASP C 137 -32.26 0.54 11.99
CA ASP C 137 -31.51 -0.34 11.10
C ASP C 137 -31.04 -1.53 11.92
N PHE C 138 -30.70 -2.58 11.25
CA PHE C 138 -30.36 -3.76 11.97
C PHE C 138 -29.26 -4.66 11.37
N ASN C 139 -28.81 -5.55 12.21
CA ASN C 139 -27.80 -6.47 11.82
C ASN C 139 -27.81 -7.80 12.57
N PRO C 140 -27.83 -8.91 11.84
CA PRO C 140 -27.70 -10.18 12.55
C PRO C 140 -26.30 -10.15 13.20
N SER C 141 -26.05 -10.87 14.29
CA SER C 141 -24.70 -10.87 14.91
C SER C 141 -24.03 -12.20 14.65
N CYS C 142 -23.07 -12.22 13.76
CA CYS C 142 -22.40 -13.43 13.37
C CYS C 142 -21.08 -13.64 14.02
N PHE C 143 -20.88 -12.94 15.10
CA PHE C 143 -19.62 -13.12 15.78
C PHE C 143 -19.85 -13.24 17.32
N SER C 144 -18.70 -13.33 18.05
CA SER C 144 -18.65 -13.42 19.50
C SER C 144 -19.63 -14.49 19.95
N HIS C 145 -19.52 -15.62 19.30
CA HIS C 145 -20.42 -16.69 19.62
C HIS C 145 -19.69 -18.01 19.55
N PRO C 146 -20.19 -18.99 20.26
CA PRO C 146 -19.61 -20.28 20.30
C PRO C 146 -19.57 -20.92 18.95
N LEU C 147 -20.55 -20.53 18.18
CA LEU C 147 -20.63 -21.16 16.87
C LEU C 147 -19.93 -20.35 15.81
N SER C 148 -19.29 -19.29 16.26
CA SER C 148 -18.55 -18.48 15.35
C SER C 148 -17.09 -18.69 15.61
N ALA C 149 -16.83 -19.60 16.54
CA ALA C 149 -15.48 -19.93 16.98
C ALA C 149 -14.39 -20.52 16.08
N ASP C 150 -14.85 -21.19 15.03
CA ASP C 150 -13.99 -21.82 14.03
C ASP C 150 -13.53 -20.82 12.97
N GLY C 151 -14.20 -19.65 12.94
CA GLY C 151 -13.86 -18.64 11.96
C GLY C 151 -14.84 -18.66 10.80
N PHE C 152 -15.86 -19.54 10.89
CA PHE C 152 -16.89 -19.64 9.88
C PHE C 152 -18.28 -19.72 10.50
N THR C 153 -19.21 -19.07 9.82
CA THR C 153 -20.61 -19.05 10.20
C THR C 153 -21.44 -19.58 9.03
N LEU C 154 -21.91 -18.68 8.17
CA LEU C 154 -22.67 -19.04 6.99
C LEU C 154 -21.87 -19.86 6.02
N SER C 155 -20.55 -19.76 6.05
CA SER C 155 -19.82 -20.58 5.07
C SER C 155 -19.28 -21.86 5.69
N HIS C 156 -19.54 -22.01 6.97
CA HIS C 156 -19.06 -23.16 7.69
C HIS C 156 -19.41 -24.44 6.99
N ALA C 157 -18.50 -25.38 7.05
CA ALA C 157 -18.77 -26.66 6.43
C ALA C 157 -19.81 -27.49 7.19
N ASP C 158 -19.84 -27.34 8.49
CA ASP C 158 -20.81 -28.11 9.20
C ASP C 158 -22.27 -27.64 8.92
N ASP C 159 -23.05 -28.55 8.34
CA ASP C 159 -24.43 -28.22 8.06
C ASP C 159 -25.23 -27.67 9.21
N SER C 160 -25.07 -28.24 10.39
CA SER C 160 -25.89 -27.72 11.45
C SER C 160 -25.52 -26.30 11.77
N ILE C 161 -24.21 -26.09 11.96
CA ILE C 161 -23.66 -24.76 12.25
C ILE C 161 -24.14 -23.70 11.25
N ARG C 162 -23.94 -24.02 9.99
CA ARG C 162 -24.39 -23.17 8.92
C ARG C 162 -25.88 -22.86 9.09
N GLN C 163 -26.66 -23.91 9.33
CA GLN C 163 -28.08 -23.75 9.45
C GLN C 163 -28.46 -22.76 10.50
N PHE C 164 -27.76 -22.90 11.64
CA PHE C 164 -27.97 -22.02 12.77
C PHE C 164 -27.70 -20.57 12.33
N TRP C 165 -26.65 -20.38 11.55
CA TRP C 165 -26.42 -19.00 11.12
C TRP C 165 -27.47 -18.58 10.09
N ILE C 166 -27.86 -19.54 9.20
CA ILE C 166 -28.91 -19.25 8.24
C ILE C 166 -30.14 -18.81 8.97
N ASP C 167 -30.49 -19.62 9.99
CA ASP C 167 -31.64 -19.37 10.83
C ASP C 167 -31.64 -18.04 11.57
N HIS C 168 -30.45 -17.68 12.07
CA HIS C 168 -30.33 -16.39 12.76
C HIS C 168 -30.56 -15.16 11.84
N CYS C 169 -30.06 -15.31 10.64
CA CYS C 169 -30.20 -14.22 9.73
C CYS C 169 -31.62 -14.21 9.25
N LYS C 170 -32.17 -15.38 8.98
CA LYS C 170 -33.55 -15.25 8.49
C LYS C 170 -34.43 -14.53 9.46
N ALA C 171 -34.29 -14.94 10.73
CA ALA C 171 -35.09 -14.33 11.80
C ALA C 171 -34.80 -12.87 11.91
N SER C 172 -33.51 -12.56 11.72
CA SER C 172 -33.09 -11.15 11.81
C SER C 172 -33.85 -10.31 10.78
N ARG C 173 -34.06 -10.88 9.58
CA ARG C 173 -34.83 -10.20 8.53
C ARG C 173 -36.21 -9.83 9.06
N ARG C 174 -36.84 -10.74 9.81
CA ARG C 174 -38.16 -10.46 10.41
C ARG C 174 -38.12 -9.34 11.45
N VAL C 175 -37.05 -9.32 12.18
CA VAL C 175 -36.98 -8.26 13.14
C VAL C 175 -36.88 -6.93 12.45
N SER C 176 -36.13 -6.96 11.38
CA SER C 176 -35.91 -5.78 10.61
C SER C 176 -37.24 -5.32 10.02
N ALA C 177 -37.90 -6.27 9.37
CA ALA C 177 -39.19 -6.01 8.73
C ALA C 177 -40.13 -5.44 9.72
N TYR C 178 -39.98 -5.92 10.93
CA TYR C 178 -40.86 -5.42 11.92
C TYR C 178 -40.54 -3.97 12.22
N PHE C 179 -39.25 -3.66 12.25
CA PHE C 179 -38.82 -2.29 12.53
C PHE C 179 -39.47 -1.27 11.57
N GLY C 180 -39.33 -1.58 10.30
CA GLY C 180 -39.92 -0.66 9.37
C GLY C 180 -41.43 -0.61 9.46
N GLU C 181 -42.06 -1.75 9.77
CA GLU C 181 -43.52 -1.80 9.87
C GLU C 181 -44.02 -0.87 10.92
N GLN C 182 -43.27 -0.83 12.01
CA GLN C 182 -43.59 0.00 13.14
C GLN C 182 -43.12 1.38 13.00
N LEU C 183 -41.96 1.51 12.41
CA LEU C 183 -41.45 2.82 12.34
C LEU C 183 -41.79 3.58 11.12
N GLY C 184 -42.19 2.86 10.10
CA GLY C 184 -42.56 3.51 8.88
C GLY C 184 -41.38 3.99 8.03
N THR C 185 -40.29 3.28 8.20
CA THR C 185 -39.15 3.59 7.42
C THR C 185 -38.46 2.26 7.27
N PRO C 186 -37.90 1.88 6.08
CA PRO C 186 -37.31 0.56 5.96
C PRO C 186 -36.12 0.42 6.87
N SER C 187 -35.95 -0.75 7.37
CA SER C 187 -34.79 -0.89 8.19
C SER C 187 -33.83 -1.60 7.26
N VAL C 188 -32.64 -1.06 7.17
CA VAL C 188 -31.68 -1.71 6.28
C VAL C 188 -31.01 -2.78 7.12
N MET C 189 -30.99 -4.04 6.69
CA MET C 189 -30.34 -5.13 7.45
C MET C 189 -29.03 -5.71 6.88
N ASN C 190 -27.95 -5.29 7.50
CA ASN C 190 -26.62 -5.63 7.06
C ASN C 190 -26.13 -6.94 7.52
N ILE C 191 -25.65 -7.68 6.54
CA ILE C 191 -25.09 -8.99 6.82
C ILE C 191 -23.56 -8.94 6.74
N TRP C 192 -22.89 -9.06 7.88
CA TRP C 192 -21.43 -9.09 7.95
C TRP C 192 -21.01 -10.35 8.74
N ILE C 193 -20.20 -11.17 8.10
CA ILE C 193 -19.71 -12.38 8.69
C ILE C 193 -18.20 -12.24 8.76
N PRO C 194 -17.53 -12.90 9.69
CA PRO C 194 -16.07 -12.73 9.80
C PRO C 194 -15.34 -13.80 9.06
N ASP C 195 -16.13 -14.74 8.56
CA ASP C 195 -15.56 -15.88 7.88
C ASP C 195 -14.33 -15.56 7.08
N GLY C 196 -13.31 -16.39 7.34
CA GLY C 196 -12.02 -16.35 6.70
C GLY C 196 -10.93 -17.13 7.42
N MET C 197 -9.70 -17.00 6.86
CA MET C 197 -8.49 -17.64 7.32
C MET C 197 -7.32 -16.78 7.68
N LYS C 198 -6.63 -17.30 8.68
CA LYS C 198 -5.43 -16.67 9.17
C LYS C 198 -4.30 -16.87 8.17
N ASP C 199 -4.05 -18.11 7.75
CA ASP C 199 -2.93 -18.35 6.87
C ASP C 199 -3.24 -18.91 5.55
N ILE C 200 -2.19 -19.14 4.81
CA ILE C 200 -2.31 -19.69 3.46
C ILE C 200 -3.39 -20.73 3.31
N THR C 201 -4.42 -20.38 2.53
CA THR C 201 -5.52 -21.25 2.31
C THR C 201 -5.40 -22.14 1.10
N VAL C 202 -5.95 -23.32 1.18
CA VAL C 202 -5.90 -24.21 0.03
C VAL C 202 -7.22 -24.04 -0.72
N ASP C 203 -8.32 -23.84 -0.01
CA ASP C 203 -9.59 -23.77 -0.70
C ASP C 203 -10.49 -22.58 -0.45
N ARG C 204 -10.22 -21.51 -1.17
CA ARG C 204 -11.04 -20.33 -1.09
C ARG C 204 -12.36 -20.58 -1.79
N LEU C 205 -12.48 -21.63 -2.60
CA LEU C 205 -13.70 -21.86 -3.35
C LEU C 205 -14.95 -22.33 -2.59
N ALA C 206 -14.86 -23.50 -2.01
CA ALA C 206 -15.94 -24.14 -1.28
C ALA C 206 -16.64 -23.23 -0.26
N PRO C 207 -15.81 -22.52 0.49
CA PRO C 207 -16.37 -21.65 1.50
C PRO C 207 -17.19 -20.51 0.84
N ARG C 208 -16.79 -20.10 -0.37
CA ARG C 208 -17.54 -19.06 -1.08
C ARG C 208 -18.82 -19.66 -1.59
N GLN C 209 -18.72 -20.90 -2.00
CA GLN C 209 -19.90 -21.55 -2.45
C GLN C 209 -20.90 -21.78 -1.31
N ARG C 210 -20.42 -22.11 -0.12
CA ARG C 210 -21.40 -22.38 0.93
C ARG C 210 -22.12 -21.12 1.28
N LEU C 211 -21.35 -20.05 1.34
CA LEU C 211 -21.84 -18.73 1.65
C LEU C 211 -22.98 -18.28 0.71
N LEU C 212 -22.71 -18.48 -0.59
CA LEU C 212 -23.61 -18.14 -1.70
C LEU C 212 -24.98 -18.78 -1.47
N ALA C 213 -24.96 -20.08 -1.41
CA ALA C 213 -26.16 -20.84 -1.13
C ALA C 213 -26.84 -20.43 0.18
N ALA C 214 -26.09 -20.25 1.24
CA ALA C 214 -26.71 -19.84 2.48
C ALA C 214 -27.33 -18.48 2.35
N LEU C 215 -26.66 -17.58 1.62
CA LEU C 215 -27.19 -16.24 1.52
C LEU C 215 -28.47 -16.31 0.80
N ASP C 216 -28.45 -17.24 -0.12
CA ASP C 216 -29.62 -17.49 -0.92
C ASP C 216 -30.79 -17.88 -0.02
N GLU C 217 -30.50 -18.82 0.82
CA GLU C 217 -31.49 -19.27 1.74
C GLU C 217 -31.86 -18.17 2.70
N VAL C 218 -30.89 -17.43 3.12
CA VAL C 218 -31.21 -16.35 4.00
C VAL C 218 -32.17 -15.36 3.38
N ILE C 219 -32.09 -15.18 2.08
CA ILE C 219 -33.03 -14.20 1.54
C ILE C 219 -34.36 -14.75 1.02
N SER C 220 -34.40 -16.03 0.75
CA SER C 220 -35.62 -16.62 0.25
C SER C 220 -36.91 -15.94 0.67
N GLU C 221 -37.07 -15.67 1.96
CA GLU C 221 -38.31 -15.09 2.43
C GLU C 221 -38.55 -13.70 1.89
N LYS C 222 -39.54 -13.60 1.03
CA LYS C 222 -39.78 -12.30 0.52
C LYS C 222 -40.44 -11.42 1.54
N LEU C 223 -39.80 -10.28 1.81
CA LEU C 223 -40.34 -9.32 2.73
C LEU C 223 -40.62 -8.01 2.02
N ASN C 224 -41.54 -7.25 2.56
CA ASN C 224 -41.93 -5.99 1.99
C ASN C 224 -40.84 -4.92 2.04
N PRO C 225 -40.36 -4.53 0.83
CA PRO C 225 -39.32 -3.52 0.60
C PRO C 225 -39.57 -2.18 1.24
N ALA C 226 -40.78 -1.98 1.71
CA ALA C 226 -41.00 -0.72 2.33
C ALA C 226 -40.66 -0.84 3.80
N HIS C 227 -40.45 -2.07 4.22
CA HIS C 227 -40.11 -2.29 5.61
C HIS C 227 -38.69 -2.75 5.84
N HIS C 228 -38.21 -3.39 4.81
CA HIS C 228 -36.94 -4.02 4.99
C HIS C 228 -36.09 -4.09 3.74
N ILE C 229 -34.77 -3.98 3.98
CA ILE C 229 -33.79 -4.07 2.92
C ILE C 229 -32.57 -4.89 3.33
N ASP C 230 -32.19 -5.93 2.56
CA ASP C 230 -30.98 -6.71 2.89
C ASP C 230 -29.67 -6.16 2.30
N ALA C 231 -28.62 -6.03 3.09
CA ALA C 231 -27.34 -5.56 2.57
C ALA C 231 -26.20 -6.49 2.91
N VAL C 232 -25.20 -6.54 1.99
CA VAL C 232 -24.00 -7.36 2.20
C VAL C 232 -22.72 -6.53 2.34
N GLU C 233 -21.87 -6.89 3.33
CA GLU C 233 -20.63 -6.17 3.62
C GLU C 233 -19.36 -7.02 3.42
N SER C 234 -18.52 -6.62 2.48
CA SER C 234 -17.29 -7.32 2.17
C SER C 234 -16.19 -6.76 3.08
N LYS C 235 -15.12 -7.51 3.21
CA LYS C 235 -13.99 -7.07 4.01
C LYS C 235 -12.76 -7.75 3.46
N LEU C 236 -11.63 -7.09 3.64
CA LEU C 236 -10.37 -7.63 3.11
C LEU C 236 -9.65 -8.55 4.09
N PHE C 237 -9.59 -8.11 5.33
CA PHE C 237 -8.91 -8.96 6.27
C PHE C 237 -9.21 -8.56 7.69
N GLY C 238 -9.07 -9.54 8.57
CA GLY C 238 -9.33 -9.28 9.97
C GLY C 238 -8.22 -9.82 10.86
N ILE C 239 -8.07 -9.27 12.06
CA ILE C 239 -7.06 -9.80 12.96
C ILE C 239 -7.36 -11.26 13.29
N GLY C 240 -6.50 -12.13 12.81
CA GLY C 240 -6.75 -13.52 13.07
C GLY C 240 -7.34 -14.23 11.89
N ALA C 241 -7.48 -13.47 10.84
CA ALA C 241 -8.07 -13.97 9.59
C ALA C 241 -7.55 -13.08 8.48
N GLU C 242 -6.23 -12.94 8.55
CA GLU C 242 -5.55 -12.05 7.64
C GLU C 242 -5.41 -12.56 6.25
N SER C 243 -5.50 -13.84 6.05
CA SER C 243 -5.17 -14.28 4.77
C SER C 243 -6.18 -14.35 3.73
N TYR C 244 -7.40 -14.64 4.12
CA TYR C 244 -8.47 -14.84 3.16
C TYR C 244 -9.81 -14.54 3.81
N THR C 245 -10.68 -13.83 3.12
CA THR C 245 -12.01 -13.53 3.63
C THR C 245 -12.94 -14.14 2.61
N VAL C 246 -13.81 -15.07 2.98
CA VAL C 246 -14.76 -15.73 2.06
C VAL C 246 -15.52 -14.65 1.35
N GLY C 247 -16.18 -13.83 2.11
CA GLY C 247 -16.98 -12.73 1.63
C GLY C 247 -16.13 -11.55 1.27
N SER C 248 -15.47 -11.71 0.14
CA SER C 248 -14.61 -10.62 -0.30
C SER C 248 -15.41 -9.55 -1.10
N ASN C 249 -14.71 -8.49 -1.46
CA ASN C 249 -15.26 -7.41 -2.27
C ASN C 249 -15.98 -7.95 -3.51
N GLU C 250 -15.24 -8.69 -4.30
CA GLU C 250 -15.78 -9.31 -5.52
C GLU C 250 -16.91 -10.27 -5.27
N PHE C 251 -16.83 -10.96 -4.14
CA PHE C 251 -17.84 -11.93 -3.81
C PHE C 251 -19.23 -11.28 -3.64
N TYR C 252 -19.22 -10.23 -2.91
CA TYR C 252 -20.40 -9.51 -2.60
C TYR C 252 -20.92 -8.65 -3.70
N MET C 253 -19.97 -8.17 -4.53
CA MET C 253 -20.31 -7.37 -5.68
C MET C 253 -21.08 -8.34 -6.55
N GLY C 254 -20.48 -9.53 -6.71
CA GLY C 254 -21.14 -10.53 -7.48
C GLY C 254 -22.53 -10.73 -6.95
N TYR C 255 -22.56 -10.99 -5.65
CA TYR C 255 -23.81 -11.28 -4.94
C TYR C 255 -24.87 -10.23 -5.04
N ALA C 256 -24.53 -9.02 -4.61
CA ALA C 256 -25.49 -7.90 -4.62
C ALA C 256 -26.08 -7.61 -6.00
N THR C 257 -25.25 -7.79 -7.02
CA THR C 257 -25.61 -7.58 -8.37
C THR C 257 -26.56 -8.65 -8.81
N SER C 258 -26.08 -9.88 -8.64
CA SER C 258 -26.86 -11.04 -9.05
C SER C 258 -28.17 -11.28 -8.30
N ARG C 259 -28.24 -10.90 -7.01
CA ARG C 259 -29.46 -11.10 -6.21
C ARG C 259 -30.11 -9.77 -5.96
N GLN C 260 -29.61 -8.68 -6.48
CA GLN C 260 -30.27 -7.42 -6.19
C GLN C 260 -30.49 -7.06 -4.71
N THR C 261 -29.44 -7.17 -3.92
CA THR C 261 -29.58 -6.77 -2.56
C THR C 261 -28.81 -5.48 -2.48
N ALA C 262 -28.83 -4.83 -1.32
CA ALA C 262 -28.01 -3.66 -1.21
C ALA C 262 -26.59 -4.16 -0.94
N LEU C 263 -25.65 -3.24 -1.18
CA LEU C 263 -24.25 -3.55 -0.97
C LEU C 263 -23.71 -2.53 0.01
N CYS C 264 -23.07 -3.03 1.06
CA CYS C 264 -22.52 -2.19 2.11
C CYS C 264 -21.03 -2.03 1.87
N LEU C 265 -20.62 -0.79 1.80
CA LEU C 265 -19.24 -0.51 1.61
C LEU C 265 -18.74 0.09 2.86
N ASP C 266 -17.82 -0.62 3.52
CA ASP C 266 -17.19 -0.12 4.75
C ASP C 266 -15.81 0.46 4.40
N ALA C 267 -15.68 1.75 4.70
CA ALA C 267 -14.48 2.51 4.45
C ALA C 267 -13.19 1.95 5.08
N GLY C 268 -13.29 1.06 6.07
CA GLY C 268 -12.03 0.57 6.62
C GLY C 268 -11.77 -0.86 6.17
N HIS C 269 -12.54 -1.36 5.19
CA HIS C 269 -12.45 -2.73 4.72
C HIS C 269 -11.74 -3.06 3.45
N PHE C 270 -10.95 -2.08 2.99
CA PHE C 270 -10.25 -2.26 1.70
C PHE C 270 -8.70 -2.27 1.71
N HIS C 271 -8.06 -2.31 0.54
CA HIS C 271 -6.59 -2.37 0.52
C HIS C 271 -6.06 -1.05 0.85
N PRO C 272 -4.78 -0.99 1.09
CA PRO C 272 -4.21 0.28 1.40
C PRO C 272 -4.40 1.17 0.16
N THR C 273 -4.72 2.45 0.37
CA THR C 273 -4.96 3.43 -0.69
C THR C 273 -6.33 3.30 -1.36
N GLU C 274 -6.98 2.14 -1.27
CA GLU C 274 -8.31 1.90 -1.81
C GLU C 274 -9.34 2.78 -1.10
N VAL C 275 -10.36 3.35 -1.81
CA VAL C 275 -11.36 4.27 -1.19
C VAL C 275 -12.77 3.97 -1.61
N ILE C 276 -13.67 3.96 -0.68
CA ILE C 276 -14.99 3.64 -1.14
C ILE C 276 -15.68 4.76 -1.88
N SER C 277 -15.27 6.00 -1.67
CA SER C 277 -15.91 7.09 -2.37
C SER C 277 -15.87 6.80 -3.87
N ASP C 278 -14.77 6.17 -4.33
CA ASP C 278 -14.70 5.84 -5.77
C ASP C 278 -15.70 4.77 -6.13
N LYS C 279 -15.88 3.83 -5.22
CA LYS C 279 -16.80 2.74 -5.53
C LYS C 279 -18.27 3.08 -5.64
N ILE C 280 -18.63 4.16 -5.03
CA ILE C 280 -20.03 4.49 -5.04
C ILE C 280 -20.70 4.53 -6.41
N SER C 281 -20.17 5.37 -7.26
CA SER C 281 -20.78 5.50 -8.56
C SER C 281 -20.67 4.24 -9.35
N ALA C 282 -19.61 3.46 -9.17
CA ALA C 282 -19.56 2.25 -9.96
C ALA C 282 -20.68 1.29 -9.57
N ALA C 283 -20.76 1.13 -8.24
CA ALA C 283 -21.69 0.17 -7.69
C ALA C 283 -23.15 0.48 -7.91
N MET C 284 -23.51 1.75 -7.79
CA MET C 284 -24.90 2.13 -8.00
C MET C 284 -25.41 1.85 -9.43
N LEU C 285 -24.59 1.35 -10.32
CA LEU C 285 -25.10 1.05 -11.62
C LEU C 285 -25.50 -0.38 -11.68
N TYR C 286 -25.15 -1.16 -10.65
CA TYR C 286 -25.55 -2.57 -10.66
C TYR C 286 -26.44 -3.08 -9.49
N VAL C 287 -26.36 -2.38 -8.37
CA VAL C 287 -27.08 -2.69 -7.14
C VAL C 287 -28.05 -1.59 -6.78
N PRO C 288 -29.21 -2.02 -6.37
CA PRO C 288 -30.33 -1.17 -6.04
C PRO C 288 -30.05 -0.16 -4.99
N GLN C 289 -29.31 -0.62 -3.99
CA GLN C 289 -29.01 0.29 -2.93
C GLN C 289 -27.69 0.03 -2.29
N LEU C 290 -27.20 1.14 -1.73
CA LEU C 290 -25.92 1.13 -1.01
C LEU C 290 -26.05 1.52 0.45
N LEU C 291 -25.31 0.81 1.23
CA LEU C 291 -25.20 1.13 2.65
C LEU C 291 -23.73 1.50 2.90
N LEU C 292 -23.50 2.62 3.53
CA LEU C 292 -22.14 2.93 3.73
C LEU C 292 -21.77 2.91 5.18
N HIS C 293 -20.77 2.09 5.56
CA HIS C 293 -20.25 2.11 6.92
C HIS C 293 -19.06 3.07 6.89
N VAL C 294 -19.33 4.33 7.17
CA VAL C 294 -18.25 5.27 7.17
C VAL C 294 -17.39 5.04 8.42
N SER C 295 -16.14 4.68 8.20
CA SER C 295 -15.22 4.37 9.26
C SER C 295 -13.86 4.96 9.00
N ARG C 296 -13.06 5.14 10.04
CA ARG C 296 -11.69 5.55 9.79
C ARG C 296 -10.74 4.42 10.17
N PRO C 297 -10.13 3.80 9.16
CA PRO C 297 -9.14 2.72 9.33
C PRO C 297 -7.72 3.33 9.47
N VAL C 298 -6.95 2.86 10.44
CA VAL C 298 -5.59 3.36 10.65
C VAL C 298 -4.63 2.18 10.46
N ARG C 299 -4.37 1.81 9.19
CA ARG C 299 -3.51 0.69 8.84
C ARG C 299 -4.14 -0.67 8.92
N TRP C 300 -5.39 -0.71 9.42
CA TRP C 300 -6.12 -1.96 9.49
C TRP C 300 -7.58 -1.61 9.63
N ASP C 301 -8.52 -2.54 9.53
CA ASP C 301 -9.89 -2.12 9.80
C ASP C 301 -9.99 -2.00 11.34
N SER C 302 -9.44 -0.85 11.74
CA SER C 302 -9.26 -0.41 13.10
C SER C 302 -10.45 0.29 13.71
N ASP C 303 -11.30 0.74 12.85
CA ASP C 303 -12.48 1.34 13.41
C ASP C 303 -12.29 2.58 14.24
N HIS C 304 -11.45 3.51 13.79
CA HIS C 304 -11.25 4.74 14.53
C HIS C 304 -12.37 5.71 14.16
N VAL C 305 -12.50 6.80 14.88
CA VAL C 305 -13.52 7.78 14.67
C VAL C 305 -13.41 8.63 13.41
N VAL C 306 -14.54 8.71 12.73
CA VAL C 306 -14.59 9.45 11.49
C VAL C 306 -14.08 10.87 11.61
N LEU C 307 -13.14 11.26 10.74
CA LEU C 307 -12.71 12.66 10.83
C LEU C 307 -13.26 13.47 9.68
N LEU C 308 -13.17 14.78 9.83
CA LEU C 308 -13.52 15.67 8.80
C LEU C 308 -12.25 15.56 7.94
N ASP C 309 -12.16 14.57 7.06
CA ASP C 309 -10.96 14.42 6.29
C ASP C 309 -11.18 14.10 4.79
N ASP C 310 -10.09 13.84 4.07
CA ASP C 310 -10.13 13.59 2.65
C ASP C 310 -11.19 12.63 2.18
N GLU C 311 -11.09 11.43 2.71
CA GLU C 311 -12.01 10.37 2.33
C GLU C 311 -13.43 10.59 2.82
N THR C 312 -13.55 11.11 4.03
CA THR C 312 -14.90 11.34 4.51
C THR C 312 -15.61 12.38 3.63
N GLN C 313 -14.88 13.42 3.34
CA GLN C 313 -15.40 14.46 2.50
C GLN C 313 -15.65 13.91 1.13
N ALA C 314 -14.76 13.04 0.64
CA ALA C 314 -14.96 12.49 -0.71
C ALA C 314 -16.17 11.60 -0.80
N ILE C 315 -16.40 10.86 0.27
CA ILE C 315 -17.59 10.03 0.23
C ILE C 315 -18.85 10.89 0.08
N ALA C 316 -18.84 11.90 0.92
CA ALA C 316 -19.91 12.84 1.06
C ALA C 316 -20.20 13.44 -0.31
N SER C 317 -19.15 13.87 -0.98
CA SER C 317 -19.33 14.48 -2.28
C SER C 317 -19.94 13.51 -3.24
N GLU C 318 -19.48 12.28 -3.17
CA GLU C 318 -20.00 11.34 -4.07
C GLU C 318 -21.46 11.10 -3.90
N ILE C 319 -21.93 11.23 -2.67
CA ILE C 319 -23.34 11.00 -2.42
C ILE C 319 -24.21 12.12 -2.96
N VAL C 320 -23.84 13.26 -2.42
CA VAL C 320 -24.44 14.56 -2.68
C VAL C 320 -24.41 14.93 -4.15
N ARG C 321 -23.22 14.80 -4.79
CA ARG C 321 -23.11 15.12 -6.22
C ARG C 321 -24.07 14.31 -7.07
N HIS C 322 -24.45 13.14 -6.60
CA HIS C 322 -25.31 12.33 -7.42
C HIS C 322 -26.72 12.27 -6.90
N ASP C 323 -27.04 13.19 -5.96
CA ASP C 323 -28.38 13.25 -5.35
C ASP C 323 -28.87 11.90 -4.84
N LEU C 324 -27.95 11.12 -4.25
CA LEU C 324 -28.28 9.80 -3.70
C LEU C 324 -28.94 9.92 -2.32
N PHE C 325 -30.02 10.66 -2.25
CA PHE C 325 -30.69 10.87 -1.01
C PHE C 325 -31.35 9.62 -0.50
N ASP C 326 -31.84 8.81 -1.42
CA ASP C 326 -32.58 7.62 -1.03
C ASP C 326 -31.95 6.31 -1.23
N ARG C 327 -31.10 6.17 -2.20
CA ARG C 327 -30.55 4.86 -2.41
C ARG C 327 -29.33 4.59 -1.59
N VAL C 328 -28.84 5.65 -0.93
CA VAL C 328 -27.66 5.58 -0.10
C VAL C 328 -28.12 5.71 1.35
N HIS C 329 -27.79 4.71 2.17
CA HIS C 329 -28.08 4.70 3.60
C HIS C 329 -26.75 4.98 4.26
N ILE C 330 -26.71 6.10 4.88
CA ILE C 330 -25.44 6.42 5.45
C ILE C 330 -25.40 6.00 6.85
N GLY C 331 -24.46 5.13 7.13
CA GLY C 331 -24.22 4.66 8.46
C GLY C 331 -22.80 4.98 8.93
N LEU C 332 -22.63 4.81 10.23
CA LEU C 332 -21.34 4.98 10.81
C LEU C 332 -20.88 3.63 11.32
N ASP C 333 -19.58 3.46 11.33
CA ASP C 333 -19.03 2.23 11.83
C ASP C 333 -17.67 2.43 12.49
N PHE C 334 -17.71 2.60 13.79
CA PHE C 334 -16.48 2.74 14.51
C PHE C 334 -16.72 2.39 15.93
N PHE C 335 -15.62 2.06 16.60
CA PHE C 335 -15.66 1.71 17.99
C PHE C 335 -14.33 1.93 18.73
N ASP C 336 -14.06 3.21 19.07
CA ASP C 336 -12.87 3.59 19.82
C ASP C 336 -13.17 3.49 21.34
N ALA C 337 -12.44 2.64 22.03
CA ALA C 337 -12.70 2.44 23.45
C ALA C 337 -11.67 3.18 24.23
N SER C 338 -11.08 4.17 23.62
CA SER C 338 -10.01 4.81 24.39
C SER C 338 -10.33 6.25 24.68
N ILE C 339 -11.55 6.62 24.37
CA ILE C 339 -11.94 7.97 24.66
C ILE C 339 -13.41 7.89 25.07
N ASN C 340 -13.91 8.99 25.57
CA ASN C 340 -15.31 9.00 25.91
C ASN C 340 -16.09 8.62 24.69
N ARG C 341 -16.81 7.55 24.79
CA ARG C 341 -17.62 7.04 23.70
C ARG C 341 -18.76 7.90 23.19
N ILE C 342 -19.29 8.76 24.06
CA ILE C 342 -20.36 9.65 23.71
C ILE C 342 -19.72 10.71 22.80
N ALA C 343 -18.49 11.05 23.15
CA ALA C 343 -17.79 12.04 22.32
C ALA C 343 -17.44 11.36 21.03
N ALA C 344 -17.11 10.11 21.11
CA ALA C 344 -16.77 9.51 19.88
C ALA C 344 -17.89 9.64 18.93
N TRP C 345 -19.08 9.26 19.39
CA TRP C 345 -20.22 9.27 18.51
C TRP C 345 -20.48 10.64 18.02
N VAL C 346 -20.26 11.55 18.95
CA VAL C 346 -20.48 12.95 18.69
C VAL C 346 -19.65 13.50 17.54
N ILE C 347 -18.35 13.44 17.72
CA ILE C 347 -17.33 13.87 16.79
C ILE C 347 -17.53 13.27 15.37
N GLY C 348 -17.75 11.95 15.34
CA GLY C 348 -17.90 11.15 14.16
C GLY C 348 -19.13 11.58 13.41
N THR C 349 -20.23 11.66 14.17
CA THR C 349 -21.51 12.05 13.61
C THR C 349 -21.52 13.42 13.03
N ARG C 350 -21.07 14.33 13.85
CA ARG C 350 -20.94 15.68 13.49
C ARG C 350 -20.07 15.86 12.28
N ASN C 351 -18.97 15.10 12.16
CA ASN C 351 -18.05 15.21 11.02
C ASN C 351 -18.69 14.80 9.72
N MET C 352 -19.46 13.70 9.79
CA MET C 352 -20.14 13.14 8.67
C MET C 352 -21.10 14.17 8.08
N LYS C 353 -21.77 14.86 8.98
CA LYS C 353 -22.71 15.89 8.67
C LYS C 353 -22.02 17.16 8.14
N LYS C 354 -20.87 17.47 8.69
CA LYS C 354 -20.10 18.61 8.28
C LYS C 354 -19.60 18.31 6.85
N ALA C 355 -19.21 17.07 6.63
CA ALA C 355 -18.75 16.66 5.29
C ALA C 355 -19.92 16.74 4.27
N LEU C 356 -21.14 16.27 4.66
CA LEU C 356 -22.32 16.36 3.80
C LEU C 356 -22.66 17.83 3.51
N LEU C 357 -22.65 18.63 4.53
CA LEU C 357 -22.94 20.02 4.30
C LEU C 357 -21.98 20.64 3.31
N ARG C 358 -20.74 20.30 3.48
CA ARG C 358 -19.76 20.88 2.61
C ARG C 358 -19.97 20.57 1.15
N ALA C 359 -20.29 19.35 0.93
CA ALA C 359 -20.60 18.80 -0.37
C ALA C 359 -21.86 19.52 -0.90
N LEU C 360 -22.84 19.78 0.00
CA LEU C 360 -24.05 20.45 -0.35
C LEU C 360 -23.83 21.92 -0.67
N LEU C 361 -22.69 22.45 -0.25
CA LEU C 361 -22.37 23.86 -0.50
C LEU C 361 -21.45 24.03 -1.71
N GLU C 362 -21.22 22.92 -2.40
CA GLU C 362 -20.40 22.84 -3.59
C GLU C 362 -21.23 23.22 -4.78
N PRO C 363 -20.66 24.05 -5.66
CA PRO C 363 -21.26 24.52 -6.91
C PRO C 363 -20.90 23.45 -7.90
N THR C 364 -21.55 22.36 -7.65
CA THR C 364 -21.31 21.18 -8.42
C THR C 364 -21.63 21.32 -9.91
N ALA C 365 -22.80 21.87 -10.24
CA ALA C 365 -23.17 22.01 -11.66
C ALA C 365 -22.08 22.77 -12.42
N GLU C 366 -21.66 23.88 -11.83
CA GLU C 366 -20.56 24.66 -12.39
C GLU C 366 -19.33 23.77 -12.62
N LEU C 367 -18.85 23.17 -11.54
CA LEU C 367 -17.72 22.32 -11.66
C LEU C 367 -17.92 21.21 -12.67
N ARG C 368 -19.07 20.54 -12.62
CA ARG C 368 -19.40 19.45 -13.51
C ARG C 368 -19.18 19.93 -14.93
N LYS C 369 -19.60 21.19 -15.03
CA LYS C 369 -19.53 21.96 -16.23
C LYS C 369 -18.10 22.20 -16.65
N LEU C 370 -17.31 22.87 -15.83
CA LEU C 370 -15.93 23.13 -16.23
C LEU C 370 -15.25 21.85 -16.71
N GLU C 371 -15.55 20.82 -15.93
CA GLU C 371 -15.02 19.50 -16.15
C GLU C 371 -15.33 18.95 -17.51
N ALA C 372 -16.63 18.96 -17.86
CA ALA C 372 -17.10 18.40 -19.13
C ALA C 372 -16.44 19.09 -20.34
N PRO C 373 -16.01 20.31 -20.13
CA PRO C 373 -15.33 21.16 -21.05
C PRO C 373 -13.88 21.08 -21.04
N GLY C 374 -13.35 20.14 -20.30
CA GLY C 374 -11.91 19.98 -20.26
C GLY C 374 -11.26 21.16 -19.58
N ASP C 375 -12.03 22.03 -18.91
CA ASP C 375 -11.32 23.11 -18.22
C ASP C 375 -10.83 22.59 -16.83
N TYR C 376 -9.83 21.70 -16.84
CA TYR C 376 -9.27 21.07 -15.67
C TYR C 376 -8.51 22.04 -14.75
N THR C 377 -8.08 23.15 -15.30
CA THR C 377 -7.37 24.13 -14.53
C THR C 377 -8.31 24.82 -13.57
N ALA C 378 -9.44 25.18 -14.14
CA ALA C 378 -10.48 25.87 -13.40
C ALA C 378 -11.07 24.88 -12.40
N ARG C 379 -11.34 23.64 -12.85
CA ARG C 379 -11.81 22.56 -12.01
C ARG C 379 -10.96 22.48 -10.70
N LEU C 380 -9.71 22.24 -10.89
CA LEU C 380 -8.81 22.18 -9.77
C LEU C 380 -8.93 23.44 -8.96
N ALA C 381 -8.68 24.55 -9.62
CA ALA C 381 -8.74 25.81 -8.91
C ALA C 381 -10.02 26.02 -8.09
N LEU C 382 -11.18 25.75 -8.67
CA LEU C 382 -12.49 25.93 -8.01
C LEU C 382 -12.68 25.05 -6.78
N LEU C 383 -12.44 23.79 -6.99
CA LEU C 383 -12.52 22.83 -5.92
C LEU C 383 -11.66 23.26 -4.75
N GLU C 384 -10.46 23.72 -5.03
CA GLU C 384 -9.60 24.13 -3.92
C GLU C 384 -10.02 25.40 -3.22
N GLU C 385 -10.69 26.26 -3.98
CA GLU C 385 -11.13 27.50 -3.43
C GLU C 385 -12.38 27.23 -2.62
N GLN C 386 -13.04 26.11 -2.91
CA GLN C 386 -14.22 25.81 -2.13
C GLN C 386 -13.85 25.74 -0.63
N LYS C 387 -12.70 25.15 -0.41
CA LYS C 387 -12.21 24.96 0.95
C LYS C 387 -12.08 26.20 1.79
N SER C 388 -11.86 27.32 1.13
CA SER C 388 -11.74 28.54 1.92
C SER C 388 -13.02 29.38 1.88
N LEU C 389 -14.13 28.79 1.42
CA LEU C 389 -15.34 29.60 1.47
C LEU C 389 -15.84 29.52 2.92
N PRO C 390 -16.66 30.41 3.45
CA PRO C 390 -17.03 30.27 4.88
C PRO C 390 -18.08 29.22 5.20
N TRP C 391 -17.84 27.95 4.93
CA TRP C 391 -18.91 27.02 5.23
C TRP C 391 -19.18 26.81 6.72
N GLN C 392 -18.18 27.11 7.55
CA GLN C 392 -18.26 26.93 9.01
C GLN C 392 -19.50 27.69 9.54
N ALA C 393 -19.71 28.85 8.96
CA ALA C 393 -20.80 29.74 9.29
C ALA C 393 -22.09 29.03 9.02
N VAL C 394 -22.11 28.26 7.94
CA VAL C 394 -23.37 27.53 7.65
C VAL C 394 -23.58 26.37 8.58
N TRP C 395 -22.48 25.72 8.93
CA TRP C 395 -22.53 24.61 9.87
C TRP C 395 -23.04 25.03 11.24
N GLU C 396 -22.48 26.13 11.76
CA GLU C 396 -22.85 26.72 13.02
C GLU C 396 -24.31 27.15 13.09
N MET C 397 -24.89 27.59 11.95
CA MET C 397 -26.28 27.98 11.95
C MET C 397 -27.14 26.71 11.92
N TYR C 398 -26.68 25.69 11.24
CA TYR C 398 -27.40 24.42 11.17
C TYR C 398 -27.57 23.87 12.58
N CYS C 399 -26.48 23.96 13.35
CA CYS C 399 -26.42 23.50 14.73
C CYS C 399 -27.47 24.27 15.56
N GLN C 400 -27.37 25.56 15.45
CA GLN C 400 -28.27 26.41 16.16
C GLN C 400 -29.75 26.16 15.82
N ARG C 401 -30.05 25.83 14.58
CA ARG C 401 -31.46 25.59 14.26
C ARG C 401 -31.97 24.28 14.79
N HIS C 402 -31.03 23.54 15.25
CA HIS C 402 -31.39 22.25 15.79
C HIS C 402 -31.11 22.27 17.27
N ASP C 403 -30.88 23.46 17.81
CA ASP C 403 -30.62 23.59 19.22
C ASP C 403 -29.60 22.57 19.71
N THR C 404 -28.44 22.72 19.07
CA THR C 404 -27.23 21.95 19.24
C THR C 404 -26.03 22.92 19.28
N PRO C 405 -25.06 22.64 20.15
CA PRO C 405 -23.93 23.54 20.24
C PRO C 405 -23.27 23.58 18.88
N ALA C 406 -22.81 24.77 18.51
CA ALA C 406 -22.17 25.11 17.26
C ALA C 406 -20.69 24.76 17.23
N GLY C 407 -20.07 25.01 18.36
CA GLY C 407 -18.65 24.76 18.57
C GLY C 407 -18.30 23.71 19.61
N SER C 408 -17.13 23.94 20.20
CA SER C 408 -16.50 23.05 21.20
C SER C 408 -17.24 22.88 22.52
N GLU C 409 -18.14 23.82 22.77
CA GLU C 409 -18.95 23.83 23.95
C GLU C 409 -19.63 22.47 24.21
N TRP C 410 -19.96 21.73 23.16
CA TRP C 410 -20.60 20.44 23.38
C TRP C 410 -19.82 19.52 24.33
N LEU C 411 -18.49 19.70 24.32
CA LEU C 411 -17.61 18.89 25.11
C LEU C 411 -17.95 19.03 26.58
N GLU C 412 -18.36 20.23 26.94
CA GLU C 412 -18.77 20.52 28.28
C GLU C 412 -19.93 19.69 28.68
N SER C 413 -20.83 19.49 27.78
CA SER C 413 -21.99 18.69 28.09
C SER C 413 -21.56 17.31 28.32
N VAL C 414 -20.68 16.86 27.42
CA VAL C 414 -20.16 15.53 27.55
C VAL C 414 -19.40 15.40 28.87
N ARG C 415 -18.60 16.39 29.22
CA ARG C 415 -17.85 16.36 30.48
C ARG C 415 -18.73 16.35 31.70
N ALA C 416 -19.92 16.93 31.61
CA ALA C 416 -20.89 17.01 32.71
C ALA C 416 -21.62 15.69 32.90
N TYR C 417 -22.04 15.07 31.80
CA TYR C 417 -22.72 13.79 31.86
C TYR C 417 -21.77 12.72 32.43
N GLU C 418 -20.49 12.86 32.11
CA GLU C 418 -19.47 11.93 32.56
C GLU C 418 -19.46 11.89 34.09
N LYS C 419 -19.31 13.10 34.59
CA LYS C 419 -19.23 13.41 35.98
C LYS C 419 -20.34 12.74 36.73
N GLU C 420 -21.52 13.19 36.40
CA GLU C 420 -22.71 12.75 37.04
C GLU C 420 -23.09 11.33 36.79
N ILE C 421 -22.92 10.85 35.57
CA ILE C 421 -23.37 9.50 35.29
C ILE C 421 -22.32 8.51 34.98
N LEU C 422 -21.48 8.87 34.03
CA LEU C 422 -20.49 7.92 33.57
C LEU C 422 -19.51 7.42 34.61
N SER C 423 -19.07 8.37 35.43
CA SER C 423 -18.08 8.15 36.52
C SER C 423 -18.58 7.19 37.62
N ARG C 424 -19.88 6.93 37.63
CA ARG C 424 -20.45 6.03 38.61
C ARG C 424 -20.74 4.70 38.00
N ARG C 425 -20.25 4.44 36.79
CA ARG C 425 -20.50 3.12 36.30
C ARG C 425 -19.25 2.27 36.53
N THR D 10 20.64 -38.61 -20.40
CA THR D 10 20.84 -39.60 -19.33
C THR D 10 20.68 -38.95 -17.97
N GLN D 11 21.43 -37.89 -17.75
CA GLN D 11 21.33 -37.16 -16.49
C GLN D 11 19.88 -36.83 -16.27
N LEU D 12 19.29 -36.11 -17.23
CA LEU D 12 17.89 -35.72 -17.22
C LEU D 12 16.99 -36.89 -16.99
N GLU D 13 17.38 -37.98 -17.64
CA GLU D 13 16.58 -39.17 -17.51
C GLU D 13 16.52 -39.61 -16.04
N GLN D 14 17.69 -39.70 -15.46
CA GLN D 14 17.78 -40.09 -14.08
C GLN D 14 17.01 -39.13 -13.19
N ALA D 15 17.19 -37.81 -13.41
CA ALA D 15 16.51 -36.82 -12.59
C ALA D 15 15.02 -37.05 -12.53
N TRP D 16 14.53 -37.46 -13.68
CA TRP D 16 13.13 -37.75 -13.86
C TRP D 16 12.69 -38.90 -13.02
N GLU D 17 13.42 -39.99 -13.16
CA GLU D 17 13.02 -41.17 -12.38
C GLU D 17 12.95 -40.89 -10.91
N LEU D 18 14.00 -40.28 -10.46
CA LEU D 18 14.00 -39.95 -9.08
C LEU D 18 12.76 -39.14 -8.76
N ALA D 19 12.60 -38.03 -9.44
CA ALA D 19 11.46 -37.22 -9.16
C ALA D 19 10.20 -37.98 -9.25
N LYS D 20 10.20 -38.82 -10.25
CA LYS D 20 9.02 -39.59 -10.47
C LYS D 20 8.68 -40.37 -9.23
N GLN D 21 9.75 -40.86 -8.57
CA GLN D 21 9.55 -41.65 -7.35
C GLN D 21 9.17 -40.78 -6.17
N ARG D 22 10.00 -39.77 -5.90
CA ARG D 22 9.67 -38.90 -4.78
C ARG D 22 8.21 -38.56 -4.70
N PHE D 23 7.70 -38.15 -5.84
CA PHE D 23 6.31 -37.71 -5.96
C PHE D 23 5.24 -38.78 -5.75
N ALA D 24 5.45 -39.91 -6.38
CA ALA D 24 4.53 -40.95 -6.24
C ALA D 24 4.48 -41.14 -4.74
N ALA D 25 5.66 -41.11 -4.16
CA ALA D 25 5.75 -41.25 -2.72
C ALA D 25 4.83 -40.28 -1.99
N VAL D 26 4.40 -39.23 -2.62
CA VAL D 26 3.53 -38.32 -1.92
C VAL D 26 2.20 -38.15 -2.57
N GLY D 27 1.80 -39.22 -3.23
CA GLY D 27 0.51 -39.27 -3.89
C GLY D 27 0.44 -38.49 -5.18
N ILE D 28 1.61 -38.06 -5.68
CA ILE D 28 1.63 -37.30 -6.94
C ILE D 28 2.13 -38.05 -8.16
N ASP D 29 1.28 -38.15 -9.23
CA ASP D 29 1.61 -38.81 -10.50
C ASP D 29 2.23 -37.79 -11.45
N VAL D 30 3.55 -37.78 -11.62
CA VAL D 30 4.14 -36.77 -12.48
C VAL D 30 3.68 -36.88 -13.93
N GLU D 31 3.40 -38.10 -14.37
CA GLU D 31 2.95 -38.25 -15.73
C GLU D 31 1.66 -37.49 -15.89
N GLU D 32 0.79 -37.72 -14.93
CA GLU D 32 -0.46 -37.03 -14.95
C GLU D 32 -0.27 -35.52 -14.90
N ALA D 33 0.74 -35.04 -14.22
CA ALA D 33 0.87 -33.58 -14.26
C ALA D 33 1.21 -33.10 -15.66
N LEU D 34 2.21 -33.73 -16.27
CA LEU D 34 2.59 -33.31 -17.63
C LEU D 34 1.38 -33.31 -18.54
N ARG D 35 0.62 -34.37 -18.41
CA ARG D 35 -0.58 -34.50 -19.20
C ARG D 35 -1.43 -33.28 -18.94
N GLN D 36 -1.64 -33.01 -17.68
CA GLN D 36 -2.46 -31.88 -17.36
C GLN D 36 -1.89 -30.54 -17.86
N LEU D 37 -0.57 -30.45 -17.84
CA LEU D 37 0.09 -29.24 -18.24
C LEU D 37 -0.18 -29.03 -19.70
N ASP D 38 -0.28 -30.16 -20.37
CA ASP D 38 -0.60 -30.07 -21.76
C ASP D 38 -2.04 -29.59 -21.96
N ARG D 39 -2.82 -29.42 -20.89
CA ARG D 39 -4.16 -28.93 -21.14
C ARG D 39 -4.27 -27.49 -20.79
N LEU D 40 -3.12 -26.86 -20.52
CA LEU D 40 -3.13 -25.47 -20.10
C LEU D 40 -2.31 -24.52 -20.97
N PRO D 41 -2.92 -24.05 -22.04
CA PRO D 41 -2.24 -23.15 -22.95
C PRO D 41 -2.13 -21.79 -22.36
N VAL D 42 -1.12 -21.14 -22.78
CA VAL D 42 -0.88 -19.79 -22.35
C VAL D 42 -0.97 -18.94 -23.61
N SER D 43 -1.72 -17.84 -23.52
CA SER D 43 -1.91 -16.98 -24.64
C SER D 43 -0.83 -15.97 -24.60
N MET D 44 0.16 -16.10 -25.51
CA MET D 44 1.25 -15.13 -25.57
C MET D 44 0.77 -13.81 -26.18
N HIS D 45 1.05 -12.71 -25.50
CA HIS D 45 0.64 -11.42 -26.00
C HIS D 45 1.56 -11.08 -27.18
N CYS D 46 1.01 -10.60 -28.27
CA CYS D 46 1.83 -10.28 -29.42
C CYS D 46 2.63 -9.04 -29.18
N TRP D 47 2.05 -8.12 -28.41
CA TRP D 47 2.65 -6.83 -28.18
C TRP D 47 4.00 -6.70 -27.53
N GLN D 48 4.49 -7.79 -26.93
CA GLN D 48 5.79 -7.69 -26.33
C GLN D 48 6.90 -7.65 -27.44
N GLY D 49 6.59 -8.26 -28.58
CA GLY D 49 7.57 -8.29 -29.66
C GLY D 49 7.91 -6.91 -30.26
N ASP D 50 6.99 -5.89 -30.15
CA ASP D 50 7.24 -4.56 -30.72
C ASP D 50 6.92 -3.37 -29.82
N ASP D 51 6.96 -3.67 -28.54
CA ASP D 51 6.66 -2.64 -27.56
C ASP D 51 5.36 -1.96 -27.86
N VAL D 52 4.37 -2.81 -28.21
CA VAL D 52 3.05 -2.32 -28.46
C VAL D 52 2.95 -1.23 -29.52
N SER D 53 3.83 -1.32 -30.52
CA SER D 53 3.85 -0.35 -31.61
C SER D 53 2.69 -0.51 -32.56
N GLY D 54 2.43 -1.74 -32.94
CA GLY D 54 1.35 -2.09 -33.86
C GLY D 54 1.84 -1.90 -35.31
N PHE D 55 0.96 -2.20 -36.23
CA PHE D 55 1.39 -2.03 -37.58
C PHE D 55 0.68 -0.86 -38.17
N GLU D 56 -0.42 -0.44 -37.55
CA GLU D 56 -1.15 0.70 -38.09
C GLU D 56 -0.21 1.88 -38.29
N ASN D 57 0.30 2.32 -37.13
CA ASN D 57 1.18 3.47 -36.99
C ASN D 57 2.42 3.20 -36.10
N PRO D 58 3.13 2.08 -36.41
CA PRO D 58 4.31 1.65 -35.69
C PRO D 58 5.04 2.81 -35.09
N GLU D 59 5.82 3.48 -35.91
CA GLU D 59 6.53 4.64 -35.41
C GLU D 59 5.42 5.67 -35.23
N GLY D 60 4.93 5.82 -33.98
CA GLY D 60 3.83 6.72 -33.73
C GLY D 60 3.62 7.24 -32.30
N SER D 61 3.85 6.42 -31.23
CA SER D 61 3.69 6.81 -29.80
C SER D 61 2.63 6.07 -28.98
N LEU D 62 3.15 5.26 -28.04
CA LEU D 62 2.37 4.46 -27.11
C LEU D 62 1.64 5.40 -26.16
N THR D 63 0.35 5.32 -26.22
CA THR D 63 -0.38 6.17 -25.36
C THR D 63 -1.39 5.28 -24.66
N GLY D 64 -1.99 5.77 -23.57
CA GLY D 64 -2.97 4.98 -22.87
C GLY D 64 -2.75 4.87 -21.37
N GLY D 65 -1.61 5.41 -20.88
CA GLY D 65 -1.26 5.40 -19.47
C GLY D 65 -0.38 4.18 -19.19
N ILE D 66 -0.11 3.52 -20.32
CA ILE D 66 0.76 2.40 -20.47
C ILE D 66 2.04 2.92 -21.13
N GLN D 67 3.11 2.19 -20.87
CA GLN D 67 4.38 2.57 -21.37
C GLN D 67 5.31 1.41 -21.46
N ALA D 68 6.26 1.60 -22.35
CA ALA D 68 7.34 0.69 -22.65
C ALA D 68 8.66 1.43 -22.41
N THR D 69 9.49 0.96 -21.44
CA THR D 69 10.76 1.60 -21.08
C THR D 69 11.93 0.75 -21.46
N GLY D 70 12.99 1.46 -21.66
CA GLY D 70 14.21 0.83 -22.08
C GLY D 70 14.34 1.09 -23.59
N ASN D 71 15.50 0.84 -24.11
CA ASN D 71 15.67 1.11 -25.53
C ASN D 71 16.42 -0.05 -26.20
N TYR D 72 16.06 -1.25 -25.77
CA TYR D 72 16.71 -2.43 -26.28
C TYR D 72 16.38 -2.63 -27.74
N PRO D 73 17.44 -2.78 -28.49
CA PRO D 73 17.31 -2.93 -29.91
C PRO D 73 16.77 -4.29 -30.33
N GLY D 74 16.34 -4.34 -31.59
CA GLY D 74 15.85 -5.56 -32.20
C GLY D 74 14.35 -5.63 -32.32
N LYS D 75 13.64 -4.59 -31.87
CA LYS D 75 12.17 -4.61 -31.93
C LYS D 75 11.69 -5.10 -33.32
N ALA D 76 10.59 -5.84 -33.43
CA ALA D 76 10.05 -6.25 -34.73
C ALA D 76 9.32 -5.01 -35.23
N ARG D 77 9.24 -4.88 -36.53
CA ARG D 77 8.62 -3.71 -37.08
C ARG D 77 7.51 -4.02 -38.03
N ASN D 78 7.27 -5.30 -38.24
CA ASN D 78 6.21 -5.68 -39.14
C ASN D 78 5.73 -7.08 -38.84
N ALA D 79 4.65 -7.51 -39.49
CA ALA D 79 4.14 -8.84 -39.22
C ALA D 79 5.18 -9.92 -39.39
N SER D 80 5.98 -9.75 -40.43
CA SER D 80 6.97 -10.73 -40.71
C SER D 80 7.98 -11.05 -39.60
N GLU D 81 8.59 -10.01 -39.09
CA GLU D 81 9.53 -10.03 -38.02
C GLU D 81 8.93 -10.61 -36.78
N LEU D 82 7.77 -10.03 -36.50
CA LEU D 82 6.97 -10.40 -35.36
C LEU D 82 6.74 -11.88 -35.29
N ARG D 83 6.24 -12.45 -36.39
CA ARG D 83 5.96 -13.89 -36.50
C ARG D 83 7.24 -14.66 -36.44
N ALA D 84 8.30 -14.04 -36.98
CA ALA D 84 9.61 -14.65 -36.95
C ALA D 84 10.11 -14.72 -35.51
N ASP D 85 10.09 -13.60 -34.81
CA ASP D 85 10.47 -13.52 -33.41
C ASP D 85 9.58 -14.45 -32.55
N LEU D 86 8.29 -14.38 -32.80
CA LEU D 86 7.38 -15.26 -32.08
C LEU D 86 7.80 -16.73 -32.14
N GLU D 87 7.99 -17.25 -33.37
CA GLU D 87 8.43 -18.64 -33.58
C GLU D 87 9.70 -19.00 -32.85
N GLN D 88 10.67 -18.11 -32.81
CA GLN D 88 11.90 -18.38 -32.10
C GLN D 88 11.55 -18.56 -30.62
N ALA D 89 10.66 -17.69 -30.12
CA ALA D 89 10.20 -17.73 -28.73
C ALA D 89 9.54 -19.07 -28.44
N MET D 90 8.55 -19.34 -29.26
CA MET D 90 7.73 -20.54 -29.23
C MET D 90 8.50 -21.85 -29.28
N ARG D 91 9.63 -21.83 -29.95
CA ARG D 91 10.38 -23.06 -30.01
C ARG D 91 11.17 -23.22 -28.71
N LEU D 92 11.17 -22.19 -27.91
CA LEU D 92 11.89 -22.27 -26.65
C LEU D 92 10.93 -22.35 -25.46
N ILE D 93 9.66 -22.67 -25.81
CA ILE D 93 8.60 -22.77 -24.86
C ILE D 93 7.78 -23.99 -25.10
N PRO D 94 7.86 -24.89 -24.15
CA PRO D 94 7.21 -26.17 -24.19
C PRO D 94 5.70 -26.11 -24.01
N GLY D 95 5.03 -27.00 -24.71
CA GLY D 95 3.60 -27.12 -24.61
C GLY D 95 2.77 -26.05 -25.28
N PRO D 96 1.50 -26.18 -24.99
CA PRO D 96 0.46 -25.31 -25.49
C PRO D 96 0.60 -23.78 -25.32
N LYS D 97 0.22 -23.15 -26.41
CA LYS D 97 0.20 -21.72 -26.55
C LYS D 97 -0.80 -21.36 -27.59
N ARG D 98 -1.04 -20.07 -27.52
CA ARG D 98 -1.93 -19.31 -28.36
C ARG D 98 -1.27 -18.01 -28.54
N LEU D 99 -1.84 -17.20 -29.44
CA LEU D 99 -1.35 -15.86 -29.66
C LEU D 99 -2.47 -14.94 -29.30
N ASN D 100 -2.13 -13.88 -28.62
CA ASN D 100 -3.13 -12.92 -28.28
C ASN D 100 -2.81 -11.72 -29.17
N LEU D 101 -3.76 -11.34 -30.04
CA LEU D 101 -3.44 -10.28 -30.97
C LEU D 101 -4.11 -8.96 -30.70
N HIS D 102 -3.40 -7.86 -30.99
CA HIS D 102 -4.07 -6.58 -30.81
C HIS D 102 -4.59 -6.09 -32.17
N ALA D 103 -5.65 -5.33 -32.17
CA ALA D 103 -6.19 -4.88 -33.44
C ALA D 103 -5.17 -4.09 -34.31
N ILE D 104 -4.32 -3.34 -33.65
CA ILE D 104 -3.33 -2.58 -34.39
C ILE D 104 -2.28 -3.46 -35.03
N TYR D 105 -2.38 -4.76 -34.84
CA TYR D 105 -1.41 -5.66 -35.45
C TYR D 105 -1.89 -6.19 -36.79
N LEU D 106 -2.97 -5.58 -37.27
CA LEU D 106 -3.54 -5.99 -38.55
C LEU D 106 -2.51 -5.86 -39.71
N GLU D 107 -2.85 -6.50 -40.79
CA GLU D 107 -2.04 -6.42 -41.99
C GLU D 107 -2.91 -5.99 -43.21
N SER D 108 -2.63 -4.80 -43.76
CA SER D 108 -3.37 -4.27 -44.90
C SER D 108 -2.41 -3.49 -45.71
N ASP D 109 -2.63 -3.42 -46.98
CA ASP D 109 -1.76 -2.65 -47.83
C ASP D 109 -2.04 -1.19 -47.57
N THR D 110 -3.31 -0.93 -47.40
CA THR D 110 -3.80 0.39 -47.16
C THR D 110 -4.19 0.44 -45.67
N PRO D 111 -4.08 1.64 -45.10
CA PRO D 111 -4.45 1.89 -43.73
C PRO D 111 -5.94 1.69 -43.57
N VAL D 112 -6.32 1.19 -42.39
CA VAL D 112 -7.73 0.89 -42.09
C VAL D 112 -8.25 1.69 -40.88
N SER D 113 -9.49 2.17 -40.94
CA SER D 113 -10.08 2.89 -39.81
C SER D 113 -10.40 1.79 -38.80
N ARG D 114 -9.98 2.02 -37.56
CA ARG D 114 -10.23 0.96 -36.63
C ARG D 114 -11.68 0.55 -36.57
N ASP D 115 -12.55 1.48 -36.79
CA ASP D 115 -13.94 1.08 -36.79
C ASP D 115 -14.32 0.28 -38.03
N GLN D 116 -13.34 -0.03 -38.88
CA GLN D 116 -13.72 -0.80 -40.03
C GLN D 116 -12.90 -2.04 -40.18
N ILE D 117 -12.13 -2.46 -39.18
CA ILE D 117 -11.32 -3.67 -39.40
C ILE D 117 -12.23 -4.83 -39.77
N LYS D 118 -11.67 -5.80 -40.43
CA LYS D 118 -12.32 -6.95 -40.94
C LYS D 118 -11.34 -8.11 -40.84
N PRO D 119 -11.93 -9.25 -40.78
CA PRO D 119 -11.23 -10.51 -40.67
C PRO D 119 -10.09 -10.62 -41.60
N GLU D 120 -10.40 -10.19 -42.80
CA GLU D 120 -9.42 -10.27 -43.84
C GLU D 120 -8.19 -9.52 -43.39
N HIS D 121 -8.35 -8.52 -42.53
CA HIS D 121 -7.13 -7.87 -42.10
C HIS D 121 -6.25 -8.76 -41.22
N PHE D 122 -6.77 -9.96 -40.90
CA PHE D 122 -6.02 -10.83 -40.06
C PHE D 122 -5.84 -12.23 -40.63
N LYS D 123 -6.19 -12.39 -41.87
CA LYS D 123 -6.04 -13.69 -42.49
C LYS D 123 -4.66 -14.35 -42.37
N ASN D 124 -3.58 -13.56 -42.50
CA ASN D 124 -2.18 -14.09 -42.43
C ASN D 124 -1.90 -14.66 -41.04
N TRP D 125 -2.38 -13.88 -40.05
CA TRP D 125 -2.26 -14.26 -38.67
C TRP D 125 -3.01 -15.58 -38.56
N VAL D 126 -4.22 -15.62 -39.09
CA VAL D 126 -4.97 -16.87 -39.00
C VAL D 126 -4.29 -18.07 -39.64
N GLU D 127 -3.75 -17.91 -40.84
CA GLU D 127 -3.12 -19.04 -41.50
C GLU D 127 -1.85 -19.41 -40.81
N TRP D 128 -1.21 -18.39 -40.28
CA TRP D 128 0.04 -18.65 -39.58
C TRP D 128 -0.25 -19.47 -38.33
N ALA D 129 -1.31 -19.06 -37.65
CA ALA D 129 -1.80 -19.74 -36.48
C ALA D 129 -2.14 -21.19 -36.84
N LYS D 130 -2.78 -21.37 -37.99
CA LYS D 130 -3.09 -22.72 -38.40
C LYS D 130 -1.83 -23.56 -38.59
N ALA D 131 -0.80 -22.95 -39.11
CA ALA D 131 0.47 -23.66 -39.35
C ALA D 131 1.27 -23.86 -38.09
N ASN D 132 0.94 -23.13 -37.06
CA ASN D 132 1.72 -23.29 -35.86
C ASN D 132 0.91 -23.87 -34.70
N GLN D 133 -0.25 -24.41 -35.04
CA GLN D 133 -1.12 -24.97 -34.05
C GLN D 133 -1.31 -24.04 -32.86
N LEU D 134 -1.65 -22.80 -33.19
CA LEU D 134 -1.87 -21.79 -32.18
C LEU D 134 -3.33 -21.42 -32.20
N GLY D 135 -3.88 -21.15 -31.03
CA GLY D 135 -5.24 -20.71 -31.04
C GLY D 135 -5.02 -19.22 -31.11
N LEU D 136 -6.07 -18.40 -31.26
CA LEU D 136 -5.84 -16.97 -31.28
C LEU D 136 -6.85 -16.28 -30.43
N ASP D 137 -6.38 -15.19 -29.83
CA ASP D 137 -7.22 -14.33 -29.00
C ASP D 137 -7.11 -12.94 -29.54
N PHE D 138 -8.11 -12.16 -29.30
CA PHE D 138 -8.05 -10.85 -29.86
C PHE D 138 -8.45 -9.77 -28.85
N ASN D 139 -8.11 -8.51 -29.22
CA ASN D 139 -8.42 -7.30 -28.47
C ASN D 139 -8.59 -6.05 -29.34
N PRO D 140 -9.67 -5.33 -29.14
CA PRO D 140 -9.86 -4.05 -29.79
C PRO D 140 -8.77 -3.14 -29.28
N SER D 141 -8.32 -2.19 -30.09
CA SER D 141 -7.27 -1.31 -29.58
C SER D 141 -7.79 0.06 -29.28
N CYS D 142 -7.89 0.32 -28.00
CA CYS D 142 -8.45 1.58 -27.66
C CYS D 142 -7.47 2.61 -27.18
N PHE D 143 -6.29 2.58 -27.76
CA PHE D 143 -5.34 3.61 -27.37
C PHE D 143 -4.35 3.91 -28.50
N SER D 144 -3.44 4.83 -28.23
CA SER D 144 -2.42 5.20 -29.18
C SER D 144 -3.19 5.61 -30.43
N HIS D 145 -4.11 6.57 -30.25
CA HIS D 145 -4.98 7.02 -31.34
C HIS D 145 -5.50 8.43 -31.10
N PRO D 146 -5.59 9.19 -32.16
CA PRO D 146 -6.07 10.54 -32.00
C PRO D 146 -7.43 10.61 -31.35
N LEU D 147 -8.24 9.56 -31.54
CA LEU D 147 -9.55 9.55 -30.93
C LEU D 147 -9.50 9.09 -29.46
N SER D 148 -8.29 8.94 -28.94
CA SER D 148 -8.11 8.52 -27.56
C SER D 148 -7.32 9.58 -26.85
N ALA D 149 -6.95 10.59 -27.60
CA ALA D 149 -6.14 11.64 -27.05
C ALA D 149 -6.70 12.39 -25.87
N ASP D 150 -8.01 12.39 -25.68
CA ASP D 150 -8.62 13.09 -24.55
C ASP D 150 -8.60 12.27 -23.27
N GLY D 151 -8.36 10.98 -23.37
CA GLY D 151 -8.33 10.12 -22.20
C GLY D 151 -9.63 9.36 -22.07
N PHE D 152 -10.48 9.44 -23.11
CA PHE D 152 -11.77 8.75 -23.12
C PHE D 152 -12.05 8.19 -24.46
N THR D 153 -12.75 7.07 -24.45
CA THR D 153 -13.03 6.38 -25.67
C THR D 153 -14.44 5.89 -25.59
N LEU D 154 -14.65 4.64 -25.06
CA LEU D 154 -16.02 4.14 -24.91
C LEU D 154 -16.88 4.95 -23.99
N SER D 155 -16.27 5.81 -23.19
CA SER D 155 -17.08 6.57 -22.26
C SER D 155 -17.09 8.05 -22.63
N HIS D 156 -16.50 8.33 -23.78
CA HIS D 156 -16.47 9.70 -24.22
C HIS D 156 -17.84 10.31 -24.22
N ALA D 157 -17.87 11.52 -23.75
CA ALA D 157 -19.10 12.29 -23.72
C ALA D 157 -19.58 12.58 -25.15
N ASP D 158 -18.62 12.80 -26.04
CA ASP D 158 -18.92 13.08 -27.45
C ASP D 158 -19.50 11.86 -28.11
N ASP D 159 -20.75 11.90 -28.57
CA ASP D 159 -21.36 10.70 -29.15
C ASP D 159 -20.68 10.06 -30.33
N SER D 160 -20.05 10.91 -31.07
CA SER D 160 -19.40 10.46 -32.27
C SER D 160 -18.14 9.68 -31.99
N ILE D 161 -17.30 10.19 -31.00
CA ILE D 161 -16.04 9.50 -30.60
C ILE D 161 -16.41 8.13 -30.08
N ARG D 162 -17.34 8.21 -29.15
CA ARG D 162 -17.86 7.03 -28.55
C ARG D 162 -18.18 6.04 -29.62
N GLN D 163 -19.08 6.52 -30.45
CA GLN D 163 -19.60 5.72 -31.54
C GLN D 163 -18.49 5.02 -32.25
N PHE D 164 -17.45 5.79 -32.54
CA PHE D 164 -16.26 5.29 -33.19
C PHE D 164 -15.65 4.10 -32.48
N TRP D 165 -15.49 4.31 -31.18
CA TRP D 165 -14.93 3.27 -30.32
C TRP D 165 -15.92 2.09 -30.23
N ILE D 166 -17.19 2.39 -29.99
CA ILE D 166 -18.14 1.29 -29.96
C ILE D 166 -18.03 0.51 -31.27
N ASP D 167 -18.04 1.29 -32.33
CA ASP D 167 -17.99 0.62 -33.62
C ASP D 167 -16.81 -0.30 -33.73
N HIS D 168 -15.64 0.23 -33.36
CA HIS D 168 -14.41 -0.54 -33.43
C HIS D 168 -14.48 -1.85 -32.67
N CYS D 169 -15.16 -1.73 -31.55
CA CYS D 169 -15.36 -2.87 -30.71
C CYS D 169 -16.26 -3.86 -31.37
N LYS D 170 -17.40 -3.42 -31.87
CA LYS D 170 -18.21 -4.43 -32.52
C LYS D 170 -17.48 -5.13 -33.69
N ALA D 171 -16.71 -4.35 -34.41
CA ALA D 171 -16.03 -4.99 -35.52
C ALA D 171 -15.09 -6.03 -34.99
N SER D 172 -14.42 -5.68 -33.87
CA SER D 172 -13.43 -6.57 -33.24
C SER D 172 -14.03 -7.94 -32.93
N ARG D 173 -15.22 -7.87 -32.37
CA ARG D 173 -15.89 -9.10 -32.05
C ARG D 173 -16.06 -9.92 -33.30
N ARG D 174 -16.28 -9.25 -34.42
CA ARG D 174 -16.47 -10.01 -35.63
C ARG D 174 -15.15 -10.67 -36.03
N VAL D 175 -14.04 -9.98 -35.82
CA VAL D 175 -12.77 -10.63 -36.14
C VAL D 175 -12.47 -11.86 -35.25
N SER D 176 -12.75 -11.68 -33.96
CA SER D 176 -12.57 -12.69 -32.96
C SER D 176 -13.36 -13.94 -33.32
N ALA D 177 -14.63 -13.77 -33.64
CA ALA D 177 -15.41 -14.95 -34.02
C ALA D 177 -14.79 -15.63 -35.23
N TYR D 178 -14.38 -14.79 -36.14
CA TYR D 178 -13.73 -15.33 -37.32
C TYR D 178 -12.64 -16.28 -36.91
N PHE D 179 -11.78 -15.83 -35.98
CA PHE D 179 -10.65 -16.62 -35.46
C PHE D 179 -11.07 -18.02 -35.02
N GLY D 180 -12.06 -18.04 -34.15
CA GLY D 180 -12.57 -19.28 -33.59
C GLY D 180 -13.33 -20.16 -34.56
N GLU D 181 -13.87 -19.57 -35.60
CA GLU D 181 -14.59 -20.39 -36.56
C GLU D 181 -13.55 -21.17 -37.32
N GLN D 182 -12.48 -20.44 -37.60
CA GLN D 182 -11.32 -20.88 -38.35
C GLN D 182 -10.42 -21.83 -37.61
N LEU D 183 -10.08 -21.39 -36.39
CA LEU D 183 -9.16 -22.12 -35.58
C LEU D 183 -9.75 -23.27 -34.88
N GLY D 184 -11.06 -23.25 -34.72
CA GLY D 184 -11.74 -24.36 -34.02
C GLY D 184 -11.61 -24.27 -32.48
N THR D 185 -11.40 -23.06 -32.00
CA THR D 185 -11.30 -22.81 -30.58
C THR D 185 -11.70 -21.39 -30.47
N PRO D 186 -12.46 -21.10 -29.47
CA PRO D 186 -12.94 -19.77 -29.26
C PRO D 186 -11.87 -18.71 -29.07
N SER D 187 -12.07 -17.54 -29.67
CA SER D 187 -11.13 -16.48 -29.46
C SER D 187 -11.65 -15.66 -28.30
N VAL D 188 -10.80 -15.38 -27.32
CA VAL D 188 -11.28 -14.56 -26.24
C VAL D 188 -10.98 -13.12 -26.61
N MET D 189 -11.98 -12.27 -26.66
CA MET D 189 -11.68 -10.92 -27.00
C MET D 189 -11.88 -10.02 -25.80
N ASN D 190 -10.78 -9.50 -25.29
CA ASN D 190 -10.76 -8.65 -24.12
C ASN D 190 -10.93 -7.19 -24.44
N ILE D 191 -11.68 -6.48 -23.62
CA ILE D 191 -11.85 -5.09 -23.91
C ILE D 191 -11.19 -4.31 -22.80
N TRP D 192 -10.21 -3.54 -23.15
CA TRP D 192 -9.54 -2.72 -22.17
C TRP D 192 -9.53 -1.29 -22.68
N ILE D 193 -9.87 -0.30 -21.88
CA ILE D 193 -9.79 1.08 -22.39
C ILE D 193 -9.11 1.92 -21.36
N PRO D 194 -8.41 2.94 -21.77
CA PRO D 194 -7.70 3.71 -20.74
C PRO D 194 -8.54 4.77 -20.09
N ASP D 195 -9.80 4.78 -20.42
CA ASP D 195 -10.49 5.90 -19.87
C ASP D 195 -10.35 6.22 -18.41
N GLY D 196 -10.00 7.47 -18.15
CA GLY D 196 -9.93 7.98 -16.80
C GLY D 196 -9.52 9.45 -16.79
N MET D 197 -9.25 10.00 -15.60
CA MET D 197 -8.75 11.36 -15.41
C MET D 197 -7.38 11.33 -14.66
N LYS D 198 -6.60 12.35 -14.85
CA LYS D 198 -5.35 12.41 -14.20
C LYS D 198 -5.49 13.05 -12.84
N ASP D 199 -6.44 14.00 -12.74
CA ASP D 199 -6.62 14.73 -11.53
C ASP D 199 -7.99 14.60 -10.86
N ILE D 200 -8.16 15.34 -9.77
CA ILE D 200 -9.42 15.31 -9.06
C ILE D 200 -10.60 15.56 -9.98
N THR D 201 -11.43 14.54 -10.03
CA THR D 201 -12.61 14.48 -10.86
C THR D 201 -13.92 14.86 -10.20
N VAL D 202 -14.75 15.61 -10.89
CA VAL D 202 -16.02 16.03 -10.34
C VAL D 202 -17.06 14.96 -10.54
N ASP D 203 -17.12 14.49 -11.77
CA ASP D 203 -18.13 13.50 -12.12
C ASP D 203 -17.69 12.11 -12.52
N ARG D 204 -17.73 11.22 -11.55
CA ARG D 204 -17.38 9.85 -11.83
C ARG D 204 -18.57 9.02 -12.33
N LEU D 205 -19.79 9.51 -12.11
CA LEU D 205 -20.96 8.77 -12.49
C LEU D 205 -21.20 8.68 -13.98
N ALA D 206 -21.38 9.82 -14.64
CA ALA D 206 -21.62 9.88 -16.09
C ALA D 206 -20.62 9.12 -16.96
N PRO D 207 -19.34 9.32 -16.78
CA PRO D 207 -18.58 8.49 -17.66
C PRO D 207 -18.92 6.99 -17.49
N ARG D 208 -19.29 6.55 -16.28
CA ARG D 208 -19.54 5.10 -16.13
C ARG D 208 -20.84 4.62 -16.73
N GLN D 209 -21.79 5.53 -16.74
CA GLN D 209 -23.10 5.27 -17.33
C GLN D 209 -22.94 5.05 -18.84
N ARG D 210 -22.11 5.90 -19.45
CA ARG D 210 -21.79 5.85 -20.88
C ARG D 210 -21.09 4.57 -21.20
N LEU D 211 -20.06 4.31 -20.41
CA LEU D 211 -19.30 3.10 -20.58
C LEU D 211 -20.25 1.93 -20.66
N LEU D 212 -21.17 1.92 -19.70
CA LEU D 212 -22.19 0.87 -19.50
C LEU D 212 -23.02 0.54 -20.70
N ALA D 213 -23.53 1.65 -21.19
CA ALA D 213 -24.39 1.65 -22.35
C ALA D 213 -23.64 1.20 -23.59
N ALA D 214 -22.46 1.79 -23.76
CA ALA D 214 -21.63 1.46 -24.91
C ALA D 214 -21.30 0.01 -24.91
N LEU D 215 -21.08 -0.51 -23.69
CA LEU D 215 -20.69 -1.89 -23.63
C LEU D 215 -21.82 -2.75 -24.10
N ASP D 216 -22.97 -2.38 -23.56
CA ASP D 216 -24.18 -3.10 -23.92
C ASP D 216 -24.40 -3.15 -25.44
N GLU D 217 -24.04 -2.04 -26.06
CA GLU D 217 -24.18 -1.97 -27.47
C GLU D 217 -23.12 -2.84 -28.07
N VAL D 218 -21.90 -2.67 -27.62
CA VAL D 218 -20.81 -3.47 -28.15
C VAL D 218 -21.10 -4.94 -28.07
N ILE D 219 -21.83 -5.40 -27.06
CA ILE D 219 -21.97 -6.85 -27.10
C ILE D 219 -23.27 -7.31 -27.69
N SER D 220 -24.09 -6.35 -28.04
CA SER D 220 -25.38 -6.70 -28.61
C SER D 220 -25.39 -7.77 -29.69
N GLU D 221 -24.47 -7.71 -30.61
CA GLU D 221 -24.50 -8.68 -31.71
C GLU D 221 -24.25 -10.08 -31.17
N LYS D 222 -25.26 -10.92 -31.13
CA LYS D 222 -25.03 -12.25 -30.62
C LYS D 222 -24.09 -13.07 -31.48
N LEU D 223 -23.04 -13.59 -30.82
CA LEU D 223 -22.03 -14.41 -31.49
C LEU D 223 -22.04 -15.87 -31.04
N ASN D 224 -21.35 -16.72 -31.80
CA ASN D 224 -21.26 -18.12 -31.42
C ASN D 224 -20.17 -18.33 -30.37
N PRO D 225 -20.67 -18.61 -29.18
CA PRO D 225 -19.90 -18.83 -27.98
C PRO D 225 -18.79 -19.82 -28.22
N ALA D 226 -19.04 -20.73 -29.14
CA ALA D 226 -18.00 -21.67 -29.47
C ALA D 226 -16.92 -21.02 -30.35
N HIS D 227 -17.04 -19.72 -30.59
CA HIS D 227 -16.05 -19.10 -31.45
C HIS D 227 -15.52 -17.85 -30.89
N HIS D 228 -16.42 -17.33 -30.10
CA HIS D 228 -16.20 -16.05 -29.50
C HIS D 228 -16.73 -15.89 -28.09
N ILE D 229 -15.85 -15.23 -27.31
CA ILE D 229 -16.03 -14.84 -25.93
C ILE D 229 -15.64 -13.39 -25.71
N ASP D 230 -16.49 -12.66 -25.01
CA ASP D 230 -16.19 -11.28 -24.67
C ASP D 230 -15.67 -11.19 -23.23
N ALA D 231 -14.65 -10.36 -23.00
CA ALA D 231 -14.05 -10.07 -21.70
C ALA D 231 -13.76 -8.58 -21.53
N VAL D 232 -14.07 -8.08 -20.33
CA VAL D 232 -13.81 -6.70 -19.94
C VAL D 232 -12.70 -6.66 -18.88
N GLU D 233 -11.78 -5.72 -19.02
CA GLU D 233 -10.67 -5.65 -18.09
C GLU D 233 -10.59 -4.33 -17.30
N SER D 234 -10.76 -4.41 -15.94
CA SER D 234 -10.71 -3.25 -15.02
C SER D 234 -9.28 -2.81 -14.82
N LYS D 235 -9.09 -1.61 -14.34
CA LYS D 235 -7.74 -1.11 -14.08
C LYS D 235 -7.84 -0.08 -12.99
N LEU D 236 -6.78 0.14 -12.24
CA LEU D 236 -6.92 1.08 -11.18
C LEU D 236 -6.49 2.44 -11.58
N PHE D 237 -5.33 2.49 -12.22
CA PHE D 237 -4.86 3.79 -12.59
C PHE D 237 -3.74 3.65 -13.61
N GLY D 238 -3.49 4.67 -14.40
CA GLY D 238 -2.43 4.65 -15.38
C GLY D 238 -1.68 5.98 -15.31
N ILE D 239 -0.58 6.09 -16.06
CA ILE D 239 0.20 7.31 -16.06
C ILE D 239 -0.52 8.35 -16.89
N GLY D 240 -0.74 9.50 -16.26
CA GLY D 240 -1.47 10.59 -16.85
C GLY D 240 -3.00 10.42 -16.65
N ALA D 241 -3.40 9.35 -15.94
CA ALA D 241 -4.80 9.02 -15.60
C ALA D 241 -4.85 8.33 -14.23
N GLU D 242 -4.11 8.91 -13.32
CA GLU D 242 -3.92 8.44 -11.98
C GLU D 242 -5.10 8.59 -11.03
N SER D 243 -5.99 9.54 -11.24
CA SER D 243 -7.02 9.76 -10.24
C SER D 243 -8.30 8.99 -10.29
N TYR D 244 -8.66 8.50 -11.45
CA TYR D 244 -9.94 7.83 -11.57
C TYR D 244 -9.94 7.10 -12.86
N THR D 245 -10.53 5.95 -12.78
CA THR D 245 -10.59 5.07 -13.88
C THR D 245 -12.04 4.71 -13.99
N VAL D 246 -12.55 4.96 -15.16
CA VAL D 246 -13.91 4.65 -15.47
C VAL D 246 -14.28 3.20 -15.22
N GLY D 247 -13.64 2.27 -15.93
CA GLY D 247 -13.92 0.86 -15.77
C GLY D 247 -13.05 0.37 -14.59
N SER D 248 -13.49 0.71 -13.39
CA SER D 248 -12.78 0.31 -12.19
C SER D 248 -13.22 -1.12 -11.95
N ASN D 249 -12.60 -1.78 -10.96
CA ASN D 249 -12.88 -3.16 -10.59
C ASN D 249 -14.39 -3.49 -10.48
N GLU D 250 -15.04 -2.74 -9.57
CA GLU D 250 -16.46 -2.93 -9.25
C GLU D 250 -17.35 -2.78 -10.48
N PHE D 251 -17.03 -1.78 -11.30
CA PHE D 251 -17.78 -1.51 -12.52
C PHE D 251 -17.81 -2.77 -13.43
N TYR D 252 -16.66 -3.31 -13.65
CA TYR D 252 -16.66 -4.46 -14.48
C TYR D 252 -17.09 -5.71 -13.75
N MET D 253 -16.90 -5.73 -12.41
CA MET D 253 -17.33 -6.93 -11.70
C MET D 253 -18.83 -6.96 -11.91
N GLY D 254 -19.41 -5.79 -11.64
CA GLY D 254 -20.85 -5.66 -11.86
C GLY D 254 -21.18 -6.02 -13.31
N TYR D 255 -20.50 -5.37 -14.21
CA TYR D 255 -20.78 -5.68 -15.57
C TYR D 255 -20.71 -7.17 -15.95
N ALA D 256 -19.58 -7.79 -15.70
CA ALA D 256 -19.45 -9.17 -16.07
C ALA D 256 -20.57 -10.03 -15.45
N THR D 257 -20.89 -9.70 -14.20
CA THR D 257 -21.90 -10.55 -13.60
C THR D 257 -23.25 -10.37 -14.23
N SER D 258 -23.62 -9.10 -14.36
CA SER D 258 -24.89 -8.72 -14.92
C SER D 258 -25.06 -9.14 -16.37
N ARG D 259 -24.08 -8.94 -17.22
CA ARG D 259 -24.30 -9.33 -18.60
C ARG D 259 -23.71 -10.61 -18.86
N GLN D 260 -23.15 -11.24 -17.85
CA GLN D 260 -22.57 -12.55 -18.09
C GLN D 260 -21.51 -12.62 -19.18
N THR D 261 -20.59 -11.70 -19.15
CA THR D 261 -19.48 -11.80 -20.06
C THR D 261 -18.36 -12.38 -19.21
N ALA D 262 -17.21 -12.63 -19.85
CA ALA D 262 -16.06 -13.13 -19.13
C ALA D 262 -15.42 -11.95 -18.43
N LEU D 263 -14.69 -12.20 -17.34
CA LEU D 263 -14.05 -11.14 -16.59
C LEU D 263 -12.57 -11.26 -16.79
N CYS D 264 -11.91 -10.14 -17.02
CA CYS D 264 -10.47 -10.22 -17.20
C CYS D 264 -9.75 -9.61 -16.01
N LEU D 265 -8.85 -10.44 -15.42
CA LEU D 265 -8.06 -10.06 -14.25
C LEU D 265 -6.60 -9.88 -14.61
N ASP D 266 -6.14 -8.64 -14.59
CA ASP D 266 -4.75 -8.34 -14.89
C ASP D 266 -3.98 -8.10 -13.57
N ALA D 267 -3.00 -8.99 -13.30
CA ALA D 267 -2.21 -8.95 -12.07
C ALA D 267 -1.52 -7.61 -11.76
N GLY D 268 -1.39 -6.70 -12.75
CA GLY D 268 -0.75 -5.42 -12.49
C GLY D 268 -1.72 -4.24 -12.29
N HIS D 269 -3.03 -4.52 -12.33
CA HIS D 269 -4.07 -3.49 -12.25
C HIS D 269 -4.71 -3.13 -10.95
N PHE D 270 -4.17 -3.67 -9.87
CA PHE D 270 -4.83 -3.45 -8.58
C PHE D 270 -4.17 -2.55 -7.56
N HIS D 271 -4.71 -2.46 -6.35
CA HIS D 271 -4.09 -1.59 -5.37
C HIS D 271 -2.78 -2.22 -4.85
N PRO D 272 -1.97 -1.44 -4.18
CA PRO D 272 -0.79 -2.12 -3.72
C PRO D 272 -1.30 -3.21 -2.77
N THR D 273 -0.61 -4.33 -2.84
CA THR D 273 -0.89 -5.53 -2.04
C THR D 273 -2.12 -6.33 -2.47
N GLU D 274 -2.96 -5.80 -3.40
CA GLU D 274 -4.14 -6.53 -3.91
C GLU D 274 -3.70 -7.63 -4.86
N VAL D 275 -4.28 -8.82 -4.77
CA VAL D 275 -3.93 -9.97 -5.62
C VAL D 275 -5.09 -10.59 -6.35
N ILE D 276 -4.85 -10.82 -7.63
CA ILE D 276 -5.94 -11.41 -8.42
C ILE D 276 -6.09 -12.88 -8.09
N SER D 277 -5.00 -13.52 -7.60
CA SER D 277 -5.13 -14.95 -7.24
C SER D 277 -6.32 -15.20 -6.30
N ASP D 278 -6.59 -14.25 -5.40
CA ASP D 278 -7.72 -14.36 -4.45
C ASP D 278 -9.04 -14.18 -5.19
N LYS D 279 -9.03 -13.34 -6.22
CA LYS D 279 -10.23 -13.04 -6.97
C LYS D 279 -10.76 -14.19 -7.81
N ILE D 280 -9.88 -15.06 -8.23
CA ILE D 280 -10.35 -16.13 -9.08
C ILE D 280 -11.59 -16.87 -8.62
N SER D 281 -11.50 -17.50 -7.46
CA SER D 281 -12.62 -18.27 -6.99
C SER D 281 -13.85 -17.44 -6.62
N ALA D 282 -13.69 -16.16 -6.28
CA ALA D 282 -14.93 -15.39 -5.94
C ALA D 282 -15.71 -15.02 -7.23
N ALA D 283 -14.94 -14.48 -8.18
CA ALA D 283 -15.42 -14.08 -9.47
C ALA D 283 -16.10 -15.24 -10.16
N MET D 284 -15.47 -16.38 -10.11
CA MET D 284 -16.05 -17.54 -10.77
C MET D 284 -17.44 -18.02 -10.38
N LEU D 285 -18.02 -17.52 -9.30
CA LEU D 285 -19.36 -17.92 -8.83
C LEU D 285 -20.44 -17.05 -9.46
N TYR D 286 -19.98 -16.03 -10.17
CA TYR D 286 -20.86 -15.09 -10.79
C TYR D 286 -20.62 -14.90 -12.28
N VAL D 287 -19.36 -14.92 -12.76
CA VAL D 287 -19.04 -14.74 -14.18
C VAL D 287 -18.77 -16.11 -14.74
N PRO D 288 -19.07 -16.31 -16.01
CA PRO D 288 -18.94 -17.66 -16.58
C PRO D 288 -17.56 -18.06 -17.01
N GLN D 289 -16.72 -17.05 -17.14
CA GLN D 289 -15.34 -17.22 -17.54
C GLN D 289 -14.41 -16.14 -17.08
N LEU D 290 -13.17 -16.51 -17.16
CA LEU D 290 -12.16 -15.61 -16.71
C LEU D 290 -11.00 -15.66 -17.64
N LEU D 291 -10.51 -14.47 -17.81
CA LEU D 291 -9.35 -14.28 -18.60
C LEU D 291 -8.38 -13.66 -17.64
N LEU D 292 -7.22 -14.27 -17.51
CA LEU D 292 -6.17 -13.73 -16.66
C LEU D 292 -5.07 -13.03 -17.46
N HIS D 293 -4.67 -11.82 -17.07
CA HIS D 293 -3.52 -11.12 -17.68
C HIS D 293 -2.40 -11.17 -16.62
N VAL D 294 -1.69 -12.26 -16.65
CA VAL D 294 -0.58 -12.47 -15.72
C VAL D 294 0.52 -11.51 -16.08
N SER D 295 0.81 -10.60 -15.16
CA SER D 295 1.82 -9.56 -15.37
C SER D 295 2.55 -9.30 -14.08
N ARG D 296 3.66 -8.59 -14.12
CA ARG D 296 4.35 -8.22 -12.90
C ARG D 296 4.45 -6.70 -12.78
N PRO D 297 3.60 -6.11 -11.92
CA PRO D 297 3.65 -4.68 -11.71
C PRO D 297 4.79 -4.43 -10.78
N VAL D 298 5.43 -3.31 -10.98
CA VAL D 298 6.52 -2.94 -10.13
C VAL D 298 6.23 -1.52 -9.69
N ARG D 299 5.34 -1.40 -8.66
CA ARG D 299 4.82 -0.17 -8.03
C ARG D 299 3.94 0.72 -8.91
N TRP D 300 3.52 0.12 -10.01
CA TRP D 300 2.65 0.70 -11.03
C TRP D 300 2.35 -0.37 -12.12
N ASP D 301 1.39 -0.17 -12.99
CA ASP D 301 1.18 -1.24 -13.95
C ASP D 301 2.24 -1.09 -15.04
N SER D 302 3.46 -1.44 -14.64
CA SER D 302 4.70 -1.32 -15.40
C SER D 302 4.92 -2.45 -16.34
N ASP D 303 4.18 -3.51 -16.18
CA ASP D 303 4.37 -4.54 -17.14
C ASP D 303 5.73 -5.17 -17.29
N HIS D 304 6.33 -5.56 -16.19
CA HIS D 304 7.58 -6.25 -16.25
C HIS D 304 7.24 -7.71 -16.52
N VAL D 305 8.22 -8.45 -16.95
CA VAL D 305 8.15 -9.86 -17.27
C VAL D 305 7.74 -10.71 -16.06
N VAL D 306 6.87 -11.63 -16.31
CA VAL D 306 6.34 -12.52 -15.29
C VAL D 306 7.38 -13.45 -14.65
N LEU D 307 7.58 -13.32 -13.33
CA LEU D 307 8.54 -14.17 -12.68
C LEU D 307 7.85 -15.38 -12.08
N LEU D 308 8.65 -16.33 -11.75
CA LEU D 308 8.09 -17.48 -11.05
C LEU D 308 8.24 -17.00 -9.60
N ASP D 309 7.18 -16.37 -9.10
CA ASP D 309 7.16 -15.78 -7.80
C ASP D 309 5.89 -16.13 -7.01
N ASP D 310 5.73 -15.51 -5.85
CA ASP D 310 4.55 -15.81 -5.03
C ASP D 310 3.22 -15.73 -5.80
N GLU D 311 2.87 -14.55 -6.36
CA GLU D 311 1.58 -14.33 -7.02
C GLU D 311 1.35 -15.17 -8.26
N THR D 312 2.40 -15.31 -9.02
CA THR D 312 2.32 -16.08 -10.24
C THR D 312 1.99 -17.49 -9.83
N GLN D 313 2.73 -17.95 -8.84
CA GLN D 313 2.47 -19.26 -8.30
C GLN D 313 1.06 -19.28 -7.70
N ALA D 314 0.71 -18.23 -6.95
CA ALA D 314 -0.64 -18.23 -6.39
C ALA D 314 -1.69 -18.34 -7.45
N ILE D 315 -1.49 -17.55 -8.50
CA ILE D 315 -2.47 -17.62 -9.57
C ILE D 315 -2.63 -19.05 -10.11
N ALA D 316 -1.48 -19.68 -10.41
CA ALA D 316 -1.52 -21.01 -10.99
C ALA D 316 -2.26 -22.01 -10.14
N SER D 317 -2.01 -21.90 -8.84
CA SER D 317 -2.64 -22.81 -7.85
C SER D 317 -4.16 -22.73 -7.85
N GLU D 318 -4.64 -21.52 -7.80
CA GLU D 318 -6.07 -21.30 -7.80
C GLU D 318 -6.74 -21.90 -9.05
N ILE D 319 -6.05 -21.82 -10.20
CA ILE D 319 -6.63 -22.36 -11.41
C ILE D 319 -6.68 -23.83 -11.32
N VAL D 320 -5.47 -24.31 -11.04
CA VAL D 320 -5.33 -25.73 -10.95
C VAL D 320 -6.20 -26.28 -9.79
N ARG D 321 -6.04 -25.70 -8.63
CA ARG D 321 -6.82 -26.22 -7.55
C ARG D 321 -8.24 -26.36 -7.92
N HIS D 322 -8.74 -25.40 -8.64
CA HIS D 322 -10.12 -25.54 -8.94
C HIS D 322 -10.48 -26.22 -10.26
N ASP D 323 -9.49 -26.81 -10.97
CA ASP D 323 -9.77 -27.48 -12.26
C ASP D 323 -10.48 -26.57 -13.29
N LEU D 324 -10.06 -25.31 -13.28
CA LEU D 324 -10.56 -24.30 -14.15
C LEU D 324 -9.79 -24.46 -15.44
N PHE D 325 -9.98 -25.60 -16.07
CA PHE D 325 -9.22 -25.81 -17.26
C PHE D 325 -9.89 -25.20 -18.47
N ASP D 326 -11.17 -24.89 -18.32
CA ASP D 326 -11.91 -24.38 -19.45
C ASP D 326 -12.46 -23.00 -19.30
N ARG D 327 -12.87 -22.68 -18.12
CA ARG D 327 -13.43 -21.41 -17.85
C ARG D 327 -12.36 -20.40 -17.59
N VAL D 328 -11.10 -20.82 -17.43
CA VAL D 328 -10.13 -19.78 -17.18
C VAL D 328 -9.25 -19.75 -18.37
N HIS D 329 -9.00 -18.56 -18.89
CA HIS D 329 -8.12 -18.41 -20.03
C HIS D 329 -6.90 -17.70 -19.54
N ILE D 330 -5.75 -18.36 -19.67
CA ILE D 330 -4.49 -17.82 -19.21
C ILE D 330 -3.71 -17.06 -20.28
N GLY D 331 -3.40 -15.82 -20.02
CA GLY D 331 -2.63 -15.07 -20.98
C GLY D 331 -1.68 -14.21 -20.24
N LEU D 332 -0.71 -13.70 -20.96
CA LEU D 332 0.28 -12.88 -20.34
C LEU D 332 0.01 -11.43 -20.66
N ASP D 333 0.68 -10.60 -19.95
CA ASP D 333 0.54 -9.20 -20.19
C ASP D 333 1.73 -8.46 -19.64
N PHE D 334 2.72 -8.27 -20.50
CA PHE D 334 3.92 -7.51 -20.17
C PHE D 334 4.64 -7.02 -21.42
N PHE D 335 5.40 -5.94 -21.31
CA PHE D 335 6.13 -5.45 -22.46
C PHE D 335 7.32 -4.70 -21.95
N ASP D 336 8.43 -5.41 -21.84
CA ASP D 336 9.68 -4.83 -21.35
C ASP D 336 10.56 -4.35 -22.50
N ALA D 337 10.83 -3.10 -22.60
CA ALA D 337 11.64 -2.77 -23.74
C ALA D 337 13.11 -2.69 -23.42
N SER D 338 13.48 -3.00 -22.20
CA SER D 338 14.88 -2.87 -21.84
C SER D 338 15.76 -4.10 -22.06
N ILE D 339 15.17 -5.22 -22.46
CA ILE D 339 15.98 -6.45 -22.67
C ILE D 339 15.44 -7.17 -23.89
N ASN D 340 16.18 -8.11 -24.42
CA ASN D 340 15.70 -8.85 -25.56
C ASN D 340 14.30 -9.34 -25.34
N ARG D 341 13.50 -9.01 -26.33
CA ARG D 341 12.07 -9.25 -26.35
C ARG D 341 11.62 -10.67 -26.46
N ILE D 342 12.45 -11.44 -27.12
CA ILE D 342 12.17 -12.86 -27.30
C ILE D 342 12.41 -13.46 -25.90
N ALA D 343 13.52 -13.03 -25.27
CA ALA D 343 13.91 -13.48 -23.92
C ALA D 343 12.74 -13.23 -22.97
N ALA D 344 12.23 -12.01 -23.05
CA ALA D 344 11.08 -11.60 -22.28
C ALA D 344 9.91 -12.60 -22.43
N TRP D 345 9.55 -12.93 -23.66
CA TRP D 345 8.47 -13.85 -23.79
C TRP D 345 8.91 -15.18 -23.18
N VAL D 346 10.12 -15.58 -23.50
CA VAL D 346 10.64 -16.83 -23.02
C VAL D 346 10.57 -17.02 -21.51
N ILE D 347 11.24 -16.14 -20.82
CA ILE D 347 11.22 -16.19 -19.41
C ILE D 347 9.75 -16.23 -18.96
N GLY D 348 8.95 -15.24 -19.38
CA GLY D 348 7.54 -15.08 -18.99
C GLY D 348 6.62 -16.30 -19.10
N THR D 349 6.62 -16.90 -20.27
CA THR D 349 5.75 -18.00 -20.52
C THR D 349 6.22 -19.27 -19.87
N ARG D 350 7.52 -19.39 -19.75
CA ARG D 350 8.11 -20.57 -19.18
C ARG D 350 7.78 -20.61 -17.70
N ASN D 351 7.85 -19.41 -17.12
CA ASN D 351 7.55 -19.14 -15.72
C ASN D 351 6.10 -19.45 -15.41
N MET D 352 5.27 -18.97 -16.33
CA MET D 352 3.89 -19.24 -16.10
C MET D 352 3.64 -20.73 -16.14
N LYS D 353 4.39 -21.37 -17.02
CA LYS D 353 4.23 -22.79 -17.22
C LYS D 353 4.75 -23.55 -16.04
N LYS D 354 5.84 -23.06 -15.51
CA LYS D 354 6.43 -23.68 -14.35
C LYS D 354 5.46 -23.58 -13.17
N ALA D 355 4.89 -22.37 -12.95
CA ALA D 355 3.93 -22.16 -11.87
C ALA D 355 2.81 -23.15 -11.97
N LEU D 356 2.36 -23.41 -13.20
CA LEU D 356 1.27 -24.33 -13.38
C LEU D 356 1.59 -25.77 -13.03
N LEU D 357 2.78 -26.16 -13.37
CA LEU D 357 3.17 -27.54 -13.12
C LEU D 357 3.37 -27.80 -11.63
N ARG D 358 3.89 -26.80 -11.00
CA ARG D 358 4.18 -26.92 -9.60
C ARG D 358 2.89 -27.10 -8.88
N ALA D 359 1.89 -26.37 -9.41
CA ALA D 359 0.52 -26.41 -8.93
C ALA D 359 -0.07 -27.76 -9.23
N LEU D 360 0.27 -28.31 -10.38
CA LEU D 360 -0.28 -29.62 -10.69
C LEU D 360 0.37 -30.75 -9.86
N LEU D 361 1.53 -30.46 -9.30
CA LEU D 361 2.29 -31.41 -8.51
C LEU D 361 1.92 -31.37 -7.05
N GLU D 362 1.01 -30.46 -6.74
CA GLU D 362 0.57 -30.29 -5.36
C GLU D 362 -0.38 -31.43 -5.04
N PRO D 363 -0.29 -31.95 -3.82
CA PRO D 363 -1.17 -33.05 -3.35
C PRO D 363 -2.46 -32.40 -2.82
N THR D 364 -3.08 -31.67 -3.69
CA THR D 364 -4.26 -30.89 -3.35
C THR D 364 -5.41 -31.55 -2.57
N ALA D 365 -5.79 -32.74 -3.00
CA ALA D 365 -6.87 -33.39 -2.34
C ALA D 365 -6.43 -33.58 -0.91
N GLU D 366 -5.17 -34.04 -0.69
CA GLU D 366 -4.72 -34.21 0.68
C GLU D 366 -4.76 -32.90 1.49
N LEU D 367 -4.09 -31.87 0.96
CA LEU D 367 -4.10 -30.58 1.65
C LEU D 367 -5.50 -30.07 1.94
N ARG D 368 -6.41 -30.31 0.98
CA ARG D 368 -7.79 -29.87 1.13
C ARG D 368 -8.42 -30.56 2.30
N LYS D 369 -8.11 -31.81 2.36
CA LYS D 369 -8.62 -32.56 3.44
C LYS D 369 -7.88 -32.08 4.69
N LEU D 370 -6.54 -31.95 4.73
CA LEU D 370 -6.02 -31.42 6.01
C LEU D 370 -6.69 -30.12 6.48
N GLU D 371 -6.93 -29.24 5.56
CA GLU D 371 -7.50 -27.96 5.93
C GLU D 371 -8.96 -28.05 6.37
N ALA D 372 -9.67 -29.00 5.81
CA ALA D 372 -11.05 -29.13 6.18
C ALA D 372 -11.18 -29.52 7.66
N PRO D 373 -10.19 -30.23 8.16
CA PRO D 373 -10.08 -30.69 9.51
C PRO D 373 -9.39 -29.78 10.44
N GLY D 374 -9.21 -28.54 10.05
CA GLY D 374 -8.52 -27.69 11.01
C GLY D 374 -7.04 -28.04 11.18
N ASP D 375 -6.56 -29.02 10.43
CA ASP D 375 -5.13 -29.33 10.53
C ASP D 375 -4.27 -28.23 9.83
N TYR D 376 -4.24 -27.02 10.42
CA TYR D 376 -3.47 -25.95 9.87
C TYR D 376 -2.02 -26.14 9.96
N THR D 377 -1.62 -26.92 10.92
CA THR D 377 -0.22 -27.20 11.11
C THR D 377 0.19 -28.09 9.94
N ALA D 378 -0.52 -29.14 9.66
CA ALA D 378 -0.09 -29.96 8.52
C ALA D 378 -0.13 -29.17 7.19
N ARG D 379 -1.16 -28.35 7.10
CA ARG D 379 -1.34 -27.56 5.90
C ARG D 379 -0.10 -26.78 5.51
N LEU D 380 0.23 -25.88 6.41
CA LEU D 380 1.35 -24.99 6.25
C LEU D 380 2.63 -25.72 5.97
N ALA D 381 2.93 -26.75 6.77
CA ALA D 381 4.17 -27.44 6.53
C ALA D 381 4.14 -28.13 5.18
N LEU D 382 3.06 -28.82 4.91
CA LEU D 382 2.92 -29.53 3.66
C LEU D 382 3.00 -28.50 2.52
N LEU D 383 2.40 -27.36 2.70
CA LEU D 383 2.58 -26.43 1.64
C LEU D 383 4.05 -26.11 1.38
N GLU D 384 4.79 -25.60 2.37
CA GLU D 384 6.18 -25.25 2.15
C GLU D 384 7.10 -26.35 1.72
N GLU D 385 6.77 -27.59 2.03
CA GLU D 385 7.66 -28.67 1.66
C GLU D 385 7.59 -28.92 0.16
N GLN D 386 6.41 -28.65 -0.41
CA GLN D 386 6.32 -28.88 -1.82
C GLN D 386 7.42 -28.12 -2.48
N LYS D 387 7.73 -26.94 -1.94
CA LYS D 387 8.75 -26.10 -2.56
C LYS D 387 10.11 -26.77 -2.70
N SER D 388 10.31 -27.84 -1.95
CA SER D 388 11.58 -28.51 -2.06
C SER D 388 11.51 -29.94 -2.63
N LEU D 389 10.37 -30.29 -3.21
CA LEU D 389 10.26 -31.60 -3.85
C LEU D 389 10.89 -31.35 -5.20
N PRO D 390 11.23 -32.37 -5.93
CA PRO D 390 11.90 -32.14 -7.20
C PRO D 390 11.01 -31.83 -8.41
N TRP D 391 10.29 -30.70 -8.36
CA TRP D 391 9.40 -30.38 -9.46
C TRP D 391 10.20 -30.13 -10.74
N GLN D 392 11.42 -29.63 -10.54
CA GLN D 392 12.34 -29.32 -11.62
C GLN D 392 12.64 -30.51 -12.53
N ALA D 393 12.81 -31.68 -11.96
CA ALA D 393 13.09 -32.82 -12.80
C ALA D 393 11.87 -33.01 -13.66
N VAL D 394 10.76 -32.63 -13.07
CA VAL D 394 9.52 -32.74 -13.76
C VAL D 394 9.41 -31.73 -14.89
N TRP D 395 9.82 -30.50 -14.66
CA TRP D 395 9.75 -29.46 -15.66
C TRP D 395 10.64 -29.71 -16.89
N GLU D 396 11.88 -29.98 -16.57
CA GLU D 396 12.92 -30.26 -17.52
C GLU D 396 12.51 -31.43 -18.45
N MET D 397 11.80 -32.46 -17.94
CA MET D 397 11.38 -33.57 -18.81
C MET D 397 10.28 -33.12 -19.80
N TYR D 398 9.39 -32.26 -19.27
CA TYR D 398 8.29 -31.64 -19.98
C TYR D 398 8.87 -30.96 -21.20
N CYS D 399 9.97 -30.24 -20.92
CA CYS D 399 10.73 -29.51 -21.90
C CYS D 399 11.37 -30.46 -22.89
N GLN D 400 11.96 -31.54 -22.40
CA GLN D 400 12.63 -32.44 -23.32
C GLN D 400 11.67 -33.07 -24.27
N ARG D 401 10.52 -33.42 -23.73
CA ARG D 401 9.51 -34.08 -24.48
C ARG D 401 8.96 -33.16 -25.51
N HIS D 402 9.15 -31.85 -25.28
CA HIS D 402 8.63 -30.82 -26.17
C HIS D 402 9.75 -30.23 -27.06
N ASP D 403 10.88 -30.91 -27.03
CA ASP D 403 12.01 -30.51 -27.85
C ASP D 403 12.39 -29.08 -27.64
N THR D 404 12.43 -28.70 -26.36
CA THR D 404 12.79 -27.37 -25.93
C THR D 404 13.90 -27.51 -24.91
N PRO D 405 14.78 -26.50 -24.83
CA PRO D 405 15.82 -26.58 -23.83
C PRO D 405 15.20 -26.67 -22.42
N ALA D 406 15.77 -27.54 -21.62
CA ALA D 406 15.30 -27.71 -20.26
C ALA D 406 15.80 -26.60 -19.34
N GLY D 407 17.01 -26.15 -19.64
CA GLY D 407 17.68 -25.17 -18.87
C GLY D 407 17.91 -23.89 -19.59
N SER D 408 18.92 -23.25 -19.06
CA SER D 408 19.38 -21.96 -19.49
C SER D 408 19.95 -21.98 -20.87
N GLU D 409 20.14 -23.17 -21.39
CA GLU D 409 20.71 -23.24 -22.72
C GLU D 409 19.93 -22.40 -23.74
N TRP D 410 18.63 -22.26 -23.54
CA TRP D 410 17.83 -21.46 -24.44
C TRP D 410 18.32 -20.01 -24.62
N LEU D 411 19.10 -19.50 -23.67
CA LEU D 411 19.66 -18.14 -23.80
C LEU D 411 20.62 -18.13 -24.97
N GLU D 412 21.19 -19.26 -25.25
CA GLU D 412 22.09 -19.28 -26.36
C GLU D 412 21.34 -19.14 -27.68
N SER D 413 20.25 -19.86 -27.85
CA SER D 413 19.46 -19.74 -29.07
C SER D 413 19.03 -18.29 -29.31
N VAL D 414 18.83 -17.58 -28.22
CA VAL D 414 18.37 -16.22 -28.28
C VAL D 414 19.46 -15.33 -28.78
N ARG D 415 20.55 -15.42 -28.04
CA ARG D 415 21.79 -14.70 -28.31
C ARG D 415 22.16 -14.80 -29.79
N ALA D 416 21.98 -16.02 -30.35
CA ALA D 416 22.28 -16.36 -31.72
C ALA D 416 21.33 -15.63 -32.66
N TYR D 417 20.05 -15.83 -32.40
CA TYR D 417 19.00 -15.19 -33.15
C TYR D 417 19.26 -13.72 -33.09
N GLU D 418 19.72 -13.34 -31.93
CA GLU D 418 19.96 -11.95 -31.75
C GLU D 418 20.90 -11.48 -32.85
N LYS D 419 22.07 -12.03 -32.74
CA LYS D 419 23.20 -11.79 -33.59
C LYS D 419 22.72 -11.79 -35.00
N GLU D 420 22.50 -13.04 -35.36
CA GLU D 420 22.04 -13.38 -36.67
C GLU D 420 20.90 -12.51 -37.15
N ILE D 421 19.84 -12.31 -36.35
CA ILE D 421 18.76 -11.52 -36.88
C ILE D 421 18.57 -10.15 -36.35
N LEU D 422 18.25 -10.11 -35.07
CA LEU D 422 17.94 -8.88 -34.39
C LEU D 422 18.94 -7.78 -34.59
N SER D 423 20.21 -8.22 -34.73
CA SER D 423 21.35 -7.35 -34.91
C SER D 423 21.31 -6.54 -36.20
N ARG D 424 20.66 -7.03 -37.23
CA ARG D 424 20.56 -6.21 -38.44
C ARG D 424 19.41 -5.19 -38.36
N ARG D 425 18.58 -5.31 -37.33
CA ARG D 425 17.50 -4.38 -37.20
C ARG D 425 17.97 -3.22 -36.37
#